data_4ZO7
#
_entry.id   4ZO7
#
_cell.length_a   89.600
_cell.length_b   95.160
_cell.length_c   215.404
_cell.angle_alpha   90.000
_cell.angle_beta   96.380
_cell.angle_gamma   90.000
#
_symmetry.space_group_name_H-M   'I 1 2 1'
#
loop_
_entity.id
_entity.type
_entity.pdbx_description
1 polymer 'Lin1840 protein'
2 branched beta-D-glucopyranose-(1-6)-alpha-D-glucopyranose
3 non-polymer beta-D-glucopyranose
4 non-polymer 'MAGNESIUM ION'
5 non-polymer GLYCEROL
6 non-polymer alpha-D-glucopyranose
7 water water
#
_entity_poly.entity_id   1
_entity_poly.type   'polypeptide(L)'
_entity_poly.pdbx_seq_one_letter_code
;MEQEKVQELVSQMTLDEKIAQCLQLSPFLFKGTNKNAELTGPLLQEMKLTDAHTENAGSVLGSSSALDMIGIQEAYLKTN
RLGIPLVFMADVIHGYKTVFPIPLALGCSFDRETVRVMAEVSALEATADGHHVTFSPMLDLVRDPRWGRVMESTGEDPFL
NSELGKAMVDGYQGDASKLNENLEQMAACVKHFAAYGAAEAGLEYNTVNMSTRELYQNYLPAYNAAIQAGAKLVMTAFNV
VDGIPATMNKWLNRDVLRGEMEFDGVLISAWGAVAEVINHGTARNPKEAAQFSMEAGVDLEMMTTCYIHELKGLIEEGKL
SENLLDEAVLRMLNLKNDLGLFEDPYRGLKNNDRTKDILTDESRGKARAAGVESAVLLENKSRLLPLAKEAKIALVGPLA
TSPDILGGWNVYGEEKDGINVETGLREVFETVEVVSTEYTELSEEDKVAVKAAVQNMDVVVLALGEKNEWGGEAGSLATI
RLPEAQYQLAKFVQTLGKPVVITLFNGRPLEVKELAESSDALLELWFPGTEAGRVTADLLSGASNPSGKLSMSFPQTTGQ
IPVYYNHLRTGRPQTPENKGERYVSHYLDIPNEPFYPFGYGKSYSEFELKTSSLPKELNLGESLHVEVTIKNISDIAGKE
VIQVYLQDVTASISRPVKELKAFEKVALQAGEEKTVTFELTSEAFSFYNHQLEKVQEPGLHRVFVGTSSEDVDVFEVEVG
GYVLEHHHHHH
;
_entity_poly.pdbx_strand_id   A,B
#
# COMPACT_ATOMS: atom_id res chain seq x y z
N MET A 1 4.91 -34.41 -35.03
CA MET A 1 4.64 -34.33 -36.50
C MET A 1 4.95 -33.00 -37.16
N GLU A 2 5.02 -33.03 -38.49
CA GLU A 2 5.26 -31.86 -39.32
C GLU A 2 4.15 -30.81 -39.18
N GLN A 3 4.56 -29.55 -39.23
CA GLN A 3 3.68 -28.41 -39.03
C GLN A 3 2.49 -28.36 -39.99
N GLU A 4 2.69 -28.78 -41.23
CA GLU A 4 1.61 -28.76 -42.20
C GLU A 4 0.45 -29.66 -41.70
N LYS A 5 0.78 -30.83 -41.14
CA LYS A 5 -0.26 -31.73 -40.61
C LYS A 5 -1.01 -31.09 -39.43
N VAL A 6 -0.28 -30.30 -38.64
CA VAL A 6 -0.85 -29.52 -37.53
C VAL A 6 -1.81 -28.44 -38.10
N GLN A 7 -1.40 -27.75 -39.16
CA GLN A 7 -2.29 -26.78 -39.81
C GLN A 7 -3.48 -27.47 -40.52
N GLU A 8 -3.24 -28.62 -41.14
CA GLU A 8 -4.30 -29.46 -41.64
C GLU A 8 -5.37 -29.74 -40.57
N LEU A 9 -4.93 -30.07 -39.35
CA LEU A 9 -5.89 -30.31 -38.25
C LEU A 9 -6.78 -29.12 -38.02
N VAL A 10 -6.17 -27.93 -37.90
CA VAL A 10 -6.99 -26.73 -37.65
C VAL A 10 -8.03 -26.62 -38.80
N SER A 11 -7.56 -26.78 -40.04
CA SER A 11 -8.44 -26.65 -41.17
C SER A 11 -9.58 -27.60 -41.18
N GLN A 12 -9.40 -28.81 -40.65
CA GLN A 12 -10.48 -29.82 -40.64
C GLN A 12 -11.44 -29.79 -39.46
N MET A 13 -11.09 -29.12 -38.37
CA MET A 13 -11.98 -29.08 -37.22
C MET A 13 -13.24 -28.21 -37.48
N THR A 14 -14.38 -28.71 -37.03
CA THR A 14 -15.59 -27.90 -37.05
C THR A 14 -15.46 -26.76 -36.06
N LEU A 15 -16.30 -25.74 -36.21
CA LEU A 15 -16.32 -24.65 -35.25
C LEU A 15 -16.50 -25.17 -33.81
N ASP A 16 -17.48 -26.06 -33.59
CA ASP A 16 -17.68 -26.58 -32.24
C ASP A 16 -16.45 -27.27 -31.69
N GLU A 17 -15.72 -27.95 -32.55
CA GLU A 17 -14.45 -28.61 -32.13
C GLU A 17 -13.40 -27.59 -31.71
N LYS A 18 -13.25 -26.54 -32.50
CA LYS A 18 -12.30 -25.46 -32.18
C LYS A 18 -12.60 -24.76 -30.83
N ILE A 19 -13.88 -24.45 -30.60
CA ILE A 19 -14.31 -23.84 -29.36
C ILE A 19 -13.92 -24.72 -28.12
N ALA A 20 -14.18 -26.01 -28.23
CA ALA A 20 -14.07 -26.94 -27.11
C ALA A 20 -12.61 -27.19 -26.78
N GLN A 21 -11.81 -27.04 -27.82
CA GLN A 21 -10.37 -27.19 -27.69
C GLN A 21 -9.83 -26.13 -26.73
N CYS A 22 -10.58 -25.03 -26.58
CA CYS A 22 -10.17 -23.95 -25.69
C CYS A 22 -10.80 -24.05 -24.30
N LEU A 23 -11.25 -25.26 -23.93
CA LEU A 23 -11.77 -25.55 -22.60
C LEU A 23 -10.92 -26.50 -21.80
N GLN A 24 -10.77 -26.25 -20.49
CA GLN A 24 -10.04 -27.16 -19.59
C GLN A 24 -10.88 -27.59 -18.41
N LEU A 25 -10.87 -28.89 -18.16
CA LEU A 25 -11.76 -29.52 -17.20
C LEU A 25 -11.01 -30.37 -16.22
N SER A 26 -11.60 -30.49 -15.02
CA SER A 26 -11.15 -31.43 -14.00
C SER A 26 -11.31 -32.87 -14.54
N PRO A 27 -10.48 -33.84 -14.06
CA PRO A 27 -10.47 -35.19 -14.66
C PRO A 27 -11.80 -35.99 -14.59
N PHE A 28 -12.56 -35.80 -13.51
CA PHE A 28 -13.76 -36.57 -13.24
C PHE A 28 -14.96 -36.09 -14.05
N LEU A 29 -14.78 -35.00 -14.83
CA LEU A 29 -15.76 -34.60 -15.82
C LEU A 29 -15.63 -35.39 -17.11
N PHE A 30 -14.59 -36.23 -17.22
CA PHE A 30 -14.36 -37.07 -18.39
C PHE A 30 -14.67 -38.52 -18.08
N LYS A 31 -15.34 -39.17 -19.02
CA LYS A 31 -15.40 -40.61 -19.06
C LYS A 31 -13.96 -41.23 -19.04
N GLY A 32 -13.86 -42.40 -18.40
CA GLY A 32 -12.57 -43.08 -18.18
C GLY A 32 -11.81 -42.62 -16.95
N THR A 33 -12.33 -41.67 -16.20
CA THR A 33 -11.60 -41.30 -15.00
C THR A 33 -11.66 -42.49 -14.09
N ASN A 34 -10.78 -42.52 -13.09
CA ASN A 34 -10.82 -43.61 -12.14
C ASN A 34 -10.90 -43.12 -10.73
N LYS A 35 -11.31 -41.88 -10.53
CA LYS A 35 -11.47 -41.33 -9.18
C LYS A 35 -12.53 -40.25 -9.21
N ASN A 36 -13.25 -40.10 -8.11
CA ASN A 36 -14.26 -39.04 -7.95
C ASN A 36 -15.43 -39.09 -8.98
N ALA A 37 -15.74 -40.29 -9.49
CA ALA A 37 -16.88 -40.50 -10.43
C ALA A 37 -18.26 -40.04 -9.90
N GLU A 38 -18.40 -39.98 -8.57
CA GLU A 38 -19.60 -39.43 -7.92
C GLU A 38 -19.78 -37.90 -8.02
N LEU A 39 -18.77 -37.18 -8.47
CA LEU A 39 -18.89 -35.75 -8.66
C LEU A 39 -19.37 -35.46 -10.09
N THR A 40 -19.11 -36.43 -10.98
CA THR A 40 -19.28 -36.26 -12.43
C THR A 40 -20.69 -35.80 -12.83
N GLY A 41 -21.71 -36.58 -12.49
CA GLY A 41 -23.12 -36.20 -12.77
C GLY A 41 -23.58 -34.78 -12.42
N PRO A 42 -23.60 -34.45 -11.14
CA PRO A 42 -24.12 -33.10 -10.82
C PRO A 42 -23.34 -31.92 -11.46
N LEU A 43 -22.01 -32.07 -11.55
CA LEU A 43 -21.16 -30.99 -12.04
C LEU A 43 -21.31 -30.80 -13.56
N LEU A 44 -21.39 -31.88 -14.32
CA LEU A 44 -21.75 -31.79 -15.75
C LEU A 44 -23.07 -31.05 -15.92
N GLN A 45 -24.06 -31.46 -15.12
CA GLN A 45 -25.38 -30.80 -15.03
C GLN A 45 -25.28 -29.28 -14.69
N GLU A 46 -24.62 -28.95 -13.59
CA GLU A 46 -24.42 -27.56 -13.19
C GLU A 46 -23.72 -26.72 -14.26
N MET A 47 -22.66 -27.26 -14.89
CA MET A 47 -21.92 -26.56 -15.96
C MET A 47 -22.51 -26.66 -17.38
N LYS A 48 -23.54 -27.49 -17.48
CA LYS A 48 -24.32 -27.73 -18.71
C LYS A 48 -23.41 -28.23 -19.81
N LEU A 49 -22.56 -29.17 -19.44
CA LEU A 49 -21.62 -29.74 -20.39
C LEU A 49 -22.22 -31.05 -20.87
N THR A 50 -22.08 -31.32 -22.16
CA THR A 50 -22.61 -32.49 -22.83
C THR A 50 -21.42 -33.32 -23.25
N ASP A 51 -21.68 -34.49 -23.80
CA ASP A 51 -20.66 -35.30 -24.43
C ASP A 51 -19.95 -34.58 -25.55
N ALA A 52 -20.70 -33.82 -26.34
CA ALA A 52 -20.07 -33.11 -27.43
C ALA A 52 -18.97 -32.17 -26.87
N HIS A 53 -19.18 -31.63 -25.67
CA HIS A 53 -18.16 -30.73 -25.06
C HIS A 53 -16.95 -31.53 -24.55
N THR A 54 -17.20 -32.57 -23.74
CA THR A 54 -16.14 -33.24 -23.02
C THR A 54 -15.31 -34.10 -23.95
N GLU A 55 -15.93 -34.63 -25.03
CA GLU A 55 -15.21 -35.42 -26.03
C GLU A 55 -14.30 -34.60 -26.93
N ASN A 56 -14.49 -33.28 -26.90
CA ASN A 56 -13.64 -32.37 -27.68
C ASN A 56 -12.90 -31.32 -26.83
N ALA A 57 -13.03 -31.36 -25.51
CA ALA A 57 -12.23 -30.48 -24.66
C ALA A 57 -10.74 -30.60 -24.94
N GLY A 58 -10.06 -29.47 -24.73
CA GLY A 58 -8.66 -29.34 -24.99
C GLY A 58 -7.77 -29.93 -23.95
N SER A 59 -8.17 -29.87 -22.68
CA SER A 59 -7.21 -30.13 -21.64
C SER A 59 -7.77 -30.65 -20.34
N VAL A 60 -7.00 -31.50 -19.68
CA VAL A 60 -7.29 -31.96 -18.30
C VAL A 60 -6.46 -31.25 -17.26
N LEU A 61 -7.10 -30.87 -16.16
CA LEU A 61 -6.39 -30.18 -15.08
C LEU A 61 -6.48 -30.96 -13.78
N GLY A 62 -5.32 -31.26 -13.22
CA GLY A 62 -5.22 -31.94 -11.95
C GLY A 62 -5.58 -33.44 -11.98
N SER A 63 -5.14 -34.20 -12.99
CA SER A 63 -5.27 -35.69 -12.94
C SER A 63 -4.78 -36.20 -11.58
N SER A 64 -5.35 -37.30 -11.08
CA SER A 64 -4.97 -37.81 -9.77
C SER A 64 -3.80 -38.83 -9.86
N SER A 65 -3.52 -39.41 -11.01
CA SER A 65 -2.45 -40.43 -11.11
C SER A 65 -2.22 -40.79 -12.54
N ALA A 66 -1.19 -41.61 -12.80
CA ALA A 66 -0.92 -42.10 -14.14
C ALA A 66 -2.09 -42.87 -14.67
N LEU A 67 -2.72 -43.70 -13.84
CA LEU A 67 -3.95 -44.44 -14.21
C LEU A 67 -5.15 -43.60 -14.62
N ASP A 68 -5.39 -42.54 -13.86
CA ASP A 68 -6.45 -41.59 -14.18
C ASP A 68 -6.13 -41.09 -15.58
N MET A 69 -4.91 -40.57 -15.75
CA MET A 69 -4.50 -40.11 -17.08
C MET A 69 -4.73 -41.14 -18.19
N ILE A 70 -4.19 -42.35 -18.04
CA ILE A 70 -4.30 -43.37 -19.09
C ILE A 70 -5.77 -43.68 -19.45
N GLY A 71 -6.61 -43.77 -18.43
CA GLY A 71 -8.01 -44.13 -18.62
C GLY A 71 -8.78 -43.04 -19.37
N ILE A 72 -8.47 -41.79 -19.02
CA ILE A 72 -9.12 -40.64 -19.55
C ILE A 72 -8.65 -40.47 -20.97
N GLN A 73 -7.32 -40.45 -21.18
CA GLN A 73 -6.74 -40.32 -22.53
C GLN A 73 -7.28 -41.42 -23.45
N GLU A 74 -7.31 -42.64 -22.95
CA GLU A 74 -7.64 -43.78 -23.79
C GLU A 74 -9.08 -43.78 -24.25
N ALA A 75 -9.99 -43.55 -23.32
CA ALA A 75 -11.40 -43.32 -23.66
C ALA A 75 -11.61 -42.11 -24.54
N TYR A 76 -10.86 -41.03 -24.33
CA TYR A 76 -11.05 -39.83 -25.12
C TYR A 76 -10.64 -40.04 -26.61
N LEU A 77 -9.55 -40.76 -26.85
CA LEU A 77 -9.11 -41.07 -28.19
C LEU A 77 -10.03 -42.07 -28.92
N LYS A 78 -10.69 -42.97 -28.20
CA LYS A 78 -11.73 -43.83 -28.79
C LYS A 78 -12.77 -43.02 -29.58
N THR A 79 -13.16 -41.90 -29.01
CA THR A 79 -14.29 -41.17 -29.52
C THR A 79 -13.94 -39.87 -30.22
N ASN A 80 -12.71 -39.36 -30.10
CA ASN A 80 -12.38 -38.06 -30.68
C ASN A 80 -12.24 -38.18 -32.21
N ARG A 81 -13.01 -37.37 -32.95
CA ARG A 81 -13.04 -37.52 -34.42
C ARG A 81 -11.67 -37.47 -35.12
N LEU A 82 -10.91 -36.41 -34.89
CA LEU A 82 -9.61 -36.24 -35.59
C LEU A 82 -8.38 -36.77 -34.86
N GLY A 83 -8.56 -37.36 -33.69
CA GLY A 83 -7.41 -37.95 -32.97
C GLY A 83 -6.53 -36.91 -32.29
N ILE A 84 -7.11 -35.88 -31.69
CA ILE A 84 -6.29 -34.86 -30.99
C ILE A 84 -6.23 -35.23 -29.51
N PRO A 85 -5.06 -35.67 -29.01
CA PRO A 85 -5.04 -36.06 -27.59
C PRO A 85 -5.15 -34.91 -26.60
N LEU A 86 -5.54 -35.23 -25.37
CA LEU A 86 -5.66 -34.28 -24.29
C LEU A 86 -4.26 -33.91 -23.83
N VAL A 87 -4.11 -32.64 -23.46
CA VAL A 87 -2.94 -32.24 -22.67
C VAL A 87 -3.32 -32.12 -21.18
N PHE A 88 -2.48 -32.72 -20.34
CA PHE A 88 -2.65 -32.84 -18.91
C PHE A 88 -1.75 -31.86 -18.14
N MET A 89 -2.37 -31.04 -17.31
CA MET A 89 -1.68 -29.96 -16.58
C MET A 89 -1.89 -30.11 -15.06
N ALA A 90 -0.89 -29.71 -14.29
CA ALA A 90 -0.99 -29.88 -12.82
C ALA A 90 -0.15 -28.86 -12.06
N ASP A 91 -0.44 -28.77 -10.79
CA ASP A 91 0.25 -27.84 -9.92
C ASP A 91 1.40 -28.59 -9.24
N VAL A 92 2.58 -28.53 -9.84
CA VAL A 92 3.79 -29.06 -9.22
C VAL A 92 4.64 -27.81 -8.90
N ILE A 93 4.55 -27.40 -7.63
CA ILE A 93 4.94 -26.06 -7.17
C ILE A 93 6.31 -26.07 -6.48
N HIS A 94 6.47 -26.94 -5.52
CA HIS A 94 7.81 -27.17 -4.94
C HIS A 94 7.96 -28.66 -4.68
N GLY A 95 7.64 -29.41 -5.72
CA GLY A 95 7.79 -30.83 -5.71
C GLY A 95 6.50 -31.58 -5.96
N TYR A 96 6.65 -32.84 -6.36
CA TYR A 96 5.54 -33.74 -6.63
C TYR A 96 5.21 -34.63 -5.42
N LYS A 97 5.78 -35.83 -5.35
CA LYS A 97 5.66 -36.69 -4.14
C LYS A 97 6.86 -36.51 -3.22
N THR A 98 8.08 -36.35 -3.74
CA THR A 98 9.18 -35.81 -2.94
C THR A 98 8.98 -34.26 -2.82
N VAL A 99 8.64 -33.79 -1.63
CA VAL A 99 8.29 -32.40 -1.51
C VAL A 99 9.53 -31.62 -1.10
N PHE A 100 9.87 -30.59 -1.85
CA PHE A 100 10.99 -29.75 -1.54
C PHE A 100 10.50 -28.51 -0.77
N PRO A 101 11.44 -27.65 -0.33
CA PRO A 101 11.02 -26.46 0.43
C PRO A 101 10.15 -25.56 -0.39
N ILE A 102 9.26 -24.83 0.30
CA ILE A 102 8.37 -23.88 -0.39
C ILE A 102 9.22 -22.85 -1.19
N PRO A 103 8.67 -22.33 -2.32
CA PRO A 103 9.51 -21.45 -3.11
C PRO A 103 10.15 -20.30 -2.35
N LEU A 104 9.44 -19.69 -1.38
CA LEU A 104 10.05 -18.56 -0.58
C LEU A 104 11.27 -19.04 0.14
N ALA A 105 11.24 -20.28 0.63
CA ALA A 105 12.47 -20.82 1.28
C ALA A 105 13.56 -21.05 0.22
N LEU A 106 13.16 -21.53 -0.95
CA LEU A 106 14.09 -21.70 -2.02
C LEU A 106 14.70 -20.36 -2.41
N GLY A 107 13.97 -19.27 -2.31
CA GLY A 107 14.60 -17.95 -2.53
C GLY A 107 15.76 -17.74 -1.57
N CYS A 108 15.56 -18.06 -0.29
CA CYS A 108 16.61 -17.92 0.74
C CYS A 108 17.90 -18.76 0.51
N SER A 109 17.82 -19.83 -0.29
CA SER A 109 19.02 -20.56 -0.72
C SER A 109 20.02 -19.69 -1.49
N PHE A 110 19.53 -18.71 -2.25
CA PHE A 110 20.37 -17.95 -3.21
C PHE A 110 21.19 -18.91 -4.12
N ASP A 111 20.63 -20.08 -4.43
CA ASP A 111 21.35 -21.10 -5.12
C ASP A 111 20.57 -21.63 -6.30
N ARG A 112 21.01 -21.23 -7.49
CA ARG A 112 20.31 -21.49 -8.72
C ARG A 112 20.21 -23.02 -8.96
N GLU A 113 21.26 -23.75 -8.58
CA GLU A 113 21.38 -25.18 -8.87
C GLU A 113 20.41 -26.03 -8.00
N THR A 114 20.26 -25.64 -6.72
CA THR A 114 19.24 -26.18 -5.87
C THR A 114 17.88 -26.01 -6.54
N VAL A 115 17.63 -24.85 -7.09
CA VAL A 115 16.34 -24.58 -7.66
C VAL A 115 16.06 -25.38 -8.96
N ARG A 116 17.08 -25.50 -9.80
CA ARG A 116 17.03 -26.31 -11.02
C ARG A 116 16.82 -27.81 -10.64
N VAL A 117 17.52 -28.26 -9.61
CA VAL A 117 17.42 -29.67 -9.21
C VAL A 117 16.04 -29.97 -8.61
N MET A 118 15.52 -29.05 -7.80
CA MET A 118 14.13 -29.17 -7.30
C MET A 118 13.19 -29.39 -8.49
N ALA A 119 13.28 -28.52 -9.52
CA ALA A 119 12.38 -28.59 -10.70
C ALA A 119 12.60 -29.86 -11.52
N GLU A 120 13.84 -30.25 -11.65
CA GLU A 120 14.18 -31.49 -12.31
C GLU A 120 13.56 -32.76 -11.71
N VAL A 121 13.75 -32.96 -10.40
CA VAL A 121 13.09 -34.04 -9.67
C VAL A 121 11.54 -33.92 -9.75
N SER A 122 11.03 -32.70 -9.64
CA SER A 122 9.60 -32.53 -9.73
C SER A 122 9.08 -33.07 -11.07
N ALA A 123 9.80 -32.77 -12.15
CA ALA A 123 9.42 -33.22 -13.48
C ALA A 123 9.62 -34.73 -13.65
N LEU A 124 10.73 -35.23 -13.13
CA LEU A 124 10.95 -36.67 -13.14
C LEU A 124 9.71 -37.41 -12.64
N GLU A 125 9.27 -37.02 -11.44
CA GLU A 125 8.13 -37.65 -10.80
C GLU A 125 6.77 -37.34 -11.43
N ALA A 126 6.56 -36.08 -11.79
CA ALA A 126 5.22 -35.68 -12.31
C ALA A 126 4.98 -36.32 -13.69
N THR A 127 6.02 -36.38 -14.52
CA THR A 127 5.90 -37.07 -15.81
C THR A 127 5.64 -38.57 -15.61
N ALA A 128 6.23 -39.12 -14.55
CA ALA A 128 6.01 -40.51 -14.16
C ALA A 128 4.57 -40.81 -13.79
N ASP A 129 3.81 -39.78 -13.42
CA ASP A 129 2.42 -39.93 -13.08
C ASP A 129 1.52 -39.36 -14.16
N GLY A 130 2.12 -39.10 -15.32
CA GLY A 130 1.37 -38.67 -16.49
C GLY A 130 1.01 -37.19 -16.68
N HIS A 131 1.69 -36.27 -16.02
CA HIS A 131 1.51 -34.83 -16.19
C HIS A 131 2.45 -34.24 -17.22
N HIS A 132 1.97 -33.34 -18.07
CA HIS A 132 2.71 -32.81 -19.19
C HIS A 132 3.19 -31.36 -18.94
N VAL A 133 2.43 -30.63 -18.13
CA VAL A 133 2.63 -29.20 -17.84
C VAL A 133 2.49 -29.00 -16.35
N THR A 134 3.38 -28.19 -15.79
CA THR A 134 3.21 -27.72 -14.42
C THR A 134 2.97 -26.23 -14.31
N PHE A 135 2.14 -25.82 -13.34
CA PHE A 135 1.81 -24.42 -13.20
C PHE A 135 2.86 -23.80 -12.28
N SER A 136 4.07 -23.75 -12.79
CA SER A 136 5.24 -23.18 -12.09
C SER A 136 6.30 -22.78 -13.14
N PRO A 137 7.16 -21.77 -12.86
CA PRO A 137 7.29 -21.00 -11.63
C PRO A 137 6.24 -19.88 -11.42
N MET A 138 6.04 -19.58 -10.14
CA MET A 138 5.30 -18.42 -9.72
C MET A 138 6.29 -17.28 -9.57
N LEU A 139 6.08 -16.23 -10.38
CA LEU A 139 7.07 -15.13 -10.50
C LEU A 139 6.57 -13.75 -10.04
N ASP A 140 5.50 -13.75 -9.24
CA ASP A 140 5.01 -12.53 -8.65
C ASP A 140 5.94 -11.89 -7.54
N LEU A 141 6.41 -10.67 -7.81
CA LEU A 141 7.14 -9.92 -6.84
C LEU A 141 6.28 -9.70 -5.62
N VAL A 142 6.88 -9.90 -4.45
CA VAL A 142 6.14 -9.71 -3.23
C VAL A 142 6.84 -8.75 -2.23
N ARG A 143 6.06 -7.79 -1.71
CA ARG A 143 6.50 -6.90 -0.67
C ARG A 143 5.58 -6.89 0.56
N ASP A 144 4.61 -7.79 0.60
CA ASP A 144 3.52 -7.71 1.57
C ASP A 144 3.25 -9.10 2.17
N PRO A 145 3.86 -9.37 3.33
CA PRO A 145 3.71 -10.66 3.99
C PRO A 145 2.32 -11.05 4.50
N ARG A 146 1.36 -10.11 4.55
CA ARG A 146 -0.02 -10.44 4.84
C ARG A 146 -0.65 -11.42 3.82
N TRP A 147 -0.25 -11.32 2.54
CA TRP A 147 -0.77 -12.11 1.44
C TRP A 147 -0.27 -13.53 1.56
N GLY A 148 -1.20 -14.49 1.50
CA GLY A 148 -0.79 -15.85 1.74
C GLY A 148 0.14 -16.44 0.71
N ARG A 149 0.11 -15.90 -0.50
CA ARG A 149 0.79 -16.49 -1.62
C ARG A 149 2.25 -16.07 -1.68
N VAL A 150 2.76 -15.31 -0.71
CA VAL A 150 4.20 -15.04 -0.67
C VAL A 150 5.00 -16.36 -0.63
N MET A 151 4.38 -17.41 -0.12
CA MET A 151 5.08 -18.73 -0.02
C MET A 151 5.54 -19.30 -1.35
N GLU A 152 4.88 -18.87 -2.41
CA GLU A 152 5.05 -19.37 -3.80
C GLU A 152 6.06 -18.52 -4.58
N SER A 153 6.44 -17.37 -4.06
CA SER A 153 7.40 -16.47 -4.68
C SER A 153 8.71 -16.70 -4.05
N THR A 154 9.77 -16.24 -4.72
CA THR A 154 11.11 -16.31 -4.16
C THR A 154 11.41 -14.99 -3.47
N GLY A 155 10.47 -14.05 -3.48
CA GLY A 155 10.70 -12.86 -2.65
C GLY A 155 10.55 -11.43 -3.14
N GLU A 156 11.18 -10.47 -2.43
CA GLU A 156 11.12 -9.03 -2.80
C GLU A 156 12.08 -8.51 -3.88
N ASP A 157 12.92 -9.35 -4.48
CA ASP A 157 13.89 -8.85 -5.45
C ASP A 157 13.61 -9.35 -6.83
N PRO A 158 13.46 -8.42 -7.78
CA PRO A 158 13.27 -8.81 -9.18
C PRO A 158 14.39 -9.67 -9.74
N PHE A 159 15.64 -9.30 -9.47
CA PHE A 159 16.82 -9.99 -10.06
C PHE A 159 16.91 -11.40 -9.54
N LEU A 160 16.87 -11.56 -8.22
CA LEU A 160 16.76 -12.89 -7.67
C LEU A 160 15.60 -13.71 -8.25
N ASN A 161 14.40 -13.14 -8.24
CA ASN A 161 13.24 -13.85 -8.78
C ASN A 161 13.44 -14.23 -10.28
N SER A 162 14.08 -13.33 -11.03
CA SER A 162 14.41 -13.62 -12.45
C SER A 162 15.35 -14.81 -12.60
N GLU A 163 16.36 -14.87 -11.74
CA GLU A 163 17.41 -15.87 -11.90
C GLU A 163 16.96 -17.22 -11.46
N LEU A 164 16.22 -17.27 -10.33
CA LEU A 164 15.69 -18.55 -9.87
C LEU A 164 14.53 -18.98 -10.74
N GLY A 165 13.80 -18.03 -11.34
CA GLY A 165 12.78 -18.41 -12.30
C GLY A 165 13.39 -19.16 -13.48
N LYS A 166 14.45 -18.63 -14.04
CA LYS A 166 15.08 -19.32 -15.14
C LYS A 166 15.63 -20.66 -14.74
N ALA A 167 16.23 -20.74 -13.53
CA ALA A 167 16.66 -22.01 -13.04
C ALA A 167 15.55 -23.05 -13.02
N MET A 168 14.36 -22.67 -12.53
CA MET A 168 13.19 -23.55 -12.48
C MET A 168 12.65 -24.02 -13.84
N VAL A 169 12.48 -23.07 -14.76
CA VAL A 169 12.21 -23.38 -16.18
C VAL A 169 13.25 -24.37 -16.72
N ASP A 170 14.52 -24.07 -16.51
CA ASP A 170 15.61 -24.93 -16.97
C ASP A 170 15.46 -26.37 -16.38
N GLY A 171 15.23 -26.46 -15.07
CA GLY A 171 15.05 -27.76 -14.44
C GLY A 171 13.80 -28.51 -14.88
N TYR A 172 12.67 -27.82 -15.07
CA TYR A 172 11.44 -28.55 -15.54
C TYR A 172 11.56 -29.03 -17.03
N GLN A 173 12.06 -28.14 -17.87
CA GLN A 173 11.96 -28.33 -19.32
C GLN A 173 13.21 -28.90 -20.01
N GLY A 174 14.37 -28.61 -19.44
CA GLY A 174 15.65 -28.81 -20.12
C GLY A 174 15.64 -28.12 -21.46
N ASP A 175 16.16 -28.76 -22.49
CA ASP A 175 16.18 -28.10 -23.79
C ASP A 175 14.73 -28.13 -24.30
N ALA A 176 14.06 -26.98 -24.32
CA ALA A 176 12.62 -26.89 -24.67
C ALA A 176 12.23 -27.43 -26.05
N SER A 177 13.14 -27.37 -27.01
CA SER A 177 12.84 -27.84 -28.38
C SER A 177 12.85 -29.36 -28.48
N LYS A 178 13.26 -30.07 -27.40
CA LYS A 178 13.24 -31.53 -27.35
C LYS A 178 12.24 -32.10 -26.32
N LEU A 179 11.12 -31.45 -26.12
CA LEU A 179 10.17 -31.95 -25.13
C LEU A 179 9.38 -33.12 -25.70
N ASN A 180 9.52 -33.32 -27.01
CA ASN A 180 8.92 -34.46 -27.66
C ASN A 180 9.75 -35.71 -27.52
N GLU A 181 11.05 -35.58 -27.21
CA GLU A 181 11.97 -36.72 -26.94
C GLU A 181 12.35 -36.90 -25.44
N ASN A 182 12.38 -35.82 -24.67
CA ASN A 182 12.81 -35.89 -23.26
C ASN A 182 11.58 -36.05 -22.36
N LEU A 183 11.10 -37.31 -22.23
CA LEU A 183 9.81 -37.54 -21.62
C LEU A 183 9.82 -37.57 -20.05
N GLU A 184 10.98 -37.32 -19.45
CA GLU A 184 11.06 -37.06 -18.01
C GLU A 184 11.10 -35.58 -17.67
N GLN A 185 11.21 -34.73 -18.70
CA GLN A 185 10.99 -33.26 -18.63
C GLN A 185 9.57 -32.95 -18.99
N MET A 186 9.05 -31.78 -18.58
CA MET A 186 7.68 -31.36 -18.86
C MET A 186 7.65 -29.85 -19.12
N ALA A 187 6.52 -29.36 -19.61
CA ALA A 187 6.42 -27.92 -19.89
C ALA A 187 6.19 -27.11 -18.59
N ALA A 188 6.79 -25.92 -18.53
CA ALA A 188 6.50 -24.95 -17.47
C ALA A 188 5.55 -23.91 -17.97
N CYS A 189 4.77 -23.40 -17.02
CA CYS A 189 3.80 -22.36 -17.20
C CYS A 189 4.10 -21.29 -16.18
N VAL A 190 4.67 -20.18 -16.67
CA VAL A 190 4.88 -18.93 -15.83
C VAL A 190 3.54 -18.40 -15.30
N LYS A 191 3.48 -18.07 -14.02
CA LYS A 191 2.28 -17.43 -13.49
C LYS A 191 2.69 -16.35 -12.45
N HIS A 192 1.83 -15.39 -12.11
CA HIS A 192 0.54 -15.05 -12.72
C HIS A 192 0.67 -13.67 -13.39
N PHE A 193 0.42 -13.57 -14.71
CA PHE A 193 0.72 -12.36 -15.50
C PHE A 193 -0.49 -11.43 -15.29
N ALA A 194 -0.35 -10.31 -14.61
CA ALA A 194 0.90 -9.80 -14.06
C ALA A 194 0.63 -9.07 -12.72
N ALA A 195 1.62 -9.06 -11.83
CA ALA A 195 1.69 -8.08 -10.67
C ALA A 195 0.71 -8.40 -9.50
N TYR A 196 0.28 -9.66 -9.47
CA TYR A 196 -0.69 -10.19 -8.54
C TYR A 196 -0.28 -10.00 -7.05
N GLY A 197 1.00 -10.12 -6.73
CA GLY A 197 1.51 -10.00 -5.36
C GLY A 197 1.51 -8.59 -4.77
N ALA A 198 1.13 -7.62 -5.59
CA ALA A 198 0.92 -6.28 -5.07
C ALA A 198 -0.51 -6.08 -4.49
N ALA A 199 -1.28 -7.18 -4.27
CA ALA A 199 -2.67 -7.09 -3.77
C ALA A 199 -2.77 -6.13 -2.59
N GLU A 200 -3.70 -5.19 -2.74
CA GLU A 200 -3.85 -4.15 -1.78
C GLU A 200 -4.21 -4.76 -0.40
N ALA A 201 -3.58 -4.21 0.64
CA ALA A 201 -3.75 -4.63 2.07
C ALA A 201 -3.52 -6.12 2.32
N GLY A 202 -2.76 -6.74 1.43
CA GLY A 202 -2.50 -8.21 1.45
C GLY A 202 -3.73 -9.10 1.29
N LEU A 203 -4.85 -8.54 0.86
CA LEU A 203 -6.12 -9.30 0.79
C LEU A 203 -6.21 -10.11 -0.50
N GLU A 204 -6.52 -11.38 -0.38
CA GLU A 204 -6.59 -12.21 -1.55
C GLU A 204 -7.47 -11.63 -2.64
N TYR A 205 -6.90 -11.60 -3.84
CA TYR A 205 -7.60 -11.21 -5.06
C TYR A 205 -7.85 -9.72 -5.16
N ASN A 206 -7.33 -8.94 -4.21
CA ASN A 206 -7.70 -7.55 -4.17
C ASN A 206 -6.99 -6.76 -5.28
N THR A 207 -7.54 -5.56 -5.49
CA THR A 207 -6.99 -4.50 -6.34
C THR A 207 -5.47 -4.39 -6.31
N VAL A 208 -4.88 -4.33 -7.50
CA VAL A 208 -3.50 -3.94 -7.66
C VAL A 208 -3.47 -2.63 -8.45
N ASN A 209 -2.64 -1.69 -8.00
CA ASN A 209 -2.40 -0.46 -8.79
C ASN A 209 -0.97 0.05 -8.57
N MET A 210 -0.29 0.22 -9.69
CA MET A 210 0.98 0.86 -9.79
C MET A 210 1.11 1.57 -11.13
N SER A 211 2.08 2.46 -11.25
CA SER A 211 2.32 3.11 -12.51
C SER A 211 2.84 2.12 -13.54
N THR A 212 2.55 2.40 -14.80
CA THR A 212 3.13 1.62 -15.90
C THR A 212 4.67 1.48 -15.77
N ARG A 213 5.36 2.57 -15.51
CA ARG A 213 6.80 2.55 -15.30
C ARG A 213 7.25 1.53 -14.23
N GLU A 214 6.55 1.57 -13.10
CA GLU A 214 6.85 0.68 -12.00
C GLU A 214 6.52 -0.79 -12.37
N LEU A 215 5.42 -0.98 -13.07
CA LEU A 215 5.14 -2.31 -13.58
C LEU A 215 6.37 -2.83 -14.36
N TYR A 216 6.90 -2.04 -15.29
CA TYR A 216 8.01 -2.48 -16.11
C TYR A 216 9.27 -2.64 -15.31
N GLN A 217 9.51 -1.67 -14.43
CA GLN A 217 10.72 -1.63 -13.66
C GLN A 217 10.94 -2.82 -12.78
N ASN A 218 9.91 -3.16 -11.99
CA ASN A 218 10.01 -4.20 -10.93
C ASN A 218 9.12 -5.45 -11.09
N TYR A 219 7.90 -5.25 -11.65
CA TYR A 219 6.89 -6.32 -11.65
C TYR A 219 6.95 -7.27 -12.85
N LEU A 220 7.42 -6.77 -14.00
CA LEU A 220 7.49 -7.58 -15.19
C LEU A 220 8.79 -8.37 -15.39
N PRO A 221 9.95 -7.91 -14.84
CA PRO A 221 11.19 -8.61 -15.32
C PRO A 221 11.31 -10.10 -15.10
N ALA A 222 10.88 -10.63 -13.96
CA ALA A 222 10.96 -12.06 -13.77
C ALA A 222 10.11 -12.84 -14.78
N TYR A 223 8.87 -12.41 -15.04
CA TYR A 223 8.07 -13.13 -16.02
C TYR A 223 8.85 -13.12 -17.32
N ASN A 224 9.41 -11.94 -17.62
CA ASN A 224 10.16 -11.78 -18.88
C ASN A 224 11.30 -12.76 -19.01
N ALA A 225 12.10 -12.87 -17.97
CA ALA A 225 13.28 -13.71 -18.01
C ALA A 225 12.88 -15.18 -18.22
N ALA A 226 11.79 -15.63 -17.59
CA ALA A 226 11.38 -17.04 -17.73
C ALA A 226 10.86 -17.31 -19.12
N ILE A 227 10.19 -16.31 -19.67
CA ILE A 227 9.65 -16.40 -21.00
C ILE A 227 10.80 -16.43 -22.01
N GLN A 228 11.72 -15.47 -21.93
CA GLN A 228 12.95 -15.49 -22.79
C GLN A 228 13.73 -16.78 -22.65
N ALA A 229 13.71 -17.42 -21.49
CA ALA A 229 14.44 -18.70 -21.32
C ALA A 229 13.67 -19.87 -21.89
N GLY A 230 12.42 -19.66 -22.35
CA GLY A 230 11.69 -20.65 -23.12
C GLY A 230 10.48 -21.30 -22.48
N ALA A 231 9.98 -20.73 -21.39
CA ALA A 231 8.75 -21.24 -20.78
C ALA A 231 7.61 -21.36 -21.78
N LYS A 232 7.02 -22.54 -21.84
CA LYS A 232 6.08 -22.90 -22.91
C LYS A 232 4.71 -22.22 -22.78
N LEU A 233 4.18 -22.10 -21.56
CA LEU A 233 2.89 -21.42 -21.29
C LEU A 233 2.98 -20.23 -20.35
N VAL A 234 1.96 -19.38 -20.42
CA VAL A 234 1.79 -18.36 -19.42
C VAL A 234 0.34 -18.39 -18.92
N MET A 235 0.13 -18.12 -17.63
CA MET A 235 -1.20 -18.06 -17.02
C MET A 235 -1.53 -16.64 -16.63
N THR A 236 -2.81 -16.21 -16.81
CA THR A 236 -3.24 -14.88 -16.42
C THR A 236 -3.38 -14.78 -14.89
N ALA A 237 -3.50 -13.54 -14.40
CA ALA A 237 -3.66 -13.24 -13.02
C ALA A 237 -5.12 -12.88 -12.69
N PHE A 238 -5.54 -13.15 -11.46
CA PHE A 238 -6.82 -12.70 -10.91
C PHE A 238 -7.12 -11.20 -10.82
N ASN A 239 -6.05 -10.43 -10.54
CA ASN A 239 -6.15 -8.97 -10.25
C ASN A 239 -6.35 -8.11 -11.47
N VAL A 240 -6.94 -6.95 -11.23
CA VAL A 240 -6.82 -5.87 -12.19
C VAL A 240 -5.38 -5.46 -12.37
N VAL A 241 -5.04 -5.04 -13.60
CA VAL A 241 -3.84 -4.26 -13.92
C VAL A 241 -4.30 -2.93 -14.48
N ASP A 242 -3.92 -1.87 -13.78
CA ASP A 242 -4.47 -0.54 -14.03
C ASP A 242 -5.97 -0.55 -14.44
N GLY A 243 -6.75 -1.21 -13.62
CA GLY A 243 -8.17 -1.08 -13.70
C GLY A 243 -8.81 -2.13 -14.53
N ILE A 244 -8.02 -2.90 -15.28
CA ILE A 244 -8.58 -3.91 -16.15
C ILE A 244 -8.11 -5.29 -15.77
N PRO A 245 -9.06 -6.23 -15.48
CA PRO A 245 -8.67 -7.61 -15.11
C PRO A 245 -7.62 -8.16 -16.06
N ALA A 246 -6.50 -8.70 -15.56
CA ALA A 246 -5.46 -9.17 -16.44
C ALA A 246 -5.96 -10.09 -17.55
N THR A 247 -6.92 -10.93 -17.19
CA THR A 247 -7.49 -11.94 -18.12
C THR A 247 -8.01 -11.32 -19.44
N MET A 248 -8.62 -10.15 -19.34
CA MET A 248 -9.18 -9.48 -20.52
C MET A 248 -8.43 -8.19 -20.80
N ASN A 249 -7.17 -8.10 -20.36
CA ASN A 249 -6.37 -6.91 -20.56
C ASN A 249 -5.60 -7.02 -21.87
N LYS A 250 -6.14 -6.36 -22.91
CA LYS A 250 -5.60 -6.48 -24.25
C LYS A 250 -4.22 -5.97 -24.34
N TRP A 251 -4.01 -4.76 -23.82
CA TRP A 251 -2.71 -4.11 -23.85
C TRP A 251 -1.69 -5.05 -23.18
N LEU A 252 -2.01 -5.55 -21.98
CA LEU A 252 -1.12 -6.48 -21.29
C LEU A 252 -0.77 -7.75 -21.99
N ASN A 253 -1.78 -8.44 -22.45
CA ASN A 253 -1.60 -9.74 -23.06
C ASN A 253 -1.24 -9.75 -24.56
N ARG A 254 -1.81 -8.83 -25.33
CA ARG A 254 -1.44 -8.70 -26.77
C ARG A 254 -0.17 -7.82 -26.94
N ASP A 255 -0.25 -6.57 -26.48
CA ASP A 255 0.90 -5.61 -26.69
C ASP A 255 2.16 -5.97 -25.90
N VAL A 256 2.04 -6.22 -24.61
CA VAL A 256 3.26 -6.54 -23.78
C VAL A 256 3.66 -8.03 -23.92
N LEU A 257 2.72 -8.95 -23.63
CA LEU A 257 3.10 -10.38 -23.60
C LEU A 257 3.45 -10.89 -24.93
N ARG A 258 2.53 -10.85 -25.87
CA ARG A 258 2.77 -11.44 -27.19
C ARG A 258 3.62 -10.51 -28.07
N GLY A 259 3.45 -9.21 -27.88
CA GLY A 259 4.13 -8.22 -28.68
C GLY A 259 5.57 -8.02 -28.21
N GLU A 260 5.75 -7.33 -27.11
CA GLU A 260 7.10 -7.02 -26.64
C GLU A 260 7.88 -8.23 -26.15
N MET A 261 7.24 -9.10 -25.38
CA MET A 261 7.96 -10.27 -24.84
C MET A 261 8.04 -11.41 -25.86
N GLU A 262 7.38 -11.25 -26.98
CA GLU A 262 7.48 -12.21 -28.10
C GLU A 262 6.95 -13.59 -27.70
N PHE A 263 5.95 -13.65 -26.83
CA PHE A 263 5.45 -14.95 -26.36
C PHE A 263 4.38 -15.45 -27.38
N ASP A 264 4.59 -16.67 -27.85
CA ASP A 264 3.77 -17.27 -28.88
C ASP A 264 3.31 -18.68 -28.48
N GLY A 265 3.23 -18.96 -27.17
CA GLY A 265 2.62 -20.15 -26.64
C GLY A 265 1.19 -19.92 -26.14
N VAL A 266 0.67 -20.95 -25.47
CA VAL A 266 -0.67 -20.99 -24.91
C VAL A 266 -0.79 -20.06 -23.72
N LEU A 267 -1.73 -19.13 -23.76
CA LEU A 267 -2.12 -18.31 -22.60
C LEU A 267 -3.32 -18.97 -21.98
N ILE A 268 -3.16 -19.51 -20.78
CA ILE A 268 -4.24 -20.15 -20.00
C ILE A 268 -4.76 -19.22 -18.92
N SER A 269 -6.08 -19.22 -18.71
CA SER A 269 -6.63 -18.44 -17.61
C SER A 269 -6.28 -19.00 -16.26
N ALA A 270 -6.25 -18.14 -15.23
CA ALA A 270 -6.33 -18.64 -13.85
C ALA A 270 -7.68 -19.27 -13.70
N TRP A 271 -7.87 -19.94 -12.57
CA TRP A 271 -9.06 -20.73 -12.34
C TRP A 271 -10.32 -19.83 -12.38
N GLY A 272 -11.24 -20.01 -13.37
CA GLY A 272 -12.43 -19.24 -13.43
C GLY A 272 -12.30 -17.78 -13.83
N ALA A 273 -11.07 -17.31 -14.06
CA ALA A 273 -10.79 -15.90 -14.23
C ALA A 273 -11.48 -15.32 -15.49
N VAL A 274 -11.84 -16.16 -16.45
CA VAL A 274 -12.57 -15.62 -17.61
C VAL A 274 -13.98 -15.12 -17.18
N ALA A 275 -14.75 -15.98 -16.48
CA ALA A 275 -16.12 -15.68 -15.98
C ALA A 275 -16.04 -14.56 -14.92
N GLU A 276 -14.98 -14.55 -14.13
CA GLU A 276 -14.82 -13.59 -13.05
C GLU A 276 -14.60 -12.15 -13.52
N VAL A 277 -14.28 -11.95 -14.81
CA VAL A 277 -14.20 -10.59 -15.28
C VAL A 277 -15.59 -9.96 -15.11
N ILE A 278 -16.66 -10.79 -15.10
CA ILE A 278 -18.03 -10.30 -14.83
C ILE A 278 -18.09 -9.69 -13.42
N ASN A 279 -17.56 -10.41 -12.42
CA ASN A 279 -17.61 -9.90 -11.07
C ASN A 279 -16.80 -8.66 -10.93
N HIS A 280 -15.73 -8.53 -11.70
CA HIS A 280 -14.89 -7.36 -11.59
C HIS A 280 -15.61 -6.16 -12.14
N GLY A 281 -16.70 -6.40 -12.86
CA GLY A 281 -17.48 -5.30 -13.39
C GLY A 281 -16.97 -4.69 -14.70
N THR A 282 -16.22 -5.49 -15.48
CA THR A 282 -15.74 -5.13 -16.80
C THR A 282 -16.33 -6.03 -17.92
N ALA A 283 -17.29 -6.90 -17.59
CA ALA A 283 -18.09 -7.56 -18.63
C ALA A 283 -19.45 -7.75 -18.02
N ARG A 284 -20.50 -7.54 -18.80
CA ARG A 284 -21.89 -7.59 -18.27
C ARG A 284 -22.36 -9.04 -18.12
N ASN A 285 -21.89 -9.98 -18.95
CA ASN A 285 -22.40 -11.34 -18.92
C ASN A 285 -21.34 -12.30 -19.51
N PRO A 286 -21.63 -13.64 -19.59
CA PRO A 286 -20.65 -14.58 -20.16
C PRO A 286 -20.29 -14.29 -21.62
N LYS A 287 -21.23 -13.74 -22.36
CA LYS A 287 -20.96 -13.44 -23.76
C LYS A 287 -19.91 -12.38 -23.92
N GLU A 288 -19.99 -11.35 -23.09
CA GLU A 288 -18.92 -10.34 -23.06
C GLU A 288 -17.63 -10.88 -22.47
N ALA A 289 -17.70 -11.66 -21.40
CA ALA A 289 -16.46 -12.20 -20.80
C ALA A 289 -15.67 -12.99 -21.86
N ALA A 290 -16.43 -13.76 -22.65
CA ALA A 290 -15.90 -14.60 -23.73
C ALA A 290 -15.29 -13.75 -24.85
N GLN A 291 -16.03 -12.75 -25.27
CA GLN A 291 -15.53 -11.91 -26.36
C GLN A 291 -14.21 -11.20 -25.98
N PHE A 292 -14.17 -10.60 -24.78
CA PHE A 292 -13.04 -9.81 -24.37
C PHE A 292 -11.78 -10.64 -24.03
N SER A 293 -11.98 -11.81 -23.46
CA SER A 293 -10.86 -12.64 -23.14
C SER A 293 -10.27 -13.16 -24.41
N MET A 294 -11.10 -13.52 -25.39
CA MET A 294 -10.56 -13.98 -26.67
C MET A 294 -9.83 -12.86 -27.43
N GLU A 295 -10.42 -11.66 -27.41
CA GLU A 295 -9.75 -10.49 -27.99
C GLU A 295 -8.39 -10.27 -27.36
N ALA A 296 -8.30 -10.48 -26.04
CA ALA A 296 -7.04 -10.31 -25.30
C ALA A 296 -6.10 -11.47 -25.50
N GLY A 297 -6.55 -12.52 -26.17
CA GLY A 297 -5.64 -13.65 -26.52
C GLY A 297 -5.46 -14.76 -25.51
N VAL A 298 -6.45 -14.94 -24.65
CA VAL A 298 -6.49 -16.10 -23.74
C VAL A 298 -6.96 -17.30 -24.56
N ASP A 299 -6.13 -18.33 -24.61
CA ASP A 299 -6.42 -19.52 -25.43
C ASP A 299 -7.18 -20.65 -24.77
N LEU A 300 -7.09 -20.74 -23.45
CA LEU A 300 -7.58 -21.88 -22.68
C LEU A 300 -8.28 -21.38 -21.41
N GLU A 301 -9.59 -21.58 -21.35
CA GLU A 301 -10.43 -21.24 -20.21
C GLU A 301 -10.40 -22.34 -19.12
N MET A 302 -9.90 -21.99 -17.95
CA MET A 302 -9.76 -22.97 -16.87
C MET A 302 -11.04 -23.18 -16.12
N MET A 303 -11.76 -24.28 -16.41
CA MET A 303 -12.93 -24.70 -15.60
C MET A 303 -14.13 -23.72 -15.54
N THR A 304 -14.24 -22.85 -16.53
CA THR A 304 -15.52 -22.13 -16.73
C THR A 304 -15.95 -22.22 -18.18
N THR A 305 -17.17 -21.77 -18.46
CA THR A 305 -17.90 -22.18 -19.67
C THR A 305 -18.23 -21.04 -20.61
N CYS A 306 -17.60 -19.86 -20.45
CA CYS A 306 -17.89 -18.75 -21.27
C CYS A 306 -17.62 -19.06 -22.72
N TYR A 307 -16.42 -19.61 -22.99
CA TYR A 307 -16.05 -19.87 -24.39
C TYR A 307 -16.99 -20.90 -24.96
N ILE A 308 -17.13 -22.05 -24.28
CA ILE A 308 -17.89 -23.12 -24.92
C ILE A 308 -19.34 -22.72 -25.11
N HIS A 309 -19.94 -21.90 -24.20
CA HIS A 309 -21.36 -21.57 -24.36
C HIS A 309 -21.60 -20.34 -25.25
N GLU A 310 -20.62 -19.48 -25.46
CA GLU A 310 -20.82 -18.20 -26.18
C GLU A 310 -20.06 -17.98 -27.51
N LEU A 311 -18.92 -18.63 -27.75
CA LEU A 311 -18.09 -18.24 -28.93
C LEU A 311 -18.84 -18.45 -30.25
N LYS A 312 -19.64 -19.51 -30.36
CA LYS A 312 -20.41 -19.75 -31.60
C LYS A 312 -21.32 -18.57 -31.93
N GLY A 313 -22.08 -18.09 -30.95
CA GLY A 313 -22.92 -16.88 -31.16
C GLY A 313 -22.09 -15.65 -31.60
N LEU A 314 -20.95 -15.46 -30.95
CA LEU A 314 -20.11 -14.28 -31.23
C LEU A 314 -19.52 -14.34 -32.62
N ILE A 315 -19.12 -15.52 -33.06
CA ILE A 315 -18.54 -15.68 -34.39
C ILE A 315 -19.64 -15.62 -35.46
N GLU A 316 -20.76 -16.28 -35.20
CA GLU A 316 -21.88 -16.27 -36.15
C GLU A 316 -22.43 -14.87 -36.36
N GLU A 317 -22.50 -14.09 -35.30
CA GLU A 317 -23.00 -12.71 -35.38
C GLU A 317 -21.90 -11.77 -35.84
N GLY A 318 -20.74 -12.30 -36.21
CA GLY A 318 -19.59 -11.48 -36.56
C GLY A 318 -19.15 -10.42 -35.55
N LYS A 319 -19.39 -10.58 -34.25
CA LYS A 319 -18.78 -9.68 -33.25
C LYS A 319 -17.34 -10.12 -32.93
N LEU A 320 -16.94 -11.33 -33.32
CA LEU A 320 -15.57 -11.83 -33.06
C LEU A 320 -15.12 -12.60 -34.30
N SER A 321 -13.89 -12.37 -34.73
CA SER A 321 -13.31 -13.06 -35.87
C SER A 321 -12.97 -14.50 -35.54
N GLU A 322 -13.34 -15.42 -36.44
CA GLU A 322 -12.96 -16.81 -36.33
C GLU A 322 -11.44 -16.98 -36.43
N ASN A 323 -10.74 -16.03 -37.04
CA ASN A 323 -9.26 -16.14 -37.05
C ASN A 323 -8.67 -16.10 -35.66
N LEU A 324 -9.28 -15.38 -34.71
CA LEU A 324 -8.72 -15.38 -33.34
C LEU A 324 -8.84 -16.77 -32.73
N LEU A 325 -9.97 -17.40 -32.93
CA LEU A 325 -10.14 -18.78 -32.51
C LEU A 325 -9.16 -19.76 -33.16
N ASP A 326 -8.89 -19.61 -34.46
CA ASP A 326 -7.93 -20.52 -35.18
C ASP A 326 -6.51 -20.39 -34.67
N GLU A 327 -6.15 -19.20 -34.22
CA GLU A 327 -4.79 -19.03 -33.68
C GLU A 327 -4.67 -19.57 -32.23
N ALA A 328 -5.71 -19.44 -31.42
CA ALA A 328 -5.76 -20.12 -30.14
C ALA A 328 -5.60 -21.65 -30.28
N VAL A 329 -6.41 -22.25 -31.17
CA VAL A 329 -6.43 -23.66 -31.46
C VAL A 329 -5.07 -24.13 -32.00
N LEU A 330 -4.49 -23.41 -32.97
CA LEU A 330 -3.11 -23.66 -33.40
C LEU A 330 -2.10 -23.57 -32.25
N ARG A 331 -2.18 -22.57 -31.38
CA ARG A 331 -1.28 -22.59 -30.22
C ARG A 331 -1.43 -23.88 -29.34
N MET A 332 -2.66 -24.30 -29.15
CA MET A 332 -2.92 -25.49 -28.34
C MET A 332 -2.33 -26.73 -29.01
N LEU A 333 -2.60 -26.89 -30.31
CA LEU A 333 -2.06 -28.02 -31.09
C LEU A 333 -0.51 -28.01 -31.14
N ASN A 334 0.10 -26.83 -31.27
CA ASN A 334 1.54 -26.70 -31.24
C ASN A 334 2.12 -27.17 -29.93
N LEU A 335 1.56 -26.77 -28.80
CA LEU A 335 1.98 -27.33 -27.50
C LEU A 335 1.91 -28.88 -27.46
N LYS A 336 0.81 -29.42 -27.95
CA LYS A 336 0.56 -30.88 -27.92
C LYS A 336 1.62 -31.51 -28.74
N ASN A 337 1.84 -30.94 -29.94
CA ASN A 337 2.92 -31.38 -30.83
C ASN A 337 4.33 -31.32 -30.22
N ASP A 338 4.65 -30.19 -29.62
CA ASP A 338 5.88 -30.00 -28.87
C ASP A 338 6.08 -31.04 -27.79
N LEU A 339 5.00 -31.56 -27.17
CA LEU A 339 5.15 -32.59 -26.12
C LEU A 339 5.21 -34.02 -26.73
N GLY A 340 5.10 -34.11 -28.06
CA GLY A 340 5.18 -35.38 -28.78
C GLY A 340 3.90 -36.21 -28.73
N LEU A 341 2.78 -35.55 -28.38
CA LEU A 341 1.52 -36.25 -28.03
C LEU A 341 0.85 -36.87 -29.22
N PHE A 342 1.12 -36.34 -30.41
CA PHE A 342 0.62 -36.95 -31.69
C PHE A 342 1.37 -38.24 -32.12
N GLU A 343 2.62 -38.42 -31.69
CA GLU A 343 3.31 -39.72 -31.84
C GLU A 343 3.02 -40.64 -30.68
N ASP A 344 3.01 -40.06 -29.47
CA ASP A 344 2.75 -40.78 -28.21
C ASP A 344 1.89 -39.96 -27.24
N PRO A 345 0.58 -40.20 -27.27
CA PRO A 345 -0.35 -39.53 -26.39
C PRO A 345 -0.18 -39.85 -24.90
N TYR A 346 0.50 -40.96 -24.58
CA TYR A 346 0.71 -41.43 -23.21
C TYR A 346 2.08 -40.97 -22.69
N ARG A 347 2.78 -40.20 -23.50
CA ARG A 347 4.05 -39.58 -23.14
C ARG A 347 4.94 -40.49 -22.32
N GLY A 348 5.14 -41.69 -22.84
CA GLY A 348 6.16 -42.63 -22.34
C GLY A 348 5.67 -43.64 -21.33
N LEU A 349 4.40 -43.58 -20.98
CA LEU A 349 3.90 -44.39 -19.88
C LEU A 349 3.15 -45.65 -20.31
N LYS A 350 2.81 -45.79 -21.59
CA LYS A 350 1.82 -46.80 -21.97
C LYS A 350 2.25 -48.25 -21.72
N ASN A 351 3.53 -48.52 -21.97
CA ASN A 351 4.15 -49.81 -21.71
C ASN A 351 5.41 -49.66 -20.86
N ASN A 352 5.40 -48.66 -19.99
CA ASN A 352 6.51 -48.36 -19.12
C ASN A 352 5.99 -47.77 -17.83
N ASP A 353 5.76 -48.64 -16.86
CA ASP A 353 5.37 -48.17 -15.53
C ASP A 353 6.57 -47.48 -14.91
N ARG A 354 6.44 -46.21 -14.55
CA ARG A 354 7.57 -45.47 -13.95
C ARG A 354 7.33 -45.10 -12.47
N THR A 355 6.54 -45.89 -11.75
CA THR A 355 6.46 -45.85 -10.29
C THR A 355 7.86 -45.81 -9.64
N LYS A 356 8.80 -46.54 -10.23
CA LYS A 356 10.15 -46.63 -9.66
C LYS A 356 10.85 -45.26 -9.54
N ASP A 357 10.44 -44.29 -10.36
CA ASP A 357 11.09 -43.00 -10.41
C ASP A 357 10.52 -42.06 -9.31
N ILE A 358 9.48 -42.51 -8.61
CA ILE A 358 8.78 -41.74 -7.58
C ILE A 358 9.25 -41.95 -6.13
N LEU A 359 9.56 -40.83 -5.48
CA LEU A 359 9.94 -40.82 -4.08
C LEU A 359 11.16 -41.76 -3.87
N THR A 360 12.18 -41.64 -4.74
CA THR A 360 13.40 -42.43 -4.54
C THR A 360 14.21 -41.83 -3.40
N ASP A 361 15.11 -42.62 -2.84
CA ASP A 361 16.06 -42.16 -1.81
C ASP A 361 16.99 -41.05 -2.28
N GLU A 362 17.42 -41.14 -3.55
CA GLU A 362 18.25 -40.16 -4.18
C GLU A 362 17.49 -38.81 -4.19
N SER A 363 16.23 -38.89 -4.55
CA SER A 363 15.35 -37.69 -4.57
C SER A 363 15.09 -37.13 -3.17
N ARG A 364 14.94 -37.98 -2.18
CA ARG A 364 14.83 -37.53 -0.82
C ARG A 364 16.12 -36.84 -0.37
N GLY A 365 17.29 -37.39 -0.73
CA GLY A 365 18.58 -36.73 -0.41
C GLY A 365 18.70 -35.33 -1.03
N LYS A 366 18.27 -35.18 -2.28
CA LYS A 366 18.20 -33.86 -2.94
C LYS A 366 17.26 -32.89 -2.21
N ALA A 367 16.11 -33.38 -1.78
CA ALA A 367 15.16 -32.54 -1.03
C ALA A 367 15.72 -32.10 0.33
N ARG A 368 16.52 -32.97 0.95
CA ARG A 368 17.16 -32.66 2.20
C ARG A 368 18.25 -31.66 1.98
N ALA A 369 19.07 -31.86 0.94
CA ALA A 369 20.06 -30.85 0.64
C ALA A 369 19.41 -29.48 0.43
N ALA A 370 18.31 -29.45 -0.31
CA ALA A 370 17.63 -28.19 -0.60
C ALA A 370 17.17 -27.56 0.69
N GLY A 371 16.61 -28.37 1.59
CA GLY A 371 16.17 -27.85 2.87
C GLY A 371 17.29 -27.20 3.65
N VAL A 372 18.47 -27.85 3.70
CA VAL A 372 19.60 -27.32 4.45
C VAL A 372 20.27 -26.13 3.76
N GLU A 373 20.11 -25.97 2.44
CA GLU A 373 20.50 -24.73 1.71
C GLU A 373 19.60 -23.50 2.01
N SER A 374 18.33 -23.79 2.28
CA SER A 374 17.23 -22.79 2.31
C SER A 374 16.93 -22.22 3.68
N ALA A 375 17.19 -23.01 4.72
CA ALA A 375 16.92 -22.55 6.04
C ALA A 375 17.81 -21.32 6.33
N VAL A 376 17.30 -20.39 7.15
CA VAL A 376 18.04 -19.16 7.53
C VAL A 376 18.32 -19.11 9.05
N LEU A 377 19.59 -19.05 9.45
CA LEU A 377 19.94 -18.83 10.83
C LEU A 377 19.84 -17.37 11.12
N LEU A 378 18.90 -16.99 12.00
CA LEU A 378 18.61 -15.59 12.35
C LEU A 378 19.34 -15.09 13.62
N GLU A 379 19.46 -15.95 14.63
CA GLU A 379 20.21 -15.60 15.87
C GLU A 379 20.98 -16.83 16.38
N ASN A 380 22.12 -16.60 17.00
CA ASN A 380 22.86 -17.67 17.66
C ASN A 380 23.80 -17.03 18.63
N LYS A 381 23.27 -16.75 19.82
CA LYS A 381 24.01 -16.09 20.89
C LYS A 381 24.90 -17.07 21.62
N SER A 382 26.12 -16.62 21.85
CA SER A 382 27.10 -17.38 22.59
C SER A 382 27.27 -18.77 21.99
N ARG A 383 27.28 -18.89 20.68
CA ARG A 383 27.47 -20.18 20.01
C ARG A 383 26.69 -21.32 20.63
N LEU A 384 25.45 -21.08 21.02
CA LEU A 384 24.60 -22.20 21.41
C LEU A 384 24.58 -23.31 20.36
N LEU A 385 24.36 -22.92 19.12
CA LEU A 385 24.37 -23.85 17.99
C LEU A 385 25.72 -23.95 17.33
N PRO A 386 26.09 -25.13 16.81
CA PRO A 386 25.39 -26.38 16.80
C PRO A 386 25.51 -27.06 18.13
N LEU A 387 24.55 -27.96 18.38
CA LEU A 387 24.49 -28.72 19.62
C LEU A 387 25.42 -29.92 19.48
N ALA A 388 25.96 -30.41 20.60
CA ALA A 388 26.65 -31.69 20.63
C ALA A 388 25.63 -32.80 20.39
N LYS A 389 26.08 -33.91 19.82
CA LYS A 389 25.18 -35.05 19.57
C LYS A 389 24.72 -35.62 20.89
N GLU A 390 25.42 -35.30 21.97
CA GLU A 390 25.00 -35.83 23.28
C GLU A 390 24.20 -34.81 24.11
N ALA A 391 23.89 -33.64 23.52
CA ALA A 391 23.16 -32.62 24.28
C ALA A 391 21.82 -33.21 24.62
N LYS A 392 21.40 -33.01 25.87
CA LYS A 392 20.07 -33.52 26.26
C LYS A 392 19.00 -32.46 25.92
N ILE A 393 18.07 -32.84 25.06
CA ILE A 393 17.12 -31.91 24.45
C ILE A 393 15.70 -32.09 24.95
N ALA A 394 15.13 -31.02 25.46
CA ALA A 394 13.67 -30.96 25.55
C ALA A 394 13.12 -30.27 24.31
N LEU A 395 12.27 -31.01 23.60
CA LEU A 395 11.65 -30.62 22.33
C LEU A 395 10.19 -30.34 22.58
N VAL A 396 9.84 -29.06 22.54
CA VAL A 396 8.54 -28.64 22.93
C VAL A 396 7.91 -27.73 21.88
N GLY A 397 6.60 -27.80 21.83
CA GLY A 397 5.78 -26.91 20.98
C GLY A 397 4.88 -27.61 19.97
N PRO A 398 4.15 -26.81 19.20
CA PRO A 398 3.16 -27.25 18.25
C PRO A 398 3.84 -27.86 17.03
N LEU A 399 5.14 -27.58 16.83
CA LEU A 399 5.83 -28.20 15.74
C LEU A 399 6.75 -29.34 16.17
N ALA A 400 6.66 -29.73 17.45
CA ALA A 400 7.45 -30.83 17.93
C ALA A 400 7.12 -32.14 17.19
N THR A 401 5.84 -32.43 17.02
CA THR A 401 5.36 -33.71 16.44
C THR A 401 4.48 -33.51 15.24
N SER A 402 4.09 -32.25 15.00
CA SER A 402 3.21 -31.97 13.91
C SER A 402 3.72 -32.56 12.59
N PRO A 403 2.87 -33.29 11.88
CA PRO A 403 3.21 -33.74 10.52
C PRO A 403 3.04 -32.64 9.41
N ASP A 404 2.51 -31.47 9.78
CA ASP A 404 2.26 -30.37 8.80
C ASP A 404 3.51 -29.54 8.54
N ILE A 405 4.45 -30.15 7.83
CA ILE A 405 5.71 -29.50 7.46
C ILE A 405 6.03 -29.56 5.96
N LEU A 406 5.07 -30.00 5.15
CA LEU A 406 5.26 -30.16 3.72
C LEU A 406 5.07 -28.83 3.01
N GLY A 407 4.29 -27.95 3.61
CA GLY A 407 4.05 -26.62 3.09
C GLY A 407 2.74 -26.46 2.39
N GLY A 408 2.33 -25.22 2.19
CA GLY A 408 1.27 -24.96 1.26
C GLY A 408 1.62 -25.31 -0.22
N TRP A 409 0.62 -25.36 -1.04
CA TRP A 409 0.72 -25.77 -2.40
C TRP A 409 1.43 -27.11 -2.50
N ASN A 410 1.02 -27.99 -1.65
CA ASN A 410 1.41 -29.39 -1.77
C ASN A 410 0.24 -30.21 -2.22
N VAL A 411 0.05 -30.35 -3.51
CA VAL A 411 -1.16 -31.04 -4.03
C VAL A 411 -1.04 -32.57 -4.03
N TYR A 412 0.18 -33.13 -4.13
CA TYR A 412 0.35 -34.60 -4.33
C TYR A 412 1.18 -35.25 -3.20
N GLY A 413 1.88 -34.45 -2.39
CA GLY A 413 2.75 -35.01 -1.38
C GLY A 413 1.96 -35.49 -0.20
N GLU A 414 2.50 -36.42 0.56
CA GLU A 414 1.77 -37.11 1.60
C GLU A 414 2.56 -36.98 2.89
N GLU A 415 1.84 -36.53 3.93
CA GLU A 415 2.36 -36.31 5.27
C GLU A 415 3.00 -37.58 5.86
N LYS A 416 2.51 -38.76 5.48
CA LYS A 416 3.00 -40.03 6.04
C LYS A 416 4.39 -40.38 5.57
N ASP A 417 4.79 -39.85 4.41
CA ASP A 417 6.12 -40.01 3.90
C ASP A 417 7.08 -38.92 4.46
N GLY A 418 6.53 -37.86 5.06
CA GLY A 418 7.37 -36.76 5.68
C GLY A 418 8.06 -37.15 6.98
N ILE A 419 9.15 -36.45 7.30
CA ILE A 419 9.83 -36.65 8.56
C ILE A 419 9.53 -35.49 9.51
N ASN A 420 8.87 -35.77 10.65
CA ASN A 420 8.60 -34.69 11.59
C ASN A 420 9.83 -34.30 12.42
N VAL A 421 9.69 -33.25 13.24
CA VAL A 421 10.85 -32.79 14.05
C VAL A 421 11.32 -33.83 15.03
N GLU A 422 10.42 -34.45 15.77
CA GLU A 422 10.85 -35.44 16.76
C GLU A 422 11.61 -36.61 16.08
N THR A 423 11.04 -37.14 15.01
CA THR A 423 11.69 -38.27 14.31
C THR A 423 13.05 -37.89 13.76
N GLY A 424 13.16 -36.67 13.24
CA GLY A 424 14.42 -36.22 12.69
C GLY A 424 15.46 -36.14 13.80
N LEU A 425 15.07 -35.53 14.91
CA LEU A 425 16.04 -35.32 16.03
C LEU A 425 16.51 -36.61 16.72
N ARG A 426 15.60 -37.56 16.86
CA ARG A 426 15.96 -38.84 17.47
C ARG A 426 16.83 -39.75 16.58
N GLU A 427 16.98 -39.47 15.29
CA GLU A 427 18.03 -40.15 14.51
C GLU A 427 19.44 -39.66 14.87
N VAL A 428 19.53 -38.51 15.51
CA VAL A 428 20.85 -37.82 15.66
C VAL A 428 21.20 -37.71 17.14
N PHE A 429 20.21 -37.36 17.95
CA PHE A 429 20.42 -37.04 19.39
C PHE A 429 19.89 -38.17 20.25
N GLU A 430 20.77 -38.65 21.12
CA GLU A 430 20.49 -39.82 21.91
C GLU A 430 19.41 -39.53 22.93
N THR A 431 19.41 -38.33 23.52
CA THR A 431 18.39 -37.97 24.56
C THR A 431 17.43 -36.81 24.21
N VAL A 432 16.21 -37.19 23.85
CA VAL A 432 15.16 -36.22 23.55
C VAL A 432 13.92 -36.50 24.39
N GLU A 433 13.45 -35.49 25.12
CA GLU A 433 12.14 -35.53 25.78
C GLU A 433 11.20 -34.52 25.12
N VAL A 434 9.97 -34.96 24.82
CA VAL A 434 9.03 -34.23 23.97
C VAL A 434 7.77 -33.87 24.66
N VAL A 435 7.38 -32.61 24.59
CA VAL A 435 6.07 -32.12 25.04
C VAL A 435 5.45 -31.38 23.85
N SER A 436 4.47 -32.04 23.25
CA SER A 436 3.73 -31.50 22.12
C SER A 436 2.68 -30.55 22.68
N THR A 437 2.48 -29.42 22.03
CA THR A 437 1.44 -28.46 22.41
C THR A 437 0.60 -28.16 21.16
N GLU A 438 -0.55 -27.52 21.37
CA GLU A 438 -1.52 -27.15 20.34
C GLU A 438 -1.08 -25.83 19.67
N TYR A 439 -1.50 -25.61 18.41
CA TYR A 439 -1.08 -24.42 17.70
C TYR A 439 -1.57 -23.11 18.32
N THR A 440 -2.75 -23.12 18.92
CA THR A 440 -3.41 -21.86 19.33
C THR A 440 -3.73 -21.75 20.82
N GLU A 441 -3.25 -22.69 21.63
CA GLU A 441 -3.60 -22.78 23.06
C GLU A 441 -2.34 -22.97 23.87
N LEU A 442 -2.41 -22.50 25.12
CA LEU A 442 -1.39 -22.80 26.13
C LEU A 442 -2.05 -23.03 27.49
N SER A 443 -2.22 -24.31 27.88
CA SER A 443 -2.91 -24.66 29.09
C SER A 443 -1.96 -24.75 30.28
N GLU A 444 -2.56 -24.73 31.49
CA GLU A 444 -1.79 -24.98 32.72
C GLU A 444 -1.12 -26.33 32.68
N GLU A 445 -1.86 -27.30 32.23
CA GLU A 445 -1.35 -28.66 32.16
C GLU A 445 -0.12 -28.72 31.21
N ASP A 446 -0.17 -28.02 30.06
CA ASP A 446 1.01 -27.87 29.19
C ASP A 446 2.19 -27.30 29.91
N LYS A 447 1.97 -26.22 30.66
CA LYS A 447 3.10 -25.56 31.31
C LYS A 447 3.82 -26.48 32.31
N VAL A 448 3.02 -27.17 33.12
CA VAL A 448 3.53 -28.20 34.05
C VAL A 448 4.38 -29.23 33.28
N ALA A 449 3.88 -29.75 32.14
CA ALA A 449 4.66 -30.76 31.41
C ALA A 449 5.91 -30.21 30.76
N VAL A 450 5.80 -29.02 30.18
CA VAL A 450 6.97 -28.31 29.67
C VAL A 450 8.01 -28.09 30.79
N LYS A 451 7.59 -27.58 31.93
CA LYS A 451 8.51 -27.41 33.03
C LYS A 451 9.25 -28.72 33.45
N ALA A 452 8.54 -29.84 33.46
CA ALA A 452 9.10 -31.14 33.83
C ALA A 452 10.12 -31.62 32.81
N ALA A 453 9.79 -31.57 31.51
CA ALA A 453 10.76 -31.96 30.46
C ALA A 453 12.01 -31.07 30.49
N VAL A 454 11.82 -29.75 30.64
CA VAL A 454 12.94 -28.81 30.66
C VAL A 454 13.88 -29.03 31.86
N GLN A 455 13.30 -29.21 33.04
CA GLN A 455 14.10 -29.47 34.26
C GLN A 455 15.03 -30.67 34.07
N ASN A 456 14.52 -31.74 33.49
CA ASN A 456 15.30 -32.92 33.13
C ASN A 456 16.41 -32.74 32.09
N MET A 457 16.16 -31.92 31.09
CA MET A 457 17.05 -31.79 29.94
C MET A 457 17.99 -30.61 30.13
N ASP A 458 18.91 -30.40 29.18
CA ASP A 458 19.93 -29.33 29.28
C ASP A 458 19.67 -28.12 28.39
N VAL A 459 19.04 -28.35 27.24
CA VAL A 459 18.71 -27.26 26.29
C VAL A 459 17.32 -27.51 25.75
N VAL A 460 16.68 -26.44 25.31
CA VAL A 460 15.32 -26.54 24.79
C VAL A 460 15.31 -26.23 23.29
N VAL A 461 14.75 -27.15 22.48
CA VAL A 461 14.39 -26.86 21.09
C VAL A 461 12.88 -26.56 21.12
N LEU A 462 12.55 -25.28 20.94
CA LEU A 462 11.17 -24.79 21.01
C LEU A 462 10.67 -24.68 19.56
N ALA A 463 9.79 -25.57 19.17
CA ALA A 463 9.37 -25.65 17.82
C ALA A 463 7.99 -25.01 17.64
N LEU A 464 8.04 -23.84 17.01
CA LEU A 464 6.86 -22.98 16.80
C LEU A 464 6.50 -22.98 15.32
N GLY A 465 5.28 -22.61 15.00
CA GLY A 465 4.95 -22.48 13.59
C GLY A 465 3.54 -22.22 13.22
N GLU A 466 3.33 -21.92 11.93
CA GLU A 466 2.01 -21.86 11.37
C GLU A 466 1.54 -23.21 10.80
N LYS A 467 0.21 -23.40 10.76
CA LYS A 467 -0.41 -24.44 9.96
C LYS A 467 -0.36 -23.96 8.55
N ASN A 468 -0.23 -24.87 7.56
CA ASN A 468 0.05 -24.37 6.19
C ASN A 468 -1.21 -23.72 5.60
N GLU A 469 -2.36 -24.13 6.12
CA GLU A 469 -3.62 -23.46 5.75
C GLU A 469 -3.74 -22.00 6.13
N TRP A 470 -2.84 -21.48 6.98
CA TRP A 470 -2.87 -20.06 7.29
C TRP A 470 -2.19 -19.21 6.27
N GLY A 471 -1.65 -19.83 5.21
CA GLY A 471 -1.17 -19.13 4.01
C GLY A 471 -1.48 -19.91 2.76
N GLY A 472 -0.76 -19.65 1.68
CA GLY A 472 -1.21 -20.14 0.39
C GLY A 472 -2.35 -19.27 -0.18
N GLU A 473 -3.05 -19.81 -1.18
CA GLU A 473 -4.09 -19.05 -1.83
C GLU A 473 -5.25 -18.80 -0.88
N ALA A 474 -5.62 -17.53 -0.64
CA ALA A 474 -6.82 -17.15 0.15
C ALA A 474 -6.62 -17.48 1.64
N GLY A 475 -5.35 -17.40 2.02
CA GLY A 475 -4.82 -17.41 3.38
C GLY A 475 -4.18 -16.06 3.69
N SER A 476 -4.98 -15.00 3.64
CA SER A 476 -4.50 -13.66 3.99
C SER A 476 -4.63 -13.44 5.53
N LEU A 477 -3.56 -12.95 6.16
CA LEU A 477 -3.64 -12.48 7.56
C LEU A 477 -3.43 -10.99 7.71
N ALA A 478 -4.38 -10.27 8.29
CA ALA A 478 -4.20 -8.85 8.54
C ALA A 478 -3.03 -8.62 9.48
N THR A 479 -2.87 -9.45 10.51
CA THR A 479 -1.74 -9.34 11.44
C THR A 479 -0.78 -10.51 11.18
N ILE A 480 0.46 -10.17 10.87
CA ILE A 480 1.44 -11.19 10.55
C ILE A 480 2.15 -11.73 11.80
N ARG A 481 1.34 -12.33 12.65
CA ARG A 481 1.87 -12.91 13.87
C ARG A 481 1.42 -14.35 14.01
N LEU A 482 2.19 -15.15 14.73
CA LEU A 482 1.73 -16.45 15.19
C LEU A 482 0.57 -16.23 16.12
N PRO A 483 -0.27 -17.27 16.37
CA PRO A 483 -1.16 -17.23 17.54
C PRO A 483 -0.44 -16.79 18.80
N GLU A 484 -1.07 -15.90 19.55
CA GLU A 484 -0.50 -15.37 20.79
C GLU A 484 0.00 -16.44 21.78
N ALA A 485 -0.63 -17.64 21.75
CA ALA A 485 -0.23 -18.73 22.65
C ALA A 485 1.23 -19.14 22.43
N GLN A 486 1.68 -19.00 21.19
CA GLN A 486 3.03 -19.40 20.87
C GLN A 486 4.04 -18.41 21.42
N TYR A 487 3.75 -17.12 21.29
CA TYR A 487 4.55 -16.08 21.99
C TYR A 487 4.52 -16.31 23.50
N GLN A 488 3.36 -16.66 24.04
CA GLN A 488 3.24 -16.96 25.47
C GLN A 488 4.10 -18.19 25.85
N LEU A 489 4.23 -19.16 24.96
CA LEU A 489 5.01 -20.36 25.22
C LEU A 489 6.48 -20.02 25.23
N ALA A 490 6.91 -19.24 24.25
CA ALA A 490 8.30 -18.72 24.21
C ALA A 490 8.69 -17.91 25.46
N LYS A 491 7.75 -17.09 25.94
CA LYS A 491 7.93 -16.33 27.13
C LYS A 491 8.14 -17.23 28.37
N PHE A 492 7.23 -18.20 28.49
CA PHE A 492 7.26 -19.14 29.59
C PHE A 492 8.57 -19.97 29.60
N VAL A 493 8.89 -20.58 28.47
CA VAL A 493 10.12 -21.38 28.34
C VAL A 493 11.36 -20.57 28.76
N GLN A 494 11.35 -19.29 28.44
CA GLN A 494 12.51 -18.47 28.73
C GLN A 494 12.73 -18.39 30.23
N THR A 495 11.66 -18.44 31.01
CA THR A 495 11.74 -18.33 32.48
C THR A 495 12.40 -19.54 33.11
N LEU A 496 12.61 -20.63 32.36
CA LEU A 496 13.01 -21.89 32.96
C LEU A 496 14.52 -21.95 33.11
N GLY A 497 15.23 -20.93 32.65
CA GLY A 497 16.65 -20.79 32.87
C GLY A 497 17.56 -21.75 32.15
N LYS A 498 17.09 -22.36 31.05
CA LYS A 498 17.90 -23.22 30.17
C LYS A 498 18.02 -22.56 28.83
N PRO A 499 19.14 -22.73 28.14
CA PRO A 499 19.29 -22.12 26.79
C PRO A 499 18.25 -22.62 25.80
N VAL A 500 17.74 -21.73 24.94
CA VAL A 500 16.60 -22.07 24.06
C VAL A 500 16.95 -21.84 22.56
N VAL A 501 16.76 -22.86 21.70
CA VAL A 501 16.81 -22.66 20.26
C VAL A 501 15.38 -22.71 19.80
N ILE A 502 14.93 -21.68 19.08
CA ILE A 502 13.61 -21.74 18.44
C ILE A 502 13.76 -22.16 16.96
N THR A 503 13.05 -23.20 16.58
CA THR A 503 12.97 -23.67 15.22
C THR A 503 11.58 -23.32 14.76
N LEU A 504 11.53 -22.36 13.84
CA LEU A 504 10.29 -21.77 13.34
C LEU A 504 9.91 -22.32 11.93
N PHE A 505 8.66 -22.72 11.80
CA PHE A 505 8.09 -23.25 10.57
C PHE A 505 6.92 -22.36 10.17
N ASN A 506 6.92 -21.94 8.91
CA ASN A 506 6.06 -20.88 8.49
C ASN A 506 6.20 -20.62 6.98
N GLY A 507 5.16 -19.97 6.43
CA GLY A 507 5.01 -19.72 4.98
C GLY A 507 5.18 -18.27 4.58
N ARG A 508 5.47 -17.39 5.55
CA ARG A 508 5.57 -15.92 5.33
C ARG A 508 6.46 -15.36 6.37
N PRO A 509 7.05 -14.17 6.12
CA PRO A 509 7.59 -13.38 7.22
C PRO A 509 6.59 -13.18 8.27
N LEU A 510 7.04 -13.23 9.50
CA LEU A 510 6.23 -12.95 10.68
C LEU A 510 6.93 -11.90 11.57
N GLU A 511 6.20 -11.40 12.54
CA GLU A 511 6.75 -10.58 13.62
C GLU A 511 7.48 -11.55 14.58
N VAL A 512 8.79 -11.59 14.46
CA VAL A 512 9.62 -12.46 15.34
C VAL A 512 10.43 -11.71 16.41
N LYS A 513 10.29 -10.39 16.55
CA LYS A 513 11.10 -9.69 17.54
C LYS A 513 11.00 -10.34 18.93
N GLU A 514 9.78 -10.56 19.37
CA GLU A 514 9.55 -11.22 20.69
C GLU A 514 10.16 -12.63 20.81
N LEU A 515 10.38 -13.30 19.67
CA LEU A 515 10.91 -14.66 19.66
C LEU A 515 12.44 -14.54 19.76
N ALA A 516 13.03 -13.65 18.95
CA ALA A 516 14.45 -13.34 19.13
C ALA A 516 14.81 -12.92 20.55
N GLU A 517 13.97 -12.12 21.19
CA GLU A 517 14.29 -11.67 22.55
C GLU A 517 14.05 -12.78 23.63
N SER A 518 13.33 -13.82 23.29
CA SER A 518 12.88 -14.84 24.24
C SER A 518 13.74 -16.12 24.16
N SER A 519 14.73 -16.11 23.27
CA SER A 519 15.55 -17.28 22.98
C SER A 519 16.99 -16.89 22.75
N ASP A 520 17.84 -17.91 22.72
CA ASP A 520 19.29 -17.70 22.46
C ASP A 520 19.65 -17.89 21.00
N ALA A 521 18.91 -18.75 20.33
CA ALA A 521 19.10 -19.04 18.87
C ALA A 521 17.74 -19.10 18.23
N LEU A 522 17.71 -18.77 16.94
CA LEU A 522 16.47 -18.75 16.16
C LEU A 522 16.81 -19.16 14.74
N LEU A 523 16.16 -20.23 14.28
CA LEU A 523 16.41 -20.87 13.02
C LEU A 523 15.11 -20.94 12.25
N GLU A 524 15.12 -20.28 11.09
CA GLU A 524 13.98 -20.21 10.20
C GLU A 524 14.07 -21.36 9.23
N LEU A 525 13.25 -22.36 9.43
CA LEU A 525 13.16 -23.48 8.49
C LEU A 525 12.16 -23.37 7.36
N TRP A 526 11.27 -22.36 7.45
CA TRP A 526 10.16 -22.19 6.55
C TRP A 526 9.41 -23.52 6.64
N PHE A 527 8.94 -24.06 5.54
CA PHE A 527 8.49 -25.44 5.51
C PHE A 527 9.39 -26.21 4.53
N PRO A 528 10.26 -27.12 5.01
CA PRO A 528 11.27 -27.75 4.18
C PRO A 528 10.85 -28.88 3.24
N GLY A 529 9.67 -29.44 3.46
CA GLY A 529 9.15 -30.51 2.63
C GLY A 529 9.36 -31.87 3.32
N THR A 530 9.44 -32.90 2.47
CA THR A 530 9.43 -34.30 2.92
C THR A 530 10.48 -34.58 4.06
N GLU A 531 11.65 -33.97 3.91
CA GLU A 531 12.77 -34.26 4.81
C GLU A 531 12.87 -33.33 6.00
N ALA A 532 11.78 -32.60 6.27
CA ALA A 532 11.75 -31.55 7.31
C ALA A 532 12.51 -31.81 8.65
N GLY A 533 12.28 -32.92 9.31
CA GLY A 533 12.99 -33.09 10.58
C GLY A 533 14.45 -33.43 10.40
N ARG A 534 14.86 -34.03 9.26
CA ARG A 534 16.30 -34.30 9.04
C ARG A 534 17.03 -32.98 8.70
N VAL A 535 16.41 -32.17 7.86
CA VAL A 535 16.91 -30.82 7.67
C VAL A 535 17.15 -30.18 9.05
N THR A 536 16.13 -30.20 9.88
CA THR A 536 16.21 -29.58 11.20
C THR A 536 17.37 -30.18 12.08
N ALA A 537 17.41 -31.50 12.19
CA ALA A 537 18.48 -32.18 13.00
C ALA A 537 19.92 -31.98 12.46
N ASP A 538 20.12 -32.07 11.14
CA ASP A 538 21.44 -31.83 10.57
C ASP A 538 21.91 -30.37 10.86
N LEU A 539 21.00 -29.40 10.77
CA LEU A 539 21.45 -28.00 11.00
C LEU A 539 21.80 -27.74 12.49
N LEU A 540 20.92 -28.18 13.37
CA LEU A 540 21.09 -28.05 14.84
C LEU A 540 22.34 -28.76 15.38
N SER A 541 22.61 -29.95 14.84
CA SER A 541 23.84 -30.72 15.18
C SER A 541 25.15 -30.24 14.54
N GLY A 542 25.10 -29.45 13.47
CA GLY A 542 26.36 -29.05 12.85
C GLY A 542 26.75 -29.94 11.64
N ALA A 543 26.04 -31.05 11.42
CA ALA A 543 26.31 -31.90 10.29
C ALA A 543 26.08 -31.07 9.03
N SER A 544 25.08 -30.16 8.99
CA SER A 544 25.10 -29.09 7.96
C SER A 544 25.22 -27.79 8.64
N ASN A 545 25.74 -26.79 7.90
CA ASN A 545 26.04 -25.49 8.46
C ASN A 545 25.14 -24.49 7.76
N PRO A 546 24.30 -23.78 8.53
CA PRO A 546 23.25 -22.95 7.86
C PRO A 546 23.84 -22.00 6.87
N SER A 547 23.24 -21.84 5.69
CA SER A 547 23.79 -20.96 4.67
C SER A 547 22.79 -20.09 3.94
N GLY A 548 21.52 -20.13 4.34
CA GLY A 548 20.44 -19.41 3.64
C GLY A 548 20.42 -17.94 4.09
N LYS A 549 19.92 -17.06 3.21
CA LYS A 549 19.78 -15.60 3.47
C LYS A 549 18.36 -15.16 3.21
N LEU A 550 17.85 -14.17 3.90
CA LEU A 550 16.45 -13.78 3.69
C LEU A 550 16.31 -13.25 2.30
N SER A 551 15.32 -13.73 1.58
CA SER A 551 14.95 -13.12 0.28
C SER A 551 13.72 -12.18 0.38
N MET A 552 13.26 -11.98 1.63
CA MET A 552 12.16 -11.13 1.96
C MET A 552 12.40 -10.51 3.33
N SER A 553 12.18 -9.20 3.45
CA SER A 553 12.39 -8.49 4.69
C SER A 553 11.41 -8.95 5.81
N PHE A 554 11.89 -8.99 7.04
CA PHE A 554 11.09 -9.36 8.22
C PHE A 554 10.75 -8.04 8.93
N PRO A 555 9.51 -7.57 8.79
CA PRO A 555 9.09 -6.33 9.42
C PRO A 555 9.22 -6.26 10.97
N GLN A 556 9.48 -5.06 11.49
CA GLN A 556 9.32 -4.73 12.89
C GLN A 556 7.96 -5.07 13.45
N THR A 557 6.94 -4.76 12.67
CA THR A 557 5.53 -4.91 13.05
C THR A 557 4.65 -4.83 11.79
N THR A 558 3.45 -5.40 11.82
CA THR A 558 2.55 -5.43 10.64
C THR A 558 2.48 -4.05 10.00
N GLY A 559 2.39 -3.00 10.83
CA GLY A 559 2.17 -1.67 10.31
C GLY A 559 3.33 -1.01 9.62
N GLN A 560 4.48 -1.68 9.57
CA GLN A 560 5.62 -1.19 8.77
C GLN A 560 5.53 -1.62 7.29
N ILE A 561 4.62 -2.54 6.97
CA ILE A 561 4.47 -3.05 5.62
C ILE A 561 3.92 -1.96 4.63
N PRO A 562 4.51 -1.86 3.41
CA PRO A 562 5.63 -2.62 2.88
C PRO A 562 6.95 -2.05 3.29
N VAL A 563 7.87 -2.96 3.57
CA VAL A 563 9.25 -2.59 3.90
C VAL A 563 10.12 -3.51 3.08
N TYR A 564 11.12 -2.93 2.43
CA TYR A 564 11.89 -3.70 1.41
C TYR A 564 13.26 -3.03 1.19
N TYR A 565 14.28 -3.83 0.90
CA TYR A 565 15.66 -3.27 0.82
C TYR A 565 15.83 -2.24 -0.35
N ASN A 566 15.14 -2.49 -1.48
CA ASN A 566 15.26 -1.67 -2.67
C ASN A 566 14.35 -0.47 -2.73
N HIS A 567 14.46 0.36 -1.71
CA HIS A 567 13.55 1.48 -1.52
C HIS A 567 14.19 2.80 -1.97
N LEU A 568 13.34 3.78 -2.18
CA LEU A 568 13.76 5.08 -2.60
C LEU A 568 14.22 5.84 -1.39
N ARG A 569 14.97 6.88 -1.69
CA ARG A 569 15.63 7.63 -0.67
C ARG A 569 14.74 8.60 0.08
N THR A 570 13.72 9.12 -0.63
CA THR A 570 12.91 10.26 -0.20
C THR A 570 13.73 11.56 -0.18
N GLY A 571 13.00 12.65 -0.02
CA GLY A 571 13.54 13.95 0.09
C GLY A 571 14.15 14.26 1.43
N ARG A 572 13.82 13.45 2.44
CA ARG A 572 14.25 13.71 3.82
C ARG A 572 14.70 12.42 4.53
N PRO A 573 15.72 11.73 3.97
CA PRO A 573 16.19 10.48 4.53
C PRO A 573 16.63 10.66 5.96
N GLN A 574 16.39 9.64 6.77
CA GLN A 574 16.94 9.61 8.11
C GLN A 574 18.40 9.13 7.90
N THR A 575 19.34 9.89 8.45
CA THR A 575 20.75 9.57 8.42
C THR A 575 21.23 9.36 9.86
N PRO A 576 22.34 8.63 10.01
CA PRO A 576 22.91 8.64 11.35
C PRO A 576 23.21 10.08 11.87
N GLU A 577 23.33 11.07 10.98
CA GLU A 577 23.64 12.47 11.36
C GLU A 577 22.41 13.37 11.53
N ASN A 578 21.20 12.81 11.47
CA ASN A 578 19.96 13.54 11.91
C ASN A 578 19.04 12.72 12.79
N LYS A 579 19.57 11.65 13.40
CA LYS A 579 18.97 10.99 14.57
C LYS A 579 18.17 11.98 15.37
N GLY A 580 16.91 11.65 15.64
CA GLY A 580 16.13 12.42 16.60
C GLY A 580 15.56 13.74 16.17
N GLU A 581 15.97 14.28 15.02
CA GLU A 581 15.24 15.38 14.39
C GLU A 581 13.82 14.87 14.12
N ARG A 582 12.84 15.74 14.37
CA ARG A 582 11.43 15.49 14.08
C ARG A 582 11.19 15.44 12.56
N TYR A 583 11.65 16.45 11.82
CA TYR A 583 11.20 16.55 10.40
C TYR A 583 12.02 15.73 9.40
N VAL A 584 12.01 14.41 9.57
CA VAL A 584 12.70 13.49 8.65
C VAL A 584 11.78 12.27 8.48
N SER A 585 12.06 11.43 7.49
CA SER A 585 11.24 10.26 7.24
C SER A 585 11.49 9.20 8.31
N HIS A 586 10.48 9.03 9.14
CA HIS A 586 10.58 8.07 10.26
C HIS A 586 9.25 7.83 10.86
N TYR A 587 9.18 6.80 11.69
CA TYR A 587 8.06 6.56 12.57
C TYR A 587 8.36 6.98 14.00
N LEU A 588 7.31 7.39 14.69
CA LEU A 588 7.42 7.67 16.13
C LEU A 588 7.60 6.42 16.98
N ASP A 589 7.07 5.27 16.54
CA ASP A 589 6.97 4.14 17.42
C ASP A 589 7.87 2.98 17.05
N ILE A 590 8.45 2.93 15.84
CA ILE A 590 9.34 1.83 15.42
C ILE A 590 10.51 2.35 14.60
N PRO A 591 11.59 1.57 14.46
CA PRO A 591 12.61 1.86 13.46
C PRO A 591 12.17 1.80 12.00
N ASN A 592 12.88 2.51 11.13
CA ASN A 592 12.61 2.47 9.67
C ASN A 592 13.08 1.12 9.12
N GLU A 593 14.11 0.54 9.73
CA GLU A 593 14.70 -0.68 9.25
C GLU A 593 13.74 -1.81 9.57
N PRO A 594 13.69 -2.82 8.68
CA PRO A 594 12.96 -4.04 9.07
C PRO A 594 13.69 -4.74 10.23
N PHE A 595 13.04 -5.67 10.89
CA PHE A 595 13.71 -6.34 12.00
C PHE A 595 14.94 -7.10 11.48
N TYR A 596 14.80 -7.75 10.32
CA TYR A 596 15.89 -8.42 9.61
C TYR A 596 15.75 -8.02 8.10
N PRO A 597 16.85 -7.58 7.48
CA PRO A 597 16.87 -7.15 6.09
C PRO A 597 17.10 -8.23 5.08
N PHE A 598 16.85 -7.86 3.81
CA PHE A 598 17.14 -8.75 2.68
C PHE A 598 18.62 -9.13 2.66
N GLY A 599 18.88 -10.39 2.34
CA GLY A 599 20.26 -10.89 2.23
C GLY A 599 20.94 -11.31 3.51
N TYR A 600 20.20 -11.23 4.65
CA TYR A 600 20.74 -11.56 5.99
C TYR A 600 20.58 -13.03 6.38
N GLY A 601 21.65 -13.60 6.94
CA GLY A 601 21.62 -15.00 7.43
C GLY A 601 22.98 -15.25 8.09
N LYS A 602 22.97 -15.97 9.19
CA LYS A 602 24.20 -16.28 9.85
C LYS A 602 24.78 -17.67 9.42
N SER A 603 25.96 -18.00 9.95
CA SER A 603 26.67 -19.26 9.64
C SER A 603 27.46 -19.68 10.91
N TYR A 604 27.82 -20.95 11.01
CA TYR A 604 28.76 -21.41 12.03
C TYR A 604 30.23 -21.08 11.64
N SER A 605 30.47 -20.69 10.40
CA SER A 605 31.76 -20.26 9.91
C SER A 605 31.96 -18.75 10.03
N GLU A 606 33.11 -18.24 9.60
CA GLU A 606 33.38 -16.79 9.63
C GLU A 606 34.14 -16.54 8.34
N PHE A 607 33.83 -15.48 7.63
CA PHE A 607 34.42 -15.32 6.28
C PHE A 607 34.98 -13.97 6.13
N GLU A 608 36.00 -13.82 5.28
CA GLU A 608 36.44 -12.47 4.95
C GLU A 608 36.47 -12.34 3.42
N LEU A 609 36.03 -11.17 2.97
CA LEU A 609 35.86 -10.84 1.58
C LEU A 609 36.78 -9.69 1.19
N LYS A 610 37.35 -9.74 0.01
CA LYS A 610 38.24 -8.71 -0.46
C LYS A 610 37.87 -8.52 -1.93
N THR A 611 37.54 -7.29 -2.32
CA THR A 611 37.11 -6.96 -3.67
C THR A 611 38.34 -6.45 -4.39
N SER A 612 38.61 -6.96 -5.58
CA SER A 612 39.80 -6.43 -6.34
C SER A 612 39.58 -5.01 -6.79
N SER A 613 40.68 -4.30 -7.00
CA SER A 613 40.63 -2.89 -7.38
C SER A 613 39.72 -2.74 -8.61
N LEU A 614 38.78 -1.80 -8.57
CA LEU A 614 37.84 -1.61 -9.64
C LEU A 614 38.21 -0.36 -10.40
N PRO A 615 37.85 -0.28 -11.70
CA PRO A 615 37.94 1.01 -12.41
C PRO A 615 37.19 2.15 -11.74
N LYS A 616 37.73 3.34 -11.90
CA LYS A 616 37.11 4.59 -11.46
C LYS A 616 36.09 5.15 -12.48
N GLU A 617 36.24 4.77 -13.73
CA GLU A 617 35.38 5.24 -14.81
C GLU A 617 35.01 4.11 -15.73
N LEU A 618 33.87 4.20 -16.35
CA LEU A 618 33.46 3.16 -17.25
C LEU A 618 32.78 3.88 -18.43
N ASN A 619 32.82 3.30 -19.62
CA ASN A 619 32.08 3.85 -20.76
C ASN A 619 30.64 3.41 -20.73
N LEU A 620 29.77 4.11 -21.43
CA LEU A 620 28.41 3.63 -21.60
C LEU A 620 28.39 2.34 -22.42
N GLY A 621 27.47 1.44 -22.09
CA GLY A 621 27.44 0.09 -22.64
C GLY A 621 28.55 -0.85 -22.18
N GLU A 622 29.48 -0.38 -21.38
CA GLU A 622 30.54 -1.24 -20.96
C GLU A 622 30.16 -2.01 -19.70
N SER A 623 30.58 -3.27 -19.61
CA SER A 623 30.38 -4.05 -18.39
C SER A 623 31.36 -3.65 -17.30
N LEU A 624 30.98 -3.93 -16.08
CA LEU A 624 31.89 -3.85 -14.97
C LEU A 624 32.17 -5.25 -14.49
N HIS A 625 33.46 -5.56 -14.35
CA HIS A 625 33.92 -6.83 -13.88
C HIS A 625 34.34 -6.71 -12.44
N VAL A 626 33.72 -7.51 -11.58
CA VAL A 626 33.88 -7.35 -10.12
C VAL A 626 34.46 -8.64 -9.63
N GLU A 627 35.64 -8.58 -9.02
CA GLU A 627 36.41 -9.79 -8.62
C GLU A 627 36.51 -9.79 -7.11
N VAL A 628 36.12 -10.90 -6.53
CA VAL A 628 35.99 -10.97 -5.09
C VAL A 628 36.65 -12.25 -4.58
N THR A 629 37.48 -12.06 -3.57
CA THR A 629 38.25 -13.11 -2.95
C THR A 629 37.67 -13.32 -1.58
N ILE A 630 37.31 -14.56 -1.30
CA ILE A 630 36.66 -14.86 -0.04
C ILE A 630 37.42 -15.97 0.63
N LYS A 631 37.63 -15.83 1.93
CA LYS A 631 38.37 -16.78 2.75
C LYS A 631 37.50 -17.22 3.94
N ASN A 632 37.38 -18.54 4.15
CA ASN A 632 36.80 -19.04 5.39
C ASN A 632 37.88 -19.04 6.48
N ILE A 633 37.72 -18.16 7.47
CA ILE A 633 38.77 -17.92 8.42
C ILE A 633 38.52 -18.65 9.74
N SER A 634 37.61 -19.60 9.73
CA SER A 634 37.32 -20.34 10.94
C SER A 634 37.66 -21.79 10.71
N ASP A 635 37.32 -22.62 11.69
CA ASP A 635 37.66 -23.99 11.66
C ASP A 635 36.52 -24.87 11.19
N ILE A 636 35.54 -24.27 10.52
CA ILE A 636 34.27 -24.92 10.23
C ILE A 636 33.98 -24.74 8.76
N ALA A 637 33.65 -25.81 8.06
CA ALA A 637 33.42 -25.75 6.62
C ALA A 637 32.03 -25.08 6.46
N GLY A 638 31.89 -24.26 5.43
CA GLY A 638 30.67 -23.52 5.33
C GLY A 638 30.56 -22.79 4.05
N LYS A 639 29.35 -22.31 3.79
CA LYS A 639 29.03 -21.55 2.60
C LYS A 639 28.56 -20.15 2.92
N GLU A 640 28.98 -19.22 2.08
CA GLU A 640 28.59 -17.82 2.16
C GLU A 640 27.99 -17.38 0.84
N VAL A 641 27.15 -16.36 0.89
CA VAL A 641 26.49 -15.79 -0.30
C VAL A 641 27.07 -14.40 -0.52
N ILE A 642 27.96 -14.32 -1.50
CA ILE A 642 28.46 -13.05 -1.95
C ILE A 642 27.37 -12.38 -2.78
N GLN A 643 27.07 -11.12 -2.47
CA GLN A 643 26.02 -10.34 -3.11
C GLN A 643 26.63 -9.03 -3.60
N VAL A 644 26.34 -8.68 -4.85
CA VAL A 644 26.74 -7.38 -5.42
C VAL A 644 25.48 -6.55 -5.74
N TYR A 645 25.47 -5.31 -5.27
CA TYR A 645 24.39 -4.38 -5.51
C TYR A 645 24.92 -3.15 -6.24
N LEU A 646 24.04 -2.50 -6.95
CA LEU A 646 24.31 -1.25 -7.63
C LEU A 646 23.32 -0.14 -7.19
N GLN A 647 23.83 1.09 -7.03
CA GLN A 647 22.96 2.26 -6.92
C GLN A 647 23.29 3.30 -7.98
N ASP A 648 22.22 3.85 -8.56
CA ASP A 648 22.31 4.99 -9.46
C ASP A 648 22.03 6.20 -8.61
N VAL A 649 23.08 6.98 -8.36
CA VAL A 649 23.03 8.03 -7.38
C VAL A 649 22.11 9.19 -7.78
N THR A 650 22.15 9.56 -9.05
CA THR A 650 21.30 10.63 -9.60
C THR A 650 20.71 10.21 -10.90
N ALA A 651 19.40 10.43 -11.09
CA ALA A 651 18.76 10.04 -12.31
C ALA A 651 17.50 10.85 -12.65
N SER A 652 17.02 10.66 -13.88
CA SER A 652 15.78 11.31 -14.36
C SER A 652 14.52 10.71 -13.66
N ILE A 653 14.71 9.64 -12.92
CA ILE A 653 13.71 8.99 -12.06
C ILE A 653 14.44 8.67 -10.76
N SER A 654 13.76 8.77 -9.62
CA SER A 654 14.35 8.53 -8.34
C SER A 654 14.56 7.03 -8.24
N ARG A 655 15.80 6.65 -8.00
CA ARG A 655 16.25 5.26 -8.12
C ARG A 655 16.50 4.65 -6.74
N PRO A 656 16.33 3.34 -6.64
CA PRO A 656 16.50 2.69 -5.35
C PRO A 656 17.91 2.90 -4.81
N VAL A 657 18.02 2.90 -3.48
CA VAL A 657 19.31 3.08 -2.79
C VAL A 657 20.27 1.93 -3.09
N LYS A 658 19.72 0.75 -3.39
CA LYS A 658 20.49 -0.41 -3.81
C LYS A 658 19.56 -1.31 -4.61
N GLU A 659 20.14 -2.05 -5.56
CA GLU A 659 19.49 -3.21 -6.19
C GLU A 659 20.51 -4.31 -6.36
N LEU A 660 20.09 -5.53 -6.07
CA LEU A 660 20.91 -6.67 -6.28
C LEU A 660 21.09 -6.91 -7.80
N LYS A 661 22.35 -7.15 -8.19
CA LYS A 661 22.63 -7.43 -9.62
C LYS A 661 23.48 -8.65 -9.92
N ALA A 662 24.05 -9.26 -8.88
CA ALA A 662 24.77 -10.51 -8.94
C ALA A 662 24.82 -11.10 -7.54
N PHE A 663 24.94 -12.43 -7.53
CA PHE A 663 25.03 -13.19 -6.31
C PHE A 663 25.62 -14.54 -6.65
N GLU A 664 26.40 -15.10 -5.71
CA GLU A 664 26.91 -16.46 -5.77
C GLU A 664 27.15 -17.02 -4.39
N LYS A 665 26.64 -18.23 -4.19
CA LYS A 665 26.93 -18.96 -2.96
C LYS A 665 28.27 -19.72 -3.13
N VAL A 666 29.20 -19.48 -2.20
CA VAL A 666 30.60 -19.99 -2.32
C VAL A 666 30.90 -21.00 -1.21
N ALA A 667 31.20 -22.23 -1.57
CA ALA A 667 31.48 -23.25 -0.53
C ALA A 667 33.00 -23.31 -0.20
N LEU A 668 33.32 -23.27 1.09
CA LEU A 668 34.69 -23.19 1.54
C LEU A 668 34.97 -24.08 2.72
N GLN A 669 36.03 -24.89 2.61
CA GLN A 669 36.55 -25.68 3.73
C GLN A 669 37.22 -24.75 4.69
N ALA A 670 37.50 -25.21 5.92
CA ALA A 670 38.14 -24.33 6.91
C ALA A 670 39.41 -23.80 6.30
N GLY A 671 39.75 -22.55 6.55
CA GLY A 671 40.92 -21.93 5.92
C GLY A 671 40.97 -21.84 4.40
N GLU A 672 39.98 -22.32 3.64
CA GLU A 672 40.05 -22.27 2.16
C GLU A 672 39.69 -20.91 1.60
N GLU A 673 40.30 -20.55 0.48
CA GLU A 673 40.12 -19.27 -0.19
C GLU A 673 39.69 -19.48 -1.65
N LYS A 674 38.73 -18.70 -2.13
CA LYS A 674 38.38 -18.69 -3.54
C LYS A 674 38.27 -17.31 -4.09
N THR A 675 38.42 -17.19 -5.40
CA THR A 675 38.10 -15.94 -6.09
C THR A 675 36.97 -16.21 -7.04
N VAL A 676 35.96 -15.34 -7.04
CA VAL A 676 34.90 -15.38 -8.05
C VAL A 676 34.75 -14.00 -8.63
N THR A 677 34.30 -13.98 -9.86
CA THR A 677 34.23 -12.73 -10.61
C THR A 677 32.80 -12.58 -11.04
N PHE A 678 32.33 -11.36 -11.14
CA PHE A 678 30.93 -11.10 -11.52
C PHE A 678 31.00 -10.15 -12.72
N GLU A 679 30.16 -10.32 -13.75
CA GLU A 679 30.05 -9.27 -14.80
C GLU A 679 28.73 -8.52 -14.64
N LEU A 680 28.83 -7.24 -14.35
CA LEU A 680 27.60 -6.40 -14.33
C LEU A 680 27.52 -5.77 -15.71
N THR A 681 26.67 -6.28 -16.60
CA THR A 681 26.56 -5.69 -17.91
C THR A 681 25.88 -4.30 -17.77
N SER A 682 25.87 -3.58 -18.87
CA SER A 682 25.29 -2.25 -18.89
C SER A 682 23.77 -2.31 -18.66
N GLU A 683 23.19 -3.46 -18.97
CA GLU A 683 21.82 -3.72 -18.60
C GLU A 683 21.63 -3.50 -17.06
N ALA A 684 22.59 -3.92 -16.25
CA ALA A 684 22.53 -3.67 -14.80
C ALA A 684 22.51 -2.21 -14.41
N PHE A 685 23.01 -1.29 -15.26
CA PHE A 685 23.06 0.15 -14.96
C PHE A 685 21.86 0.87 -15.57
N SER A 686 20.98 0.13 -16.24
CA SER A 686 19.83 0.71 -16.99
C SER A 686 18.47 0.68 -16.24
N PHE A 687 17.54 1.52 -16.66
CA PHE A 687 16.22 1.63 -16.01
C PHE A 687 15.23 2.24 -16.96
N TYR A 688 13.96 2.18 -16.55
CA TYR A 688 12.87 2.68 -17.34
C TYR A 688 12.64 4.11 -16.97
N ASN A 689 12.69 5.00 -17.95
CA ASN A 689 12.51 6.40 -17.66
C ASN A 689 11.04 6.77 -17.71
N HIS A 690 10.74 8.06 -17.51
CA HIS A 690 9.31 8.44 -17.43
C HIS A 690 8.58 8.27 -18.77
N GLN A 691 9.32 8.17 -19.84
CA GLN A 691 8.77 7.94 -21.14
C GLN A 691 8.59 6.43 -21.44
N LEU A 692 8.91 5.57 -20.46
CA LEU A 692 8.95 4.09 -20.60
C LEU A 692 10.06 3.49 -21.54
N GLU A 693 11.09 4.28 -21.80
CA GLU A 693 12.23 3.77 -22.50
C GLU A 693 13.23 3.11 -21.54
N LYS A 694 13.81 1.97 -21.96
CA LYS A 694 14.91 1.35 -21.23
C LYS A 694 16.15 2.18 -21.56
N VAL A 695 16.69 2.89 -20.56
CA VAL A 695 17.86 3.81 -20.76
C VAL A 695 19.08 3.59 -19.86
N GLN A 696 20.24 3.98 -20.37
CA GLN A 696 21.45 4.16 -19.55
C GLN A 696 21.84 5.62 -19.65
N GLU A 697 21.91 6.24 -18.49
CA GLU A 697 22.34 7.62 -18.38
C GLU A 697 23.73 7.69 -17.84
N PRO A 698 24.54 8.65 -18.36
CA PRO A 698 25.87 8.81 -17.77
C PRO A 698 25.72 9.38 -16.37
N GLY A 699 26.68 9.02 -15.52
CA GLY A 699 26.74 9.52 -14.15
C GLY A 699 27.36 8.56 -13.14
N LEU A 700 27.19 8.90 -11.86
CA LEU A 700 27.79 8.21 -10.78
C LEU A 700 26.95 6.99 -10.34
N HIS A 701 27.62 5.85 -10.15
CA HIS A 701 27.01 4.66 -9.52
C HIS A 701 27.88 4.23 -8.38
N ARG A 702 27.25 3.55 -7.43
CA ARG A 702 27.90 2.91 -6.34
C ARG A 702 27.69 1.43 -6.43
N VAL A 703 28.74 0.69 -6.10
CA VAL A 703 28.80 -0.72 -6.14
C VAL A 703 29.06 -1.17 -4.70
N PHE A 704 28.21 -2.06 -4.21
CA PHE A 704 28.31 -2.59 -2.89
C PHE A 704 28.60 -4.07 -3.02
N VAL A 705 29.60 -4.53 -2.30
CA VAL A 705 29.94 -5.93 -2.30
C VAL A 705 29.90 -6.44 -0.87
N GLY A 706 29.21 -7.55 -0.62
CA GLY A 706 29.15 -8.04 0.77
C GLY A 706 28.32 -9.29 0.97
N THR A 707 27.79 -9.48 2.18
CA THR A 707 27.12 -10.71 2.58
C THR A 707 25.64 -10.47 3.07
N SER A 708 25.16 -9.23 2.99
CA SER A 708 23.74 -8.89 3.06
C SER A 708 23.52 -7.54 2.38
N SER A 709 22.29 -7.03 2.35
CA SER A 709 22.04 -5.74 1.79
C SER A 709 22.61 -4.62 2.69
N GLU A 710 22.97 -4.93 3.93
CA GLU A 710 23.55 -3.99 4.87
C GLU A 710 24.98 -4.32 5.22
N ASP A 711 25.46 -5.52 5.00
CA ASP A 711 26.89 -5.86 5.32
C ASP A 711 27.77 -5.86 4.06
N VAL A 712 28.23 -4.68 3.67
CA VAL A 712 28.79 -4.42 2.32
C VAL A 712 29.98 -3.43 2.37
N ASP A 713 30.92 -3.53 1.42
CA ASP A 713 31.87 -2.44 1.22
C ASP A 713 31.37 -1.71 -0.03
N VAL A 714 31.64 -0.41 -0.11
CA VAL A 714 31.06 0.46 -1.14
C VAL A 714 32.15 1.08 -2.02
N PHE A 715 31.91 1.12 -3.34
CA PHE A 715 32.85 1.67 -4.31
C PHE A 715 32.10 2.56 -5.28
N GLU A 716 32.81 3.51 -5.93
CA GLU A 716 32.22 4.50 -6.83
C GLU A 716 32.78 4.34 -8.22
N VAL A 717 31.88 4.43 -9.21
CA VAL A 717 32.20 4.31 -10.65
C VAL A 717 31.44 5.38 -11.36
N GLU A 718 32.18 6.18 -12.12
CA GLU A 718 31.61 7.24 -12.88
C GLU A 718 31.43 6.73 -14.29
N VAL A 719 30.16 6.67 -14.72
CA VAL A 719 29.83 6.23 -16.09
C VAL A 719 29.67 7.40 -17.06
N GLY A 720 30.35 7.32 -18.20
CA GLY A 720 30.13 8.27 -19.29
C GLY A 720 30.95 8.04 -20.54
N GLY A 721 31.24 9.10 -21.27
CA GLY A 721 32.10 9.02 -22.45
C GLY A 721 31.26 8.61 -23.61
N TYR A 722 31.77 7.64 -24.36
CA TYR A 722 31.15 7.13 -25.56
C TYR A 722 30.50 5.81 -25.29
N VAL A 723 29.85 5.26 -26.28
CA VAL A 723 29.04 4.03 -26.07
C VAL A 723 29.69 2.80 -26.67
N LEU A 724 29.87 1.77 -25.83
CA LEU A 724 30.13 0.29 -26.06
C LEU A 724 31.30 -0.30 -25.34
N MET B 1 -2.85 48.58 -8.76
CA MET B 1 -2.32 49.38 -9.91
C MET B 1 -2.48 48.64 -11.26
N GLU B 2 -2.40 49.41 -12.34
CA GLU B 2 -2.66 48.91 -13.69
C GLU B 2 -1.69 47.82 -14.07
N GLN B 3 -2.18 46.87 -14.89
CA GLN B 3 -1.36 45.77 -15.40
C GLN B 3 -0.06 46.24 -16.07
N GLU B 4 -0.15 47.34 -16.79
CA GLU B 4 1.01 47.89 -17.50
C GLU B 4 2.15 48.26 -16.56
N LYS B 5 1.83 48.91 -15.44
CA LYS B 5 2.85 49.24 -14.45
C LYS B 5 3.41 47.97 -13.80
N VAL B 6 2.60 46.93 -13.73
CA VAL B 6 3.13 45.67 -13.18
C VAL B 6 4.25 45.16 -14.12
N GLN B 7 3.89 45.06 -15.39
CA GLN B 7 4.84 44.69 -16.47
C GLN B 7 6.11 45.52 -16.51
N GLU B 8 5.94 46.82 -16.36
CA GLU B 8 7.05 47.76 -16.37
C GLU B 8 8.08 47.46 -15.30
N LEU B 9 7.54 47.19 -14.12
CA LEU B 9 8.31 46.85 -12.95
C LEU B 9 9.29 45.69 -13.25
N VAL B 10 8.78 44.63 -13.88
CA VAL B 10 9.60 43.49 -14.29
C VAL B 10 10.71 43.91 -15.25
N SER B 11 10.35 44.74 -16.24
CA SER B 11 11.32 45.28 -17.24
C SER B 11 12.45 45.99 -16.55
N GLN B 12 12.10 46.71 -15.48
CA GLN B 12 13.08 47.55 -14.74
C GLN B 12 13.97 46.84 -13.76
N MET B 13 13.63 45.60 -13.38
CA MET B 13 14.34 44.93 -12.31
C MET B 13 15.66 44.45 -12.85
N THR B 14 16.70 44.38 -12.05
CA THR B 14 17.91 43.74 -12.47
C THR B 14 17.64 42.21 -12.41
N LEU B 15 18.48 41.47 -13.09
CA LEU B 15 18.62 40.03 -12.92
C LEU B 15 18.75 39.56 -11.44
N ASP B 16 19.58 40.23 -10.65
CA ASP B 16 19.67 39.87 -9.25
C ASP B 16 18.37 40.15 -8.47
N GLU B 17 17.67 41.22 -8.83
CA GLU B 17 16.40 41.55 -8.16
C GLU B 17 15.34 40.50 -8.52
N LYS B 18 15.37 40.07 -9.77
CA LYS B 18 14.42 39.06 -10.26
C LYS B 18 14.60 37.68 -9.57
N ILE B 19 15.85 37.27 -9.40
CA ILE B 19 16.20 36.03 -8.72
C ILE B 19 15.76 36.04 -7.25
N ALA B 20 16.08 37.13 -6.53
CA ALA B 20 15.69 37.32 -5.13
C ALA B 20 14.14 37.34 -4.92
N GLN B 21 13.44 37.83 -5.93
CA GLN B 21 11.98 37.93 -5.84
C GLN B 21 11.44 36.50 -5.71
N CYS B 22 12.18 35.50 -6.19
CA CYS B 22 11.72 34.11 -6.09
C CYS B 22 12.20 33.41 -4.81
N LEU B 23 12.64 34.19 -3.81
CA LEU B 23 13.04 33.66 -2.46
C LEU B 23 12.11 34.02 -1.33
N GLN B 24 11.73 33.03 -0.50
CA GLN B 24 10.95 33.23 0.75
C GLN B 24 11.75 32.84 2.01
N LEU B 25 11.73 33.73 3.01
CA LEU B 25 12.49 33.57 4.23
C LEU B 25 11.64 33.75 5.48
N SER B 26 12.07 33.09 6.57
CA SER B 26 11.53 33.35 7.92
C SER B 26 11.75 34.82 8.34
N PRO B 27 10.89 35.34 9.26
CA PRO B 27 10.85 36.76 9.59
C PRO B 27 12.21 37.24 10.17
N PHE B 28 12.77 36.40 11.04
CA PHE B 28 14.01 36.72 11.74
C PHE B 28 15.25 36.73 10.85
N LEU B 29 15.12 36.56 9.54
CA LEU B 29 16.22 36.80 8.58
C LEU B 29 16.24 38.23 8.08
N PHE B 30 15.20 39.00 8.38
CA PHE B 30 15.05 40.35 7.84
C PHE B 30 15.31 41.37 8.93
N LYS B 31 15.83 42.53 8.54
CA LYS B 31 15.94 43.67 9.45
C LYS B 31 14.59 44.10 9.98
N GLY B 32 14.56 44.49 11.25
CA GLY B 32 13.34 45.06 11.84
C GLY B 32 12.31 44.04 12.30
N THR B 33 12.67 42.77 12.33
CA THR B 33 11.84 41.74 12.97
C THR B 33 11.86 42.00 14.48
N ASN B 34 10.71 41.94 15.13
CA ASN B 34 10.71 42.19 16.56
C ASN B 34 10.85 40.90 17.39
N LYS B 35 11.09 39.77 16.77
CA LYS B 35 11.20 38.51 17.54
C LYS B 35 12.29 37.64 16.94
N ASN B 36 12.98 36.90 17.81
CA ASN B 36 14.12 36.00 17.47
C ASN B 36 15.34 36.61 16.74
N ALA B 37 15.59 37.89 16.96
CA ALA B 37 16.71 38.59 16.29
C ALA B 37 18.12 38.02 16.55
N GLU B 38 18.29 37.25 17.62
CA GLU B 38 19.58 36.61 17.92
C GLU B 38 19.97 35.55 16.88
N LEU B 39 18.95 34.99 16.21
CA LEU B 39 19.11 33.95 15.18
C LEU B 39 19.59 34.53 13.86
N THR B 40 19.24 35.79 13.63
CA THR B 40 19.52 36.48 12.37
C THR B 40 20.97 36.31 11.84
N GLY B 41 21.96 36.76 12.62
CA GLY B 41 23.36 36.68 12.19
C GLY B 41 23.86 35.30 11.79
N PRO B 42 23.75 34.33 12.68
CA PRO B 42 24.23 32.99 12.34
C PRO B 42 23.59 32.30 11.13
N LEU B 43 22.27 32.43 10.99
CA LEU B 43 21.56 31.75 9.90
C LEU B 43 21.83 32.45 8.57
N LEU B 44 21.69 33.75 8.52
CA LEU B 44 22.19 34.48 7.36
C LEU B 44 23.57 33.90 6.96
N GLN B 45 24.43 33.69 7.95
CA GLN B 45 25.78 33.20 7.68
C GLN B 45 25.74 31.76 7.16
N GLU B 46 25.02 30.87 7.83
CA GLU B 46 24.86 29.51 7.36
C GLU B 46 24.25 29.38 5.96
N MET B 47 23.29 30.21 5.63
CA MET B 47 22.63 30.15 4.31
C MET B 47 23.35 31.00 3.23
N LYS B 48 24.37 31.75 3.68
CA LYS B 48 25.19 32.63 2.84
C LYS B 48 24.32 33.66 2.15
N LEU B 49 23.47 34.27 2.96
CA LEU B 49 22.63 35.36 2.53
C LEU B 49 23.29 36.70 2.89
N THR B 50 23.22 37.64 1.95
CA THR B 50 23.70 38.98 2.12
C THR B 50 22.49 39.90 2.24
N ASP B 51 22.71 41.17 2.53
CA ASP B 51 21.68 42.18 2.42
C ASP B 51 21.14 42.29 1.02
N ALA B 52 22.00 42.25 0.02
CA ALA B 52 21.49 42.34 -1.35
C ALA B 52 20.44 41.19 -1.57
N HIS B 53 20.55 40.07 -0.86
CA HIS B 53 19.48 39.04 -0.95
C HIS B 53 18.23 39.39 -0.14
N THR B 54 18.39 39.70 1.14
CA THR B 54 17.25 39.93 2.03
C THR B 54 16.48 41.20 1.68
N GLU B 55 17.17 42.21 1.15
CA GLU B 55 16.50 43.44 0.72
C GLU B 55 15.74 43.30 -0.57
N ASN B 56 15.95 42.17 -1.26
CA ASN B 56 15.19 41.89 -2.49
C ASN B 56 14.38 40.60 -2.45
N ALA B 57 14.34 39.95 -1.29
CA ALA B 57 13.54 38.71 -1.13
C ALA B 57 12.08 38.93 -1.49
N GLY B 58 11.42 37.89 -1.98
CA GLY B 58 10.04 38.02 -2.46
C GLY B 58 9.03 37.95 -1.36
N SER B 59 9.27 37.18 -0.32
CA SER B 59 8.23 36.85 0.63
C SER B 59 8.72 36.50 2.01
N VAL B 60 7.84 36.70 2.99
CA VAL B 60 8.06 36.25 4.38
C VAL B 60 7.09 35.13 4.70
N LEU B 61 7.61 34.14 5.39
CA LEU B 61 6.84 33.02 5.89
C LEU B 61 6.88 32.99 7.42
N GLY B 62 5.69 32.89 8.02
CA GLY B 62 5.61 32.66 9.46
C GLY B 62 5.95 33.87 10.32
N SER B 63 5.59 35.08 9.87
CA SER B 63 5.62 36.27 10.75
C SER B 63 4.91 35.99 12.07
N SER B 64 5.36 36.59 13.18
CA SER B 64 4.83 36.21 14.51
C SER B 64 3.65 37.03 14.96
N SER B 65 3.42 38.17 14.31
CA SER B 65 2.47 39.18 14.78
C SER B 65 2.45 40.37 13.83
N ALA B 66 1.41 41.20 13.97
CA ALA B 66 1.26 42.44 13.19
C ALA B 66 2.50 43.34 13.27
N LEU B 67 3.18 43.31 14.41
CA LEU B 67 4.24 44.25 14.72
C LEU B 67 5.55 43.73 14.12
N ASP B 68 5.69 42.41 14.07
CA ASP B 68 6.73 41.73 13.29
C ASP B 68 6.56 42.13 11.80
N MET B 69 5.38 41.87 11.24
CA MET B 69 5.07 42.28 9.84
C MET B 69 5.40 43.77 9.54
N ILE B 70 4.92 44.63 10.41
CA ILE B 70 5.01 46.06 10.14
C ILE B 70 6.45 46.55 10.16
N GLY B 71 7.19 46.17 11.20
CA GLY B 71 8.62 46.53 11.32
C GLY B 71 9.45 46.01 10.15
N ILE B 72 9.09 44.82 9.67
CA ILE B 72 9.84 44.17 8.58
C ILE B 72 9.53 44.82 7.21
N GLN B 73 8.25 45.09 6.98
CA GLN B 73 7.84 45.72 5.75
C GLN B 73 8.34 47.15 5.69
N GLU B 74 8.37 47.84 6.83
CA GLU B 74 8.88 49.24 6.93
C GLU B 74 10.35 49.30 6.64
N ALA B 75 11.10 48.49 7.38
CA ALA B 75 12.56 48.43 7.14
C ALA B 75 12.89 48.02 5.72
N TYR B 76 12.12 47.06 5.18
CA TYR B 76 12.37 46.53 3.86
C TYR B 76 12.14 47.56 2.77
N LEU B 77 11.02 48.25 2.89
CA LEU B 77 10.63 49.29 1.94
C LEU B 77 11.54 50.51 1.99
N LYS B 78 12.12 50.82 3.15
CA LYS B 78 13.19 51.83 3.24
C LYS B 78 14.31 51.60 2.20
N THR B 79 14.73 50.35 2.03
CA THR B 79 15.92 50.02 1.23
C THR B 79 15.60 49.41 -0.14
N ASN B 80 14.36 48.97 -0.36
CA ASN B 80 14.02 48.41 -1.63
C ASN B 80 14.06 49.46 -2.75
N ARG B 81 14.90 49.24 -3.76
CA ARG B 81 15.05 50.22 -4.86
C ARG B 81 13.74 50.56 -5.59
N LEU B 82 12.97 49.59 -6.02
CA LEU B 82 11.73 49.92 -6.76
C LEU B 82 10.46 50.04 -5.90
N GLY B 83 10.56 49.79 -4.61
CA GLY B 83 9.36 49.78 -3.77
C GLY B 83 8.45 48.55 -3.97
N ILE B 84 9.01 47.37 -4.19
CA ILE B 84 8.13 46.16 -4.29
C ILE B 84 7.95 45.58 -2.90
N PRO B 85 6.75 45.64 -2.34
CA PRO B 85 6.61 45.14 -0.98
C PRO B 85 6.69 43.61 -0.87
N LEU B 86 7.02 43.15 0.33
CA LEU B 86 7.03 41.75 0.66
C LEU B 86 5.57 41.23 0.74
N VAL B 87 5.34 39.98 0.31
CA VAL B 87 4.12 39.22 0.66
C VAL B 87 4.41 38.28 1.87
N PHE B 88 3.50 38.27 2.82
CA PHE B 88 3.61 37.57 4.11
C PHE B 88 2.66 36.39 4.05
N MET B 89 3.19 35.21 4.28
CA MET B 89 2.36 34.00 4.22
C MET B 89 2.43 33.19 5.51
N ALA B 90 1.38 32.44 5.81
CA ALA B 90 1.32 31.71 7.08
C ALA B 90 0.49 30.43 7.02
N ASP B 91 0.68 29.59 8.03
CA ASP B 91 -0.06 28.36 8.14
C ASP B 91 -1.23 28.67 9.01
N VAL B 92 -2.35 29.05 8.40
CA VAL B 92 -3.61 29.15 9.11
C VAL B 92 -4.49 27.98 8.61
N ILE B 93 -4.45 26.90 9.38
CA ILE B 93 -4.94 25.57 8.91
C ILE B 93 -6.35 25.27 9.36
N HIS B 94 -6.61 25.51 10.63
CA HIS B 94 -8.01 25.36 11.13
C HIS B 94 -8.28 26.37 12.23
N GLY B 95 -7.96 27.62 11.90
CA GLY B 95 -8.04 28.68 12.83
C GLY B 95 -6.76 29.44 13.09
N TYR B 96 -6.91 30.72 13.40
CA TYR B 96 -5.76 31.55 13.83
C TYR B 96 -5.60 31.55 15.37
N LYS B 97 -6.23 32.48 16.10
CA LYS B 97 -6.23 32.41 17.56
C LYS B 97 -7.45 31.73 18.11
N THR B 98 -8.61 31.91 17.47
CA THR B 98 -9.79 31.08 17.71
C THR B 98 -9.55 29.79 16.91
N VAL B 99 -9.29 28.69 17.61
CA VAL B 99 -8.96 27.44 16.97
C VAL B 99 -10.23 26.63 16.83
N PHE B 100 -10.48 26.18 15.60
CA PHE B 100 -11.68 25.41 15.22
C PHE B 100 -11.22 23.95 15.18
N PRO B 101 -12.12 22.97 14.88
CA PRO B 101 -11.70 21.58 14.81
C PRO B 101 -10.74 21.34 13.68
N ILE B 102 -9.90 20.31 13.87
CA ILE B 102 -8.96 19.89 12.79
C ILE B 102 -9.71 19.60 11.51
N PRO B 103 -9.06 19.83 10.35
CA PRO B 103 -9.77 19.58 9.13
C PRO B 103 -10.39 18.16 8.99
N LEU B 104 -9.76 17.10 9.51
CA LEU B 104 -10.41 15.79 9.39
C LEU B 104 -11.79 15.82 10.14
N ALA B 105 -11.85 16.55 11.24
CA ALA B 105 -13.09 16.65 12.04
C ALA B 105 -14.12 17.45 11.24
N LEU B 106 -13.66 18.57 10.64
CA LEU B 106 -14.49 19.36 9.76
C LEU B 106 -15.08 18.50 8.63
N GLY B 107 -14.28 17.63 8.07
CA GLY B 107 -14.79 16.66 7.11
C GLY B 107 -16.00 15.94 7.65
N CYS B 108 -15.93 15.44 8.89
CA CYS B 108 -17.07 14.72 9.49
C CYS B 108 -18.40 15.51 9.67
N SER B 109 -18.33 16.86 9.71
CA SER B 109 -19.54 17.73 9.74
C SER B 109 -20.44 17.52 8.54
N PHE B 110 -19.81 17.17 7.41
CA PHE B 110 -20.46 17.12 6.10
C PHE B 110 -21.15 18.42 5.79
N ASP B 111 -20.60 19.53 6.30
CA ASP B 111 -21.33 20.79 6.30
C ASP B 111 -20.54 21.90 5.70
N ARG B 112 -20.83 22.18 4.42
CA ARG B 112 -20.07 23.18 3.65
C ARG B 112 -19.96 24.53 4.35
N GLU B 113 -21.06 24.99 4.95
CA GLU B 113 -21.15 26.31 5.61
C GLU B 113 -20.27 26.39 6.86
N THR B 114 -20.26 25.33 7.66
CA THR B 114 -19.39 25.22 8.79
C THR B 114 -17.93 25.47 8.39
N VAL B 115 -17.53 24.83 7.32
CA VAL B 115 -16.18 24.97 6.79
C VAL B 115 -15.91 26.39 6.28
N ARG B 116 -16.85 27.01 5.58
CA ARG B 116 -16.69 28.39 5.08
C ARG B 116 -16.51 29.37 6.23
N VAL B 117 -17.39 29.22 7.23
CA VAL B 117 -17.36 30.10 8.41
C VAL B 117 -16.01 29.94 9.09
N MET B 118 -15.58 28.70 9.32
CA MET B 118 -14.18 28.46 9.83
C MET B 118 -13.11 29.32 9.10
N ALA B 119 -13.19 29.29 7.76
CA ALA B 119 -12.19 29.94 6.96
C ALA B 119 -12.31 31.50 7.02
N GLU B 120 -13.56 31.96 7.03
CA GLU B 120 -13.85 33.38 7.19
C GLU B 120 -13.29 33.96 8.47
N VAL B 121 -13.54 33.28 9.57
CA VAL B 121 -13.03 33.70 10.85
C VAL B 121 -11.50 33.62 10.89
N SER B 122 -10.95 32.53 10.36
CA SER B 122 -9.50 32.37 10.29
C SER B 122 -8.89 33.57 9.57
N ALA B 123 -9.51 34.01 8.49
CA ALA B 123 -8.95 35.12 7.69
C ALA B 123 -9.13 36.48 8.40
N LEU B 124 -10.28 36.64 9.05
CA LEU B 124 -10.57 37.84 9.84
C LEU B 124 -9.39 38.05 10.80
N GLU B 125 -9.00 36.98 11.50
CA GLU B 125 -7.98 37.12 12.55
C GLU B 125 -6.55 37.20 12.01
N ALA B 126 -6.27 36.40 10.98
CA ALA B 126 -4.96 36.34 10.37
C ALA B 126 -4.60 37.68 9.70
N THR B 127 -5.57 38.27 9.01
CA THR B 127 -5.38 39.59 8.39
C THR B 127 -5.16 40.64 9.46
N ALA B 128 -5.87 40.46 10.58
CA ALA B 128 -5.73 41.37 11.71
C ALA B 128 -4.31 41.35 12.26
N ASP B 129 -3.59 40.25 12.03
CA ASP B 129 -2.18 40.12 12.45
C ASP B 129 -1.15 40.21 11.33
N GLY B 130 -1.55 40.80 10.20
CA GLY B 130 -0.58 41.06 9.12
C GLY B 130 -0.33 40.01 8.02
N HIS B 131 -1.01 38.87 8.09
CA HIS B 131 -0.84 37.81 7.09
C HIS B 131 -1.66 37.99 5.79
N HIS B 132 -1.04 37.75 4.64
CA HIS B 132 -1.71 37.95 3.32
C HIS B 132 -2.19 36.64 2.68
N VAL B 133 -1.47 35.53 2.95
CA VAL B 133 -1.76 34.24 2.34
C VAL B 133 -1.80 33.14 3.36
N THR B 134 -2.69 32.15 3.19
CA THR B 134 -2.66 31.01 4.06
C THR B 134 -2.37 29.75 3.33
N PHE B 135 -1.55 28.90 3.94
CA PHE B 135 -1.25 27.60 3.34
C PHE B 135 -2.34 26.61 3.62
N SER B 136 -3.50 26.91 3.04
CA SER B 136 -4.74 26.13 3.24
C SER B 136 -5.67 26.44 2.07
N PRO B 137 -6.43 25.43 1.60
CA PRO B 137 -6.66 24.10 2.15
C PRO B 137 -5.74 22.99 1.74
N MET B 138 -5.62 22.02 2.63
CA MET B 138 -4.87 20.80 2.32
C MET B 138 -5.90 19.80 1.74
N LEU B 139 -5.67 19.39 0.51
CA LEU B 139 -6.62 18.59 -0.29
C LEU B 139 -6.10 17.17 -0.71
N ASP B 140 -5.18 16.64 0.09
CA ASP B 140 -4.58 15.34 -0.17
C ASP B 140 -5.57 14.26 0.27
N LEU B 141 -6.06 13.49 -0.70
CA LEU B 141 -6.86 12.30 -0.43
C LEU B 141 -6.07 11.36 0.48
N VAL B 142 -6.77 10.83 1.49
CA VAL B 142 -6.16 9.97 2.53
C VAL B 142 -6.92 8.65 2.65
N ARG B 143 -6.15 7.57 2.62
CA ARG B 143 -6.62 6.16 2.88
C ARG B 143 -5.82 5.41 3.94
N ASP B 144 -4.92 6.12 4.60
CA ASP B 144 -3.87 5.46 5.44
C ASP B 144 -3.72 6.30 6.71
N PRO B 145 -4.44 5.91 7.76
CA PRO B 145 -4.39 6.65 9.02
C PRO B 145 -3.06 6.49 9.83
N ARG B 146 -2.13 5.66 9.38
CA ARG B 146 -0.83 5.70 9.98
C ARG B 146 -0.18 7.07 9.75
N TRP B 147 -0.52 7.74 8.65
CA TRP B 147 0.09 9.01 8.28
C TRP B 147 -0.39 10.10 9.20
N GLY B 148 0.52 10.85 9.77
CA GLY B 148 0.14 11.87 10.74
C GLY B 148 -0.69 13.02 10.17
N ARG B 149 -0.53 13.26 8.87
CA ARG B 149 -1.16 14.41 8.19
C ARG B 149 -2.60 14.11 7.77
N VAL B 150 -3.15 12.92 8.09
CA VAL B 150 -4.60 12.71 7.84
C VAL B 150 -5.42 13.78 8.55
N MET B 151 -4.89 14.31 9.65
CA MET B 151 -5.60 15.35 10.43
C MET B 151 -5.85 16.65 9.64
N GLU B 152 -5.05 16.90 8.62
CA GLU B 152 -5.17 18.10 7.75
C GLU B 152 -6.13 17.92 6.56
N SER B 153 -6.48 16.67 6.24
CA SER B 153 -7.34 16.32 5.13
C SER B 153 -8.79 16.17 5.61
N THR B 154 -9.76 16.28 4.71
CA THR B 154 -11.15 15.99 5.07
C THR B 154 -11.50 14.52 4.80
N GLY B 155 -10.54 13.72 4.35
CA GLY B 155 -10.69 12.26 4.40
C GLY B 155 -10.59 11.48 3.10
N GLU B 156 -11.21 10.31 3.04
CA GLU B 156 -11.07 9.36 1.93
C GLU B 156 -11.91 9.59 0.71
N ASP B 157 -12.80 10.57 0.71
CA ASP B 157 -13.64 10.78 -0.46
C ASP B 157 -13.30 12.01 -1.32
N PRO B 158 -12.92 11.80 -2.61
CA PRO B 158 -12.59 12.91 -3.47
C PRO B 158 -13.70 13.95 -3.61
N PHE B 159 -14.96 13.53 -3.66
CA PHE B 159 -16.06 14.48 -3.79
C PHE B 159 -16.26 15.32 -2.57
N LEU B 160 -16.35 14.68 -1.39
CA LEU B 160 -16.42 15.47 -0.18
C LEU B 160 -15.26 16.43 -0.12
N ASN B 161 -14.04 15.95 -0.37
CA ASN B 161 -12.88 16.83 -0.26
C ASN B 161 -12.94 18.01 -1.23
N SER B 162 -13.45 17.78 -2.41
CA SER B 162 -13.60 18.84 -3.39
C SER B 162 -14.56 19.90 -2.89
N GLU B 163 -15.69 19.43 -2.35
CA GLU B 163 -16.76 20.30 -2.00
C GLU B 163 -16.35 21.16 -0.81
N LEU B 164 -15.69 20.54 0.17
CA LEU B 164 -15.25 21.27 1.37
C LEU B 164 -14.04 22.15 1.04
N GLY B 165 -13.22 21.72 0.07
CA GLY B 165 -12.06 22.50 -0.42
C GLY B 165 -12.53 23.83 -1.03
N LYS B 166 -13.55 23.76 -1.88
CA LYS B 166 -14.24 24.97 -2.36
C LYS B 166 -14.78 25.87 -1.28
N ALA B 167 -15.55 25.30 -0.38
CA ALA B 167 -16.00 26.03 0.83
C ALA B 167 -14.91 26.79 1.55
N MET B 168 -13.75 26.13 1.72
CA MET B 168 -12.63 26.73 2.40
C MET B 168 -12.05 27.90 1.65
N VAL B 169 -11.79 27.73 0.35
CA VAL B 169 -11.34 28.81 -0.53
C VAL B 169 -12.34 29.98 -0.50
N ASP B 170 -13.61 29.69 -0.66
CA ASP B 170 -14.63 30.75 -0.58
C ASP B 170 -14.58 31.50 0.78
N GLY B 171 -14.45 30.76 1.89
CA GLY B 171 -14.38 31.42 3.18
C GLY B 171 -13.18 32.32 3.36
N TYR B 172 -11.97 31.88 2.96
CA TYR B 172 -10.74 32.66 3.13
C TYR B 172 -10.73 33.87 2.22
N GLN B 173 -11.13 33.65 0.96
CA GLN B 173 -10.92 34.60 -0.15
C GLN B 173 -12.09 35.54 -0.41
N GLY B 174 -13.31 35.13 -0.08
CA GLY B 174 -14.49 35.82 -0.61
C GLY B 174 -14.35 35.93 -2.12
N ASP B 175 -14.58 37.11 -2.68
CA ASP B 175 -14.55 37.27 -4.13
C ASP B 175 -13.09 37.49 -4.52
N ALA B 176 -12.50 36.50 -5.17
CA ALA B 176 -11.06 36.53 -5.42
C ALA B 176 -10.56 37.79 -6.17
N SER B 177 -11.39 38.41 -7.00
CA SER B 177 -10.99 39.57 -7.78
C SER B 177 -11.03 40.85 -6.98
N LYS B 178 -11.59 40.81 -5.77
CA LYS B 178 -11.67 41.96 -4.88
C LYS B 178 -10.81 41.83 -3.63
N LEU B 179 -9.72 41.06 -3.74
CA LEU B 179 -8.77 40.94 -2.61
C LEU B 179 -7.96 42.19 -2.38
N ASN B 180 -8.01 43.11 -3.33
CA ASN B 180 -7.34 44.39 -3.08
C ASN B 180 -8.19 45.34 -2.24
N GLU B 181 -9.49 45.09 -2.18
CA GLU B 181 -10.46 45.90 -1.46
C GLU B 181 -10.84 45.24 -0.13
N ASN B 182 -11.11 43.94 -0.15
CA ASN B 182 -11.61 43.22 1.04
C ASN B 182 -10.47 42.71 1.93
N LEU B 183 -10.03 43.56 2.87
CA LEU B 183 -8.77 43.36 3.59
C LEU B 183 -8.86 42.46 4.81
N GLU B 184 -10.04 41.89 5.03
CA GLU B 184 -10.27 40.87 6.06
C GLU B 184 -10.29 39.46 5.47
N GLN B 185 -10.29 39.37 4.15
CA GLN B 185 -10.05 38.14 3.45
C GLN B 185 -8.62 38.06 3.04
N MET B 186 -8.17 36.85 2.70
CA MET B 186 -6.77 36.60 2.34
C MET B 186 -6.68 35.59 1.21
N ALA B 187 -5.53 35.54 0.52
CA ALA B 187 -5.29 34.52 -0.50
C ALA B 187 -5.18 33.11 0.12
N ALA B 188 -5.77 32.13 -0.58
CA ALA B 188 -5.63 30.72 -0.23
C ALA B 188 -4.55 30.10 -1.09
N CYS B 189 -3.81 29.16 -0.51
CA CYS B 189 -2.82 28.33 -1.22
C CYS B 189 -3.15 26.85 -1.04
N VAL B 190 -3.59 26.23 -2.14
CA VAL B 190 -3.91 24.78 -2.23
C VAL B 190 -2.67 23.95 -2.04
N LYS B 191 -2.73 22.89 -1.23
CA LYS B 191 -1.59 22.05 -0.99
C LYS B 191 -2.00 20.57 -0.84
N HIS B 192 -1.12 19.58 -1.02
CA HIS B 192 0.19 19.64 -1.60
C HIS B 192 0.14 18.97 -3.01
N PHE B 193 0.52 19.71 -4.03
CA PHE B 193 0.38 19.18 -5.38
C PHE B 193 1.52 18.20 -5.67
N ALA B 194 1.28 16.89 -5.77
CA ALA B 194 0.02 16.16 -5.61
C ALA B 194 0.26 14.74 -5.09
N ALA B 195 -0.82 14.20 -4.53
CA ALA B 195 -0.91 12.77 -4.13
C ALA B 195 -0.08 12.38 -2.89
N TYR B 196 0.32 13.37 -2.08
CA TYR B 196 1.16 13.26 -0.87
C TYR B 196 0.64 12.29 0.17
N GLY B 197 -0.68 12.16 0.29
CA GLY B 197 -1.33 11.33 1.27
C GLY B 197 -1.32 9.86 1.00
N ALA B 198 -0.79 9.45 -0.15
CA ALA B 198 -0.55 8.04 -0.51
C ALA B 198 0.81 7.56 -0.07
N ALA B 199 1.50 8.35 0.73
CA ALA B 199 2.78 7.92 1.30
C ALA B 199 2.76 6.44 1.71
N GLU B 200 3.74 5.69 1.20
CA GLU B 200 3.81 4.26 1.42
C GLU B 200 4.03 3.92 2.89
N ALA B 201 3.24 2.97 3.38
CA ALA B 201 3.28 2.53 4.81
C ALA B 201 3.00 3.66 5.82
N GLY B 202 2.33 4.71 5.35
CA GLY B 202 2.07 5.92 6.14
C GLY B 202 3.28 6.64 6.72
N LEU B 203 4.43 6.34 6.13
CA LEU B 203 5.66 6.87 6.54
C LEU B 203 5.89 8.28 5.94
N GLU B 204 6.19 9.22 6.83
CA GLU B 204 6.33 10.62 6.40
C GLU B 204 7.33 10.77 5.28
N TYR B 205 6.89 11.51 4.26
CA TYR B 205 7.75 11.86 3.09
C TYR B 205 8.02 10.69 2.14
N ASN B 206 7.51 9.51 2.47
CA ASN B 206 7.83 8.33 1.70
C ASN B 206 7.22 8.28 0.28
N THR B 207 7.73 7.33 -0.48
CA THR B 207 7.33 7.03 -1.82
C THR B 207 5.80 7.00 -2.03
N VAL B 208 5.40 7.61 -3.14
CA VAL B 208 4.03 7.61 -3.65
C VAL B 208 4.04 6.95 -5.04
N ASN B 209 3.23 5.91 -5.25
CA ASN B 209 3.10 5.38 -6.60
C ASN B 209 1.70 4.88 -6.90
N MET B 210 1.24 5.25 -8.10
CA MET B 210 -0.04 4.89 -8.60
C MET B 210 -0.04 5.15 -10.08
N SER B 211 -0.91 4.47 -10.82
CA SER B 211 -1.07 4.76 -12.23
C SER B 211 -1.63 6.18 -12.47
N THR B 212 -1.33 6.67 -13.64
CA THR B 212 -1.75 8.02 -14.00
C THR B 212 -3.30 8.10 -14.01
N ARG B 213 -3.96 7.04 -14.50
CA ARG B 213 -5.41 6.99 -14.48
C ARG B 213 -5.93 7.16 -13.05
N GLU B 214 -5.32 6.45 -12.08
CA GLU B 214 -5.74 6.63 -10.68
C GLU B 214 -5.47 8.02 -10.17
N LEU B 215 -4.37 8.59 -10.60
CA LEU B 215 -3.99 9.93 -10.17
C LEU B 215 -5.12 10.89 -10.60
N TYR B 216 -5.58 10.75 -11.86
CA TYR B 216 -6.66 11.58 -12.38
C TYR B 216 -8.02 11.33 -11.70
N GLN B 217 -8.36 10.04 -11.53
CA GLN B 217 -9.65 9.60 -11.04
C GLN B 217 -9.89 10.06 -9.62
N ASN B 218 -8.90 9.86 -8.75
CA ASN B 218 -9.13 10.04 -7.30
C ASN B 218 -8.24 11.08 -6.58
N TYR B 219 -6.98 11.27 -7.02
CA TYR B 219 -6.02 12.12 -6.30
C TYR B 219 -6.01 13.60 -6.73
N LEU B 220 -6.36 13.87 -8.00
CA LEU B 220 -6.32 15.24 -8.49
C LEU B 220 -7.62 16.04 -8.36
N PRO B 221 -8.77 15.36 -8.23
CA PRO B 221 -10.00 16.16 -8.37
C PRO B 221 -10.23 17.29 -7.36
N ALA B 222 -9.92 17.12 -6.09
CA ALA B 222 -10.05 18.25 -5.14
C ALA B 222 -9.11 19.43 -5.43
N TYR B 223 -7.85 19.20 -5.78
CA TYR B 223 -6.95 20.31 -6.09
C TYR B 223 -7.58 21.06 -7.22
N ASN B 224 -8.08 20.34 -8.21
CA ASN B 224 -8.70 21.00 -9.39
C ASN B 224 -9.90 21.90 -9.02
N ALA B 225 -10.81 21.34 -8.24
CA ALA B 225 -11.98 22.04 -7.76
C ALA B 225 -11.61 23.37 -7.08
N ALA B 226 -10.62 23.31 -6.20
CA ALA B 226 -10.19 24.48 -5.46
C ALA B 226 -9.54 25.51 -6.38
N ILE B 227 -8.84 25.03 -7.41
CA ILE B 227 -8.19 25.86 -8.42
C ILE B 227 -9.30 26.52 -9.24
N GLN B 228 -10.22 25.72 -9.74
CA GLN B 228 -11.34 26.29 -10.49
C GLN B 228 -12.15 27.28 -9.64
N ALA B 229 -12.16 27.14 -8.32
CA ALA B 229 -12.90 28.10 -7.48
C ALA B 229 -12.15 29.39 -7.20
N GLY B 230 -10.90 29.51 -7.70
CA GLY B 230 -10.15 30.76 -7.62
C GLY B 230 -8.98 30.76 -6.67
N ALA B 231 -8.65 29.61 -6.12
CA ALA B 231 -7.52 29.56 -5.25
C ALA B 231 -6.32 30.26 -5.93
N LYS B 232 -5.70 31.16 -5.17
CA LYS B 232 -4.68 32.04 -5.74
C LYS B 232 -3.31 31.40 -5.84
N LEU B 233 -2.89 30.60 -4.86
CA LEU B 233 -1.55 29.94 -4.94
C LEU B 233 -1.71 28.43 -4.94
N VAL B 234 -0.69 27.70 -5.40
CA VAL B 234 -0.59 26.24 -5.17
C VAL B 234 0.81 25.89 -4.59
N MET B 235 0.91 24.91 -3.70
CA MET B 235 2.20 24.47 -3.15
C MET B 235 2.54 23.06 -3.65
N THR B 236 3.83 22.80 -3.92
CA THR B 236 4.35 21.51 -4.34
C THR B 236 4.28 20.48 -3.20
N ALA B 237 4.32 19.20 -3.56
CA ALA B 237 4.41 18.14 -2.60
C ALA B 237 5.85 17.63 -2.44
N PHE B 238 6.13 17.04 -1.26
CA PHE B 238 7.43 16.53 -0.93
C PHE B 238 7.73 15.21 -1.66
N ASN B 239 6.67 14.50 -2.05
CA ASN B 239 6.77 13.14 -2.61
C ASN B 239 7.10 13.11 -4.06
N VAL B 240 7.69 11.98 -4.49
CA VAL B 240 7.72 11.67 -5.92
C VAL B 240 6.34 11.48 -6.43
N VAL B 241 6.10 11.96 -7.64
CA VAL B 241 4.94 11.52 -8.39
C VAL B 241 5.48 10.75 -9.58
N ASP B 242 5.09 9.49 -9.68
CA ASP B 242 5.65 8.54 -10.58
C ASP B 242 7.12 8.72 -10.81
N GLY B 243 7.90 8.61 -9.74
CA GLY B 243 9.33 8.50 -9.89
C GLY B 243 9.99 9.86 -9.84
N ILE B 244 9.23 10.95 -9.95
CA ILE B 244 9.85 12.28 -10.07
C ILE B 244 9.33 13.22 -9.03
N PRO B 245 10.22 13.75 -8.15
CA PRO B 245 9.75 14.68 -7.11
C PRO B 245 8.81 15.76 -7.66
N ALA B 246 7.65 15.93 -7.01
CA ALA B 246 6.69 16.80 -7.52
C ALA B 246 7.27 18.18 -7.86
N THR B 247 8.22 18.65 -7.06
CA THR B 247 8.70 20.04 -7.16
C THR B 247 9.36 20.25 -8.51
N MET B 248 9.92 19.18 -9.09
CA MET B 248 10.60 19.31 -10.40
C MET B 248 9.92 18.51 -11.50
N ASN B 249 8.67 18.16 -11.26
CA ASN B 249 7.98 17.25 -12.16
C ASN B 249 7.26 18.14 -13.19
N LYS B 250 7.91 18.22 -14.35
CA LYS B 250 7.50 19.20 -15.36
C LYS B 250 6.13 18.85 -15.86
N TRP B 251 5.91 17.57 -16.17
CA TRP B 251 4.61 17.11 -16.66
C TRP B 251 3.53 17.55 -15.66
N LEU B 252 3.74 17.18 -14.40
CA LEU B 252 2.82 17.48 -13.35
C LEU B 252 2.55 18.98 -13.24
N ASN B 253 3.59 19.80 -13.16
CA ASN B 253 3.38 21.25 -12.93
C ASN B 253 3.14 22.14 -14.15
N ARG B 254 3.78 21.83 -15.31
CA ARG B 254 3.52 22.52 -16.58
C ARG B 254 2.33 21.91 -17.34
N ASP B 255 2.41 20.62 -17.71
CA ASP B 255 1.33 20.01 -18.48
C ASP B 255 -0.01 20.00 -17.69
N VAL B 256 -0.02 19.46 -16.48
CA VAL B 256 -1.29 19.27 -15.75
C VAL B 256 -1.72 20.53 -14.99
N LEU B 257 -0.87 21.04 -14.12
CA LEU B 257 -1.30 22.16 -13.29
C LEU B 257 -1.52 23.42 -14.12
N ARG B 258 -0.51 23.83 -14.86
CA ARG B 258 -0.64 25.11 -15.57
C ARG B 258 -1.42 24.96 -16.88
N GLY B 259 -1.20 23.83 -17.53
CA GLY B 259 -1.83 23.50 -18.78
C GLY B 259 -3.27 23.08 -18.63
N GLU B 260 -3.53 21.83 -18.22
CA GLU B 260 -4.93 21.36 -18.08
C GLU B 260 -5.77 22.09 -17.04
N MET B 261 -5.21 22.30 -15.87
CA MET B 261 -5.95 22.99 -14.85
C MET B 261 -5.93 24.52 -15.01
N GLU B 262 -5.18 25.02 -15.97
CA GLU B 262 -5.13 26.48 -16.27
C GLU B 262 -4.82 27.36 -15.07
N PHE B 263 -4.08 26.82 -14.11
CA PHE B 263 -3.58 27.60 -13.00
C PHE B 263 -2.50 28.60 -13.48
N ASP B 264 -2.68 29.87 -13.17
CA ASP B 264 -1.72 30.89 -13.60
C ASP B 264 -1.18 31.74 -12.44
N GLY B 265 -1.39 31.30 -11.20
CA GLY B 265 -0.83 31.97 -10.02
C GLY B 265 0.55 31.44 -9.59
N VAL B 266 0.98 31.83 -8.41
CA VAL B 266 2.32 31.51 -7.90
C VAL B 266 2.36 30.02 -7.50
N LEU B 267 3.40 29.33 -7.95
CA LEU B 267 3.71 27.97 -7.45
C LEU B 267 4.84 28.07 -6.46
N ILE B 268 4.51 27.75 -5.21
CA ILE B 268 5.47 27.82 -4.14
C ILE B 268 5.92 26.41 -3.76
N SER B 269 7.21 26.20 -3.50
CA SER B 269 7.67 24.88 -3.04
C SER B 269 7.17 24.64 -1.61
N ALA B 270 6.97 23.38 -1.22
CA ALA B 270 6.89 23.06 0.21
C ALA B 270 8.26 23.39 0.79
N TRP B 271 8.34 23.44 2.11
CA TRP B 271 9.59 23.72 2.82
C TRP B 271 10.86 22.94 2.38
N GLY B 272 11.79 23.65 1.77
CA GLY B 272 13.05 23.11 1.34
C GLY B 272 12.98 22.10 0.20
N ALA B 273 11.81 21.98 -0.41
CA ALA B 273 11.57 20.89 -1.32
C ALA B 273 12.34 21.08 -2.63
N VAL B 274 12.75 22.32 -2.94
CA VAL B 274 13.61 22.56 -4.14
C VAL B 274 14.97 21.91 -3.94
N ALA B 275 15.64 22.13 -2.80
CA ALA B 275 16.95 21.52 -2.48
C ALA B 275 16.85 20.01 -2.30
N GLU B 276 15.74 19.59 -1.74
CA GLU B 276 15.50 18.18 -1.42
C GLU B 276 15.35 17.23 -2.63
N VAL B 277 15.23 17.77 -3.85
CA VAL B 277 15.27 16.93 -5.01
C VAL B 277 16.65 16.29 -5.18
N ILE B 278 17.67 16.92 -4.61
CA ILE B 278 18.99 16.34 -4.50
C ILE B 278 18.91 15.04 -3.66
N ASN B 279 18.26 15.08 -2.50
CA ASN B 279 18.17 13.94 -1.66
C ASN B 279 17.46 12.78 -2.33
N HIS B 280 16.41 13.11 -3.04
CA HIS B 280 15.63 12.16 -3.82
C HIS B 280 16.44 11.56 -4.97
N GLY B 281 17.57 12.13 -5.32
CA GLY B 281 18.42 11.53 -6.36
C GLY B 281 18.03 11.85 -7.78
N THR B 282 17.28 12.93 -7.98
CA THR B 282 16.94 13.45 -9.28
C THR B 282 17.64 14.79 -9.62
N ALA B 283 18.51 15.29 -8.76
CA ALA B 283 19.44 16.39 -9.15
C ALA B 283 20.79 16.08 -8.50
N ARG B 284 21.87 16.35 -9.20
CA ARG B 284 23.21 16.13 -8.63
C ARG B 284 23.62 17.19 -7.61
N ASN B 285 23.12 18.41 -7.71
CA ASN B 285 23.61 19.53 -6.88
C ASN B 285 22.65 20.70 -6.90
N PRO B 286 22.94 21.79 -6.16
CA PRO B 286 21.98 22.87 -6.18
C PRO B 286 21.76 23.50 -7.55
N LYS B 287 22.75 23.47 -8.41
CA LYS B 287 22.58 24.08 -9.75
C LYS B 287 21.51 23.31 -10.56
N GLU B 288 21.61 21.99 -10.58
CA GLU B 288 20.57 21.18 -11.25
C GLU B 288 19.23 21.34 -10.56
N ALA B 289 19.19 21.35 -9.22
CA ALA B 289 17.89 21.50 -8.49
C ALA B 289 17.18 22.77 -8.95
N ALA B 290 17.95 23.85 -9.01
CA ALA B 290 17.44 25.16 -9.45
C ALA B 290 16.94 25.06 -10.90
N GLN B 291 17.73 24.50 -11.77
CA GLN B 291 17.37 24.52 -13.15
C GLN B 291 16.11 23.71 -13.37
N PHE B 292 16.07 22.51 -12.77
CA PHE B 292 14.89 21.66 -12.98
C PHE B 292 13.64 22.23 -12.29
N SER B 293 13.80 22.82 -11.12
CA SER B 293 12.60 23.38 -10.48
C SER B 293 12.06 24.59 -11.25
N MET B 294 12.94 25.43 -11.83
CA MET B 294 12.46 26.58 -12.63
C MET B 294 11.81 26.11 -13.91
N GLU B 295 12.41 25.11 -14.52
CA GLU B 295 11.80 24.51 -15.69
C GLU B 295 10.41 24.02 -15.40
N ALA B 296 10.21 23.41 -14.25
CA ALA B 296 8.92 22.83 -13.92
C ALA B 296 7.92 23.90 -13.57
N GLY B 297 8.37 25.15 -13.37
CA GLY B 297 7.46 26.29 -13.12
C GLY B 297 7.29 26.69 -11.67
N VAL B 298 8.26 26.39 -10.82
CA VAL B 298 8.17 26.76 -9.40
C VAL B 298 8.68 28.24 -9.29
N ASP B 299 7.86 29.08 -8.72
CA ASP B 299 8.09 30.55 -8.69
C ASP B 299 8.80 31.01 -7.41
N LEU B 300 8.60 30.28 -6.31
CA LEU B 300 8.96 30.74 -4.99
C LEU B 300 9.56 29.62 -4.18
N GLU B 301 10.85 29.74 -3.86
CA GLU B 301 11.56 28.71 -3.13
C GLU B 301 11.46 28.97 -1.63
N MET B 302 10.87 28.01 -0.91
CA MET B 302 10.63 28.21 0.51
C MET B 302 11.83 27.81 1.38
N MET B 303 12.56 28.84 1.85
CA MET B 303 13.63 28.66 2.83
C MET B 303 14.81 27.75 2.42
N THR B 304 15.05 27.60 1.12
CA THR B 304 16.35 27.14 0.67
C THR B 304 16.94 28.08 -0.42
N THR B 305 18.18 27.87 -0.83
CA THR B 305 18.94 28.89 -1.55
C THR B 305 19.42 28.48 -2.94
N CYS B 306 18.84 27.43 -3.53
CA CYS B 306 19.23 27.00 -4.85
C CYS B 306 19.10 28.10 -5.90
N TYR B 307 17.94 28.72 -5.97
CA TYR B 307 17.69 29.76 -6.97
C TYR B 307 18.62 30.93 -6.77
N ILE B 308 18.69 31.37 -5.51
CA ILE B 308 19.38 32.60 -5.14
C ILE B 308 20.86 32.47 -5.52
N HIS B 309 21.44 31.29 -5.24
CA HIS B 309 22.87 31.07 -5.51
C HIS B 309 23.16 30.53 -6.90
N GLU B 310 22.15 30.10 -7.65
CA GLU B 310 22.43 29.40 -8.92
C GLU B 310 21.81 29.99 -10.16
N LEU B 311 20.68 30.71 -10.07
CA LEU B 311 19.97 31.10 -11.31
C LEU B 311 20.84 32.00 -12.22
N LYS B 312 21.61 32.88 -11.61
CA LYS B 312 22.39 33.86 -12.38
C LYS B 312 23.29 33.13 -13.35
N GLY B 313 24.16 32.29 -12.82
CA GLY B 313 25.07 31.47 -13.62
C GLY B 313 24.36 30.60 -14.66
N LEU B 314 23.15 30.12 -14.34
CA LEU B 314 22.38 29.28 -15.28
C LEU B 314 21.91 30.06 -16.49
N ILE B 315 21.38 31.24 -16.21
CA ILE B 315 20.95 32.16 -17.23
C ILE B 315 22.11 32.68 -18.07
N GLU B 316 23.20 33.07 -17.43
CA GLU B 316 24.35 33.59 -18.18
C GLU B 316 24.92 32.52 -19.10
N GLU B 317 24.89 31.26 -18.66
CA GLU B 317 25.53 30.19 -19.42
C GLU B 317 24.63 29.66 -20.48
N GLY B 318 23.40 30.19 -20.55
CA GLY B 318 22.45 29.73 -21.56
C GLY B 318 21.79 28.40 -21.23
N LYS B 319 22.03 27.86 -20.04
CA LYS B 319 21.35 26.63 -19.62
C LYS B 319 19.89 26.88 -19.18
N LEU B 320 19.48 28.13 -18.97
CA LEU B 320 18.11 28.47 -18.64
C LEU B 320 17.73 29.80 -19.32
N SER B 321 16.51 29.89 -19.84
CA SER B 321 16.01 31.12 -20.42
C SER B 321 15.60 32.08 -19.32
N GLU B 322 16.11 33.30 -19.39
CA GLU B 322 15.65 34.37 -18.52
C GLU B 322 14.14 34.62 -18.65
N ASN B 323 13.53 34.19 -19.76
CA ASN B 323 12.09 34.33 -19.92
C ASN B 323 11.30 33.59 -18.81
N LEU B 324 11.79 32.42 -18.41
CA LEU B 324 11.08 31.66 -17.37
C LEU B 324 11.15 32.40 -16.06
N LEU B 325 12.30 33.02 -15.79
CA LEU B 325 12.45 33.88 -14.60
C LEU B 325 11.42 35.01 -14.66
N ASP B 326 11.30 35.67 -15.82
CA ASP B 326 10.37 36.82 -15.93
C ASP B 326 8.94 36.45 -15.69
N GLU B 327 8.57 35.24 -16.11
CA GLU B 327 7.21 34.73 -15.91
C GLU B 327 6.98 34.49 -14.41
N ALA B 328 7.98 33.97 -13.72
CA ALA B 328 7.81 33.75 -12.26
C ALA B 328 7.65 35.09 -11.51
N VAL B 329 8.60 36.01 -11.72
CA VAL B 329 8.48 37.39 -11.18
C VAL B 329 7.13 38.03 -11.47
N LEU B 330 6.64 37.92 -12.71
CA LEU B 330 5.34 38.55 -13.04
C LEU B 330 4.25 37.93 -12.18
N ARG B 331 4.27 36.59 -12.06
CA ARG B 331 3.31 35.90 -11.21
C ARG B 331 3.38 36.38 -9.76
N MET B 332 4.56 36.56 -9.21
CA MET B 332 4.73 37.07 -7.84
C MET B 332 4.22 38.51 -7.72
N LEU B 333 4.52 39.34 -8.72
CA LEU B 333 4.08 40.73 -8.66
C LEU B 333 2.55 40.85 -8.75
N ASN B 334 1.92 40.03 -9.60
CA ASN B 334 0.45 40.05 -9.75
C ASN B 334 -0.23 39.64 -8.47
N LEU B 335 0.35 38.65 -7.76
CA LEU B 335 -0.23 38.23 -6.46
C LEU B 335 -0.20 39.42 -5.51
N LYS B 336 0.95 40.11 -5.42
CA LYS B 336 1.08 41.34 -4.63
C LYS B 336 0.04 42.39 -5.04
N ASN B 337 -0.09 42.57 -6.37
CA ASN B 337 -1.09 43.46 -6.90
C ASN B 337 -2.55 43.06 -6.58
N ASP B 338 -2.89 41.79 -6.73
CA ASP B 338 -4.20 41.28 -6.35
C ASP B 338 -4.53 41.53 -4.88
N LEU B 339 -3.50 41.47 -4.02
CA LEU B 339 -3.65 41.72 -2.60
C LEU B 339 -3.58 43.26 -2.27
N GLY B 340 -3.27 44.08 -3.27
CA GLY B 340 -3.37 45.54 -3.12
C GLY B 340 -2.15 46.17 -2.46
N LEU B 341 -1.06 45.41 -2.43
CA LEU B 341 0.14 45.82 -1.72
C LEU B 341 0.80 47.02 -2.39
N PHE B 342 0.58 47.27 -3.68
CA PHE B 342 1.18 48.46 -4.27
C PHE B 342 0.55 49.80 -3.82
N GLU B 343 -0.73 49.76 -3.44
CA GLU B 343 -1.39 50.92 -2.86
C GLU B 343 -1.21 50.93 -1.33
N ASP B 344 -1.37 49.77 -0.70
CA ASP B 344 -1.23 49.64 0.76
C ASP B 344 -0.45 48.37 1.11
N PRO B 345 0.86 48.51 1.39
CA PRO B 345 1.75 47.43 1.76
C PRO B 345 1.56 46.85 3.18
N TYR B 346 0.65 47.44 3.93
CA TYR B 346 0.32 46.99 5.30
C TYR B 346 -1.07 46.39 5.31
N ARG B 347 -1.70 46.31 4.15
CA ARG B 347 -2.97 45.63 3.97
C ARG B 347 -3.95 45.91 5.13
N GLY B 348 -4.22 47.22 5.31
CA GLY B 348 -5.30 47.69 6.20
C GLY B 348 -4.78 48.00 7.59
N LEU B 349 -3.54 47.60 7.88
CA LEU B 349 -3.11 47.59 9.27
C LEU B 349 -2.63 48.94 9.73
N LYS B 350 -2.21 49.80 8.81
CA LYS B 350 -1.26 50.87 9.18
C LYS B 350 -1.81 51.92 10.12
N ASN B 351 -2.94 52.55 9.81
CA ASN B 351 -3.49 53.50 10.82
C ASN B 351 -4.60 52.89 11.67
N ASN B 352 -4.55 51.57 11.87
CA ASN B 352 -5.74 50.86 12.26
C ASN B 352 -5.42 49.52 12.94
N ASP B 353 -5.25 49.59 14.26
CA ASP B 353 -4.95 48.44 15.09
C ASP B 353 -6.22 47.57 15.17
N ARG B 354 -6.18 46.38 14.56
CA ARG B 354 -7.34 45.47 14.56
C ARG B 354 -7.23 44.33 15.61
N THR B 355 -6.57 44.62 16.75
CA THR B 355 -6.42 43.69 17.90
C THR B 355 -7.73 43.11 18.35
N LYS B 356 -8.77 43.95 18.29
CA LYS B 356 -10.13 43.66 18.79
C LYS B 356 -10.91 42.62 17.99
N ASP B 357 -10.49 42.38 16.74
CA ASP B 357 -11.11 41.37 15.90
C ASP B 357 -10.60 39.96 16.25
N ILE B 358 -9.64 39.86 17.15
CA ILE B 358 -9.02 38.54 17.45
C ILE B 358 -9.54 37.94 18.73
N LEU B 359 -10.05 36.70 18.63
CA LEU B 359 -10.51 35.94 19.77
C LEU B 359 -11.68 36.63 20.49
N THR B 360 -12.69 37.03 19.71
CA THR B 360 -13.93 37.56 20.25
C THR B 360 -14.84 36.45 20.70
N ASP B 361 -15.89 36.82 21.42
CA ASP B 361 -16.86 35.84 21.88
C ASP B 361 -17.67 35.24 20.73
N GLU B 362 -17.98 36.09 19.75
CA GLU B 362 -18.71 35.72 18.58
C GLU B 362 -17.96 34.60 17.86
N SER B 363 -16.64 34.84 17.71
CA SER B 363 -15.75 33.93 17.03
C SER B 363 -15.70 32.60 17.76
N ARG B 364 -15.62 32.66 19.08
CA ARG B 364 -15.62 31.48 19.94
C ARG B 364 -16.90 30.69 19.76
N GLY B 365 -18.07 31.38 19.75
CA GLY B 365 -19.34 30.70 19.48
C GLY B 365 -19.37 29.92 18.15
N LYS B 366 -18.80 30.52 17.10
CA LYS B 366 -18.61 29.84 15.80
C LYS B 366 -17.72 28.57 15.86
N ALA B 367 -16.59 28.64 16.55
CA ALA B 367 -15.74 27.46 16.77
C ALA B 367 -16.46 26.38 17.57
N ARG B 368 -17.18 26.78 18.63
CA ARG B 368 -18.05 25.85 19.34
C ARG B 368 -19.05 25.19 18.44
N ALA B 369 -19.74 25.98 17.63
CA ALA B 369 -20.75 25.40 16.74
C ALA B 369 -20.10 24.39 15.80
N ALA B 370 -18.90 24.70 15.32
CA ALA B 370 -18.16 23.80 14.38
C ALA B 370 -17.81 22.50 15.05
N GLY B 371 -17.37 22.60 16.29
CA GLY B 371 -17.04 21.43 17.09
C GLY B 371 -18.28 20.58 17.21
N VAL B 372 -19.46 21.19 17.49
CA VAL B 372 -20.65 20.36 17.68
C VAL B 372 -21.17 19.71 16.38
N GLU B 373 -20.92 20.36 15.23
CA GLU B 373 -21.26 19.84 13.91
C GLU B 373 -20.38 18.64 13.47
N SER B 374 -19.18 18.64 14.02
CA SER B 374 -18.07 17.81 13.55
C SER B 374 -17.88 16.51 14.34
N ALA B 375 -18.24 16.52 15.64
CA ALA B 375 -18.09 15.30 16.49
C ALA B 375 -18.93 14.17 15.91
N VAL B 376 -18.58 12.93 16.18
CA VAL B 376 -19.33 11.80 15.62
C VAL B 376 -19.72 10.87 16.76
N LEU B 377 -21.03 10.67 16.95
CA LEU B 377 -21.49 9.70 17.97
C LEU B 377 -21.36 8.33 17.35
N LEU B 378 -20.50 7.46 17.90
CA LEU B 378 -20.27 6.16 17.32
C LEU B 378 -21.08 5.02 17.93
N GLU B 379 -21.27 5.07 19.26
CA GLU B 379 -22.06 4.11 20.03
C GLU B 379 -22.92 4.88 21.01
N ASN B 380 -24.15 4.43 21.20
CA ASN B 380 -24.99 4.94 22.30
C ASN B 380 -25.96 3.87 22.73
N LYS B 381 -25.51 2.90 23.50
CA LYS B 381 -26.33 1.73 23.85
C LYS B 381 -27.29 2.07 24.98
N SER B 382 -28.57 1.75 24.76
CA SER B 382 -29.69 2.04 25.65
C SER B 382 -29.77 3.51 26.07
N ARG B 383 -29.56 4.40 25.12
CA ARG B 383 -29.72 5.82 25.33
C ARG B 383 -29.05 6.32 26.59
N LEU B 384 -27.83 5.84 26.84
CA LEU B 384 -27.04 6.44 27.91
C LEU B 384 -27.00 7.96 27.72
N LEU B 385 -26.71 8.40 26.49
CA LEU B 385 -26.71 9.83 26.15
C LEU B 385 -28.06 10.23 25.54
N PRO B 386 -28.45 11.48 25.78
CA PRO B 386 -27.72 12.51 26.54
C PRO B 386 -27.86 12.31 28.07
N LEU B 387 -26.84 12.72 28.84
CA LEU B 387 -26.94 12.73 30.31
C LEU B 387 -27.85 13.91 30.86
N ALA B 388 -28.64 13.66 31.91
CA ALA B 388 -29.39 14.73 32.59
C ALA B 388 -28.35 15.58 33.28
N LYS B 389 -28.62 16.88 33.46
CA LYS B 389 -27.63 17.78 34.02
C LYS B 389 -27.47 17.54 35.49
N GLU B 390 -28.36 16.74 36.06
CA GLU B 390 -28.25 16.29 37.47
C GLU B 390 -27.41 15.01 37.59
N ALA B 391 -27.07 14.37 36.47
CA ALA B 391 -26.20 13.18 36.50
C ALA B 391 -24.88 13.47 37.22
N LYS B 392 -24.48 12.54 38.09
CA LYS B 392 -23.31 12.69 38.91
C LYS B 392 -22.15 11.97 38.17
N ILE B 393 -21.15 12.77 37.77
CA ILE B 393 -20.16 12.27 36.82
C ILE B 393 -18.80 12.02 37.42
N ALA B 394 -18.33 10.78 37.25
CA ALA B 394 -16.89 10.54 37.35
C ALA B 394 -16.18 10.82 35.99
N LEU B 395 -15.28 11.79 36.02
CA LEU B 395 -14.55 12.19 34.86
C LEU B 395 -13.08 11.75 35.06
N VAL B 396 -12.70 10.71 34.31
CA VAL B 396 -11.41 10.06 34.47
C VAL B 396 -10.70 9.93 33.14
N GLY B 397 -9.39 9.97 33.24
CA GLY B 397 -8.54 9.71 32.11
C GLY B 397 -7.60 10.84 31.78
N PRO B 398 -6.76 10.64 30.73
CA PRO B 398 -5.71 11.55 30.35
C PRO B 398 -6.24 12.82 29.74
N LEU B 399 -7.46 12.77 29.24
CA LEU B 399 -8.13 13.94 28.70
C LEU B 399 -9.09 14.62 29.65
N ALA B 400 -9.11 14.23 30.92
CA ALA B 400 -9.96 14.86 31.93
C ALA B 400 -9.59 16.35 32.10
N THR B 401 -8.30 16.64 32.18
CA THR B 401 -7.77 17.99 32.46
C THR B 401 -6.74 18.43 31.40
N SER B 402 -6.29 17.56 30.51
CA SER B 402 -5.20 17.95 29.62
C SER B 402 -5.58 19.18 28.83
N PRO B 403 -4.67 20.18 28.77
CA PRO B 403 -4.97 21.32 27.95
C PRO B 403 -4.76 21.09 26.46
N ASP B 404 -4.25 19.91 26.09
CA ASP B 404 -3.90 19.57 24.71
C ASP B 404 -5.11 19.11 23.89
N ILE B 405 -5.96 20.09 23.58
CA ILE B 405 -7.17 19.85 22.86
C ILE B 405 -7.35 20.75 21.65
N LEU B 406 -6.33 21.50 21.24
CA LEU B 406 -6.44 22.44 20.16
C LEU B 406 -6.10 21.80 18.83
N GLY B 407 -5.40 20.67 18.84
CA GLY B 407 -5.09 19.91 17.64
C GLY B 407 -3.70 20.15 17.09
N GLY B 408 -3.30 19.34 16.13
CA GLY B 408 -2.03 19.59 15.45
C GLY B 408 -2.19 20.76 14.47
N TRP B 409 -1.10 21.23 13.90
CA TRP B 409 -1.13 22.35 12.99
C TRP B 409 -1.88 23.51 13.60
N ASN B 410 -1.57 23.75 14.87
CA ASN B 410 -2.10 24.94 15.55
C ASN B 410 -0.94 25.88 15.79
N VAL B 411 -0.57 26.64 14.78
CA VAL B 411 0.59 27.47 14.88
C VAL B 411 0.39 28.73 15.71
N TYR B 412 -0.81 29.29 15.82
CA TYR B 412 -0.93 30.57 16.53
C TYR B 412 -1.86 30.56 17.77
N GLY B 413 -2.58 29.47 18.03
CA GLY B 413 -3.55 29.50 19.13
C GLY B 413 -2.87 29.10 20.43
N GLU B 414 -3.44 29.47 21.54
CA GLU B 414 -2.73 29.22 22.78
C GLU B 414 -3.61 28.41 23.67
N GLU B 415 -3.02 27.38 24.23
CA GLU B 415 -3.72 26.51 25.17
C GLU B 415 -4.30 27.28 26.37
N LYS B 416 -3.69 28.40 26.70
CA LYS B 416 -4.19 29.21 27.78
C LYS B 416 -5.63 29.66 27.57
N ASP B 417 -6.02 29.84 26.30
CA ASP B 417 -7.39 30.27 25.94
C ASP B 417 -8.34 29.09 25.68
N GLY B 418 -7.86 27.85 25.73
CA GLY B 418 -8.80 26.71 25.48
C GLY B 418 -9.64 26.32 26.70
N ILE B 419 -10.72 25.60 26.46
CA ILE B 419 -11.54 25.10 27.54
C ILE B 419 -11.34 23.60 27.67
N ASN B 420 -10.78 23.14 28.79
CA ASN B 420 -10.59 21.70 28.95
C ASN B 420 -11.87 20.98 29.35
N VAL B 421 -11.86 19.65 29.32
CA VAL B 421 -13.09 18.90 29.49
C VAL B 421 -13.71 19.12 30.89
N GLU B 422 -12.91 19.07 31.94
CA GLU B 422 -13.37 19.39 33.28
C GLU B 422 -14.05 20.76 33.33
N THR B 423 -13.34 21.81 32.90
CA THR B 423 -13.94 23.15 32.97
C THR B 423 -15.26 23.21 32.24
N GLY B 424 -15.29 22.58 31.07
CA GLY B 424 -16.51 22.58 30.26
C GLY B 424 -17.60 21.84 30.98
N LEU B 425 -17.25 20.74 31.63
CA LEU B 425 -18.26 19.87 32.23
C LEU B 425 -18.86 20.52 33.45
N ARG B 426 -18.02 21.18 34.24
CA ARG B 426 -18.51 21.88 35.43
C ARG B 426 -19.43 23.05 35.14
N GLU B 427 -19.37 23.60 33.94
CA GLU B 427 -20.29 24.65 33.54
C GLU B 427 -21.68 24.10 33.33
N VAL B 428 -21.79 22.82 33.05
CA VAL B 428 -23.07 22.22 32.82
C VAL B 428 -23.51 21.36 34.02
N PHE B 429 -22.64 20.49 34.53
CA PHE B 429 -23.11 19.46 35.45
C PHE B 429 -22.73 19.82 36.85
N GLU B 430 -23.67 19.73 37.78
CA GLU B 430 -23.42 20.26 39.15
C GLU B 430 -22.43 19.39 39.89
N THR B 431 -22.53 18.08 39.67
CA THR B 431 -21.69 17.12 40.38
C THR B 431 -20.65 16.42 39.46
N VAL B 432 -19.38 16.83 39.60
CA VAL B 432 -18.27 16.21 38.86
C VAL B 432 -17.10 15.85 39.75
N GLU B 433 -16.71 14.60 39.75
CA GLU B 433 -15.50 14.18 40.42
C GLU B 433 -14.44 13.74 39.40
N VAL B 434 -13.21 14.25 39.54
CA VAL B 434 -12.21 14.11 38.51
C VAL B 434 -11.02 13.30 38.96
N VAL B 435 -10.64 12.31 38.17
CA VAL B 435 -9.38 11.61 38.40
C VAL B 435 -8.59 11.63 37.10
N SER B 436 -7.60 12.49 37.09
CA SER B 436 -6.65 12.60 35.98
C SER B 436 -5.70 11.40 35.96
N THR B 437 -5.46 10.82 34.78
CA THR B 437 -4.37 9.84 34.62
C THR B 437 -3.40 10.29 33.51
N GLU B 438 -2.21 9.66 33.42
CA GLU B 438 -1.21 9.97 32.40
C GLU B 438 -1.60 9.40 31.07
N TYR B 439 -1.03 9.94 29.99
CA TYR B 439 -1.32 9.41 28.67
C TYR B 439 -0.86 7.96 28.41
N THR B 440 0.20 7.50 29.03
CA THR B 440 0.90 6.28 28.62
C THR B 440 1.09 5.28 29.76
N GLU B 441 0.54 5.61 30.93
CA GLU B 441 0.74 4.82 32.17
C GLU B 441 -0.63 4.58 32.85
N LEU B 442 -0.70 3.50 33.62
CA LEU B 442 -1.87 3.27 34.52
C LEU B 442 -1.41 2.58 35.79
N SER B 443 -1.28 3.33 36.87
CA SER B 443 -0.68 2.86 38.10
C SER B 443 -1.70 2.24 39.01
N GLU B 444 -1.24 1.48 40.01
CA GLU B 444 -2.16 1.02 41.04
C GLU B 444 -2.79 2.19 41.82
N GLU B 445 -2.02 3.22 42.10
CA GLU B 445 -2.58 4.38 42.72
C GLU B 445 -3.78 4.99 41.91
N ASP B 446 -3.62 5.14 40.59
CA ASP B 446 -4.70 5.59 39.67
C ASP B 446 -5.92 4.67 39.80
N LYS B 447 -5.68 3.38 39.79
CA LYS B 447 -6.82 2.46 39.86
C LYS B 447 -7.63 2.61 41.17
N VAL B 448 -6.91 2.70 42.27
CA VAL B 448 -7.55 2.98 43.56
C VAL B 448 -8.40 4.25 43.47
N ALA B 449 -7.82 5.35 42.99
CA ALA B 449 -8.51 6.66 42.90
C ALA B 449 -9.72 6.66 41.96
N VAL B 450 -9.53 6.07 40.80
CA VAL B 450 -10.58 5.86 39.85
C VAL B 450 -11.73 5.08 40.45
N LYS B 451 -11.48 3.98 41.13
CA LYS B 451 -12.55 3.21 41.78
C LYS B 451 -13.32 4.00 42.83
N ALA B 452 -12.61 4.79 43.65
CA ALA B 452 -13.29 5.61 44.68
C ALA B 452 -14.26 6.58 44.02
N ALA B 453 -13.80 7.30 42.98
CA ALA B 453 -14.69 8.30 42.30
C ALA B 453 -15.89 7.66 41.63
N VAL B 454 -15.68 6.52 40.98
CA VAL B 454 -16.75 5.83 40.23
C VAL B 454 -17.79 5.32 41.23
N GLN B 455 -17.34 4.80 42.37
CA GLN B 455 -18.26 4.34 43.42
C GLN B 455 -19.18 5.50 43.88
N ASN B 456 -18.63 6.69 44.11
CA ASN B 456 -19.41 7.89 44.48
C ASN B 456 -20.47 8.35 43.43
N MET B 457 -20.13 8.29 42.14
CA MET B 457 -20.95 8.90 41.09
C MET B 457 -21.86 7.88 40.39
N ASP B 458 -22.64 8.35 39.41
CA ASP B 458 -23.61 7.49 38.69
C ASP B 458 -23.12 7.05 37.29
N VAL B 459 -22.38 7.94 36.62
CA VAL B 459 -21.86 7.60 35.28
C VAL B 459 -20.42 8.04 35.13
N VAL B 460 -19.75 7.36 34.21
CA VAL B 460 -18.33 7.58 33.98
C VAL B 460 -18.20 8.23 32.63
N VAL B 461 -17.58 9.42 32.62
CA VAL B 461 -17.06 10.02 31.39
C VAL B 461 -15.56 9.68 31.39
N LEU B 462 -15.19 8.72 30.53
CA LEU B 462 -13.80 8.27 30.38
C LEU B 462 -13.20 9.02 29.19
N ALA B 463 -12.28 9.94 29.48
CA ALA B 463 -11.74 10.83 28.48
C ALA B 463 -10.33 10.37 28.07
N LEU B 464 -10.26 9.80 26.87
CA LEU B 464 -9.03 9.24 26.36
C LEU B 464 -8.51 10.05 25.15
N GLY B 465 -7.26 9.83 24.79
CA GLY B 465 -6.82 10.34 23.50
C GLY B 465 -5.33 10.39 23.23
N GLU B 466 -5.03 11.03 22.09
CA GLU B 466 -3.68 11.27 21.64
C GLU B 466 -3.20 12.67 22.08
N LYS B 467 -1.89 12.78 22.37
CA LYS B 467 -1.22 14.06 22.32
C LYS B 467 -1.19 14.46 20.87
N ASN B 468 -1.32 15.76 20.61
CA ASN B 468 -1.42 16.18 19.19
C ASN B 468 -0.13 15.83 18.42
N GLU B 469 0.97 15.82 19.16
CA GLU B 469 2.33 15.55 18.65
C GLU B 469 2.47 14.15 18.07
N TRP B 470 1.59 13.22 18.42
CA TRP B 470 1.62 11.88 17.84
C TRP B 470 1.06 11.85 16.45
N GLY B 471 0.60 13.01 15.94
CA GLY B 471 0.24 13.16 14.56
C GLY B 471 0.65 14.53 14.05
N GLY B 472 0.02 14.97 12.96
CA GLY B 472 0.52 16.13 12.18
C GLY B 472 1.74 15.72 11.31
N GLU B 473 2.53 16.69 10.82
CA GLU B 473 3.69 16.39 9.99
C GLU B 473 4.77 15.63 10.76
N ALA B 474 5.18 14.49 10.20
CA ALA B 474 6.27 13.66 10.70
C ALA B 474 5.90 13.07 12.08
N GLY B 475 4.59 12.90 12.26
CA GLY B 475 3.98 12.08 13.29
C GLY B 475 3.32 10.79 12.71
N SER B 476 4.17 9.88 12.25
CA SER B 476 3.71 8.64 11.62
C SER B 476 3.72 7.56 12.69
N LEU B 477 2.60 6.84 12.78
CA LEU B 477 2.45 5.70 13.70
C LEU B 477 2.29 4.43 12.90
N ALA B 478 3.21 3.49 13.07
CA ALA B 478 3.07 2.21 12.40
C ALA B 478 1.86 1.43 12.93
N THR B 479 1.54 1.55 14.22
CA THR B 479 0.36 0.93 14.80
C THR B 479 -0.67 2.00 15.19
N ILE B 480 -1.84 1.97 14.58
CA ILE B 480 -2.86 3.01 14.85
C ILE B 480 -3.69 2.72 16.13
N ARG B 481 -3.00 2.60 17.26
CA ARG B 481 -3.57 2.48 18.59
C ARG B 481 -3.14 3.56 19.55
N LEU B 482 -3.99 3.83 20.56
CA LEU B 482 -3.63 4.65 21.70
C LEU B 482 -2.61 3.88 22.45
N PRO B 483 -1.86 4.56 23.34
CA PRO B 483 -1.06 3.83 24.32
C PRO B 483 -1.84 2.69 25.01
N GLU B 484 -1.22 1.54 25.14
CA GLU B 484 -1.89 0.40 25.72
C GLU B 484 -2.51 0.69 27.15
N ALA B 485 -1.85 1.52 27.98
CA ALA B 485 -2.43 1.93 29.31
C ALA B 485 -3.85 2.49 29.20
N GLN B 486 -4.15 3.10 28.06
CA GLN B 486 -5.50 3.62 27.89
C GLN B 486 -6.54 2.55 27.56
N TYR B 487 -6.21 1.56 26.76
CA TYR B 487 -7.11 0.44 26.58
C TYR B 487 -7.29 -0.33 27.91
N GLN B 488 -6.23 -0.45 28.71
CA GLN B 488 -6.32 -1.07 30.05
C GLN B 488 -7.28 -0.31 30.96
N LEU B 489 -7.22 1.03 30.90
CA LEU B 489 -8.00 1.89 31.74
C LEU B 489 -9.43 1.71 31.38
N ALA B 490 -9.70 1.58 30.10
CA ALA B 490 -11.08 1.33 29.67
C ALA B 490 -11.58 -0.06 30.10
N LYS B 491 -10.73 -1.07 30.00
CA LYS B 491 -11.09 -2.40 30.51
C LYS B 491 -11.43 -2.30 32.04
N PHE B 492 -10.57 -1.61 32.82
CA PHE B 492 -10.71 -1.52 34.29
C PHE B 492 -12.00 -0.86 34.62
N VAL B 493 -12.24 0.29 34.00
CA VAL B 493 -13.45 1.10 34.27
C VAL B 493 -14.68 0.27 33.99
N GLN B 494 -14.69 -0.46 32.90
CA GLN B 494 -15.84 -1.34 32.63
C GLN B 494 -16.18 -2.32 33.76
N THR B 495 -15.21 -2.72 34.58
CA THR B 495 -15.49 -3.72 35.66
C THR B 495 -16.20 -3.12 36.85
N LEU B 496 -16.12 -1.82 37.00
CA LEU B 496 -16.75 -1.12 38.12
C LEU B 496 -18.29 -1.05 38.00
N GLY B 497 -18.86 -1.55 36.91
CA GLY B 497 -20.31 -1.77 36.83
C GLY B 497 -21.19 -0.54 36.78
N LYS B 498 -20.64 0.62 36.38
CA LYS B 498 -21.45 1.84 36.23
C LYS B 498 -21.48 2.16 34.75
N PRO B 499 -22.53 2.84 34.26
CA PRO B 499 -22.43 3.14 32.82
C PRO B 499 -21.27 4.09 32.44
N VAL B 500 -20.74 3.83 31.24
CA VAL B 500 -19.55 4.51 30.80
C VAL B 500 -19.69 5.16 29.41
N VAL B 501 -19.44 6.46 29.33
CA VAL B 501 -19.23 7.13 28.06
C VAL B 501 -17.76 7.39 27.86
N ILE B 502 -17.25 7.00 26.69
CA ILE B 502 -15.91 7.38 26.29
C ILE B 502 -15.96 8.56 25.33
N THR B 503 -15.29 9.64 25.71
CA THR B 503 -15.13 10.80 24.87
C THR B 503 -13.68 10.75 24.40
N LEU B 504 -13.47 10.57 23.10
CA LEU B 504 -12.14 10.34 22.47
C LEU B 504 -11.63 11.55 21.68
N PHE B 505 -10.39 11.94 21.95
CA PHE B 505 -9.75 13.07 21.33
C PHE B 505 -8.54 12.54 20.54
N ASN B 506 -8.42 12.93 19.27
CA ASN B 506 -7.41 12.32 18.45
C ASN B 506 -7.35 13.02 17.12
N GLY B 507 -6.28 12.77 16.37
CA GLY B 507 -6.06 13.33 15.03
C GLY B 507 -6.14 12.36 13.87
N ARG B 508 -6.50 11.10 14.15
CA ARG B 508 -6.52 10.04 13.13
C ARG B 508 -7.48 8.95 13.52
N PRO B 509 -7.98 8.23 12.53
CA PRO B 509 -8.62 6.98 12.88
C PRO B 509 -7.76 6.13 13.79
N LEU B 510 -8.38 5.47 14.77
CA LEU B 510 -7.67 4.52 15.62
C LEU B 510 -8.42 3.19 15.68
N GLU B 511 -7.70 2.16 16.08
CA GLU B 511 -8.27 0.86 16.41
C GLU B 511 -9.19 1.08 17.64
N VAL B 512 -10.50 1.19 17.45
CA VAL B 512 -11.37 1.41 18.58
C VAL B 512 -12.32 0.26 18.93
N LYS B 513 -12.19 -0.91 18.31
CA LYS B 513 -13.07 -2.03 18.69
C LYS B 513 -13.12 -2.24 20.25
N GLU B 514 -11.94 -2.28 20.85
CA GLU B 514 -11.79 -2.51 22.28
C GLU B 514 -12.39 -1.44 23.13
N LEU B 515 -12.47 -0.22 22.60
CA LEU B 515 -13.15 0.83 23.33
C LEU B 515 -14.66 0.70 23.18
N ALA B 516 -15.12 0.44 21.96
CA ALA B 516 -16.56 0.32 21.74
C ALA B 516 -17.11 -0.79 22.64
N GLU B 517 -16.38 -1.89 22.71
CA GLU B 517 -16.81 -3.04 23.49
C GLU B 517 -16.63 -2.88 24.99
N SER B 518 -15.88 -1.88 25.47
CA SER B 518 -15.70 -1.70 26.91
C SER B 518 -16.57 -0.57 27.52
N SER B 519 -17.49 -0.02 26.72
CA SER B 519 -18.23 1.17 27.10
C SER B 519 -19.64 1.11 26.57
N ASP B 520 -20.52 1.96 27.07
CA ASP B 520 -21.89 1.98 26.56
C ASP B 520 -22.10 3.05 25.47
N ALA B 521 -21.36 4.15 25.56
CA ALA B 521 -21.38 5.13 24.55
C ALA B 521 -19.95 5.44 24.12
N LEU B 522 -19.79 5.93 22.89
CA LEU B 522 -18.53 6.43 22.37
C LEU B 522 -18.74 7.63 21.49
N LEU B 523 -18.08 8.73 21.87
CA LEU B 523 -18.22 9.99 21.23
C LEU B 523 -16.83 10.42 20.73
N GLU B 524 -16.71 10.55 19.42
CA GLU B 524 -15.49 10.95 18.77
C GLU B 524 -15.44 12.49 18.65
N LEU B 525 -14.64 13.18 19.46
CA LEU B 525 -14.51 14.65 19.38
C LEU B 525 -13.37 15.13 18.41
N TRP B 526 -12.50 14.23 18.00
CA TRP B 526 -11.29 14.60 17.30
C TRP B 526 -10.55 15.60 18.17
N PHE B 527 -10.10 16.72 17.61
CA PHE B 527 -9.61 17.86 18.41
C PHE B 527 -10.47 19.02 18.01
N PRO B 528 -11.46 19.40 18.87
CA PRO B 528 -12.39 20.42 18.45
C PRO B 528 -11.87 21.84 18.44
N GLY B 529 -10.82 22.13 19.17
CA GLY B 529 -10.23 23.46 19.17
C GLY B 529 -10.50 24.18 20.47
N THR B 530 -10.52 25.50 20.39
CA THR B 530 -10.56 26.38 21.56
C THR B 530 -11.68 26.04 22.53
N GLU B 531 -12.83 25.72 21.99
CA GLU B 531 -14.00 25.49 22.80
C GLU B 531 -14.19 23.98 23.14
N ALA B 532 -13.11 23.17 23.01
CA ALA B 532 -13.17 21.73 23.23
C ALA B 532 -14.10 21.27 24.41
N GLY B 533 -13.90 21.80 25.62
CA GLY B 533 -14.65 21.43 26.82
C GLY B 533 -16.15 21.67 26.76
N ARG B 534 -16.54 22.78 26.14
CA ARG B 534 -17.97 23.12 26.03
C ARG B 534 -18.59 22.33 24.90
N VAL B 535 -17.85 22.09 23.81
CA VAL B 535 -18.35 21.21 22.74
C VAL B 535 -18.73 19.86 23.37
N THR B 536 -17.79 19.32 24.15
CA THR B 536 -17.94 18.04 24.85
C THR B 536 -19.16 18.10 25.79
N ALA B 537 -19.28 19.17 26.57
CA ALA B 537 -20.34 19.25 27.59
C ALA B 537 -21.73 19.43 26.96
N ASP B 538 -21.84 20.20 25.87
CA ASP B 538 -23.13 20.35 25.20
C ASP B 538 -23.58 19.06 24.50
N LEU B 539 -22.70 18.32 23.85
CA LEU B 539 -23.12 17.06 23.24
C LEU B 539 -23.59 16.07 24.28
N LEU B 540 -22.85 15.96 25.37
CA LEU B 540 -23.18 15.01 26.44
C LEU B 540 -24.49 15.36 27.17
N SER B 541 -24.79 16.65 27.32
CA SER B 541 -26.05 17.07 28.00
C SER B 541 -27.23 17.10 27.04
N GLY B 542 -26.96 16.99 25.75
CA GLY B 542 -28.00 17.07 24.74
C GLY B 542 -28.40 18.49 24.39
N ALA B 543 -27.66 19.51 24.89
CA ALA B 543 -27.87 20.90 24.45
C ALA B 543 -27.62 20.98 22.95
N SER B 544 -26.64 20.19 22.49
CA SER B 544 -26.42 19.93 21.07
C SER B 544 -26.58 18.43 20.88
N ASN B 545 -27.11 18.10 19.71
CA ASN B 545 -27.35 16.75 19.30
C ASN B 545 -26.28 16.31 18.28
N PRO B 546 -25.47 15.29 18.61
CA PRO B 546 -24.46 14.77 17.63
C PRO B 546 -25.03 14.59 16.21
N SER B 547 -24.34 15.11 15.19
CA SER B 547 -24.76 15.07 13.80
C SER B 547 -23.63 14.79 12.80
N GLY B 548 -22.39 14.65 13.30
CA GLY B 548 -21.26 14.29 12.48
C GLY B 548 -21.33 12.85 11.93
N LYS B 549 -20.66 12.64 10.77
CA LYS B 549 -20.44 11.32 10.10
C LYS B 549 -18.96 11.14 9.76
N LEU B 550 -18.53 9.88 9.74
CA LEU B 550 -17.10 9.60 9.48
C LEU B 550 -16.76 9.95 8.04
N SER B 551 -15.73 10.79 7.86
CA SER B 551 -15.20 11.08 6.53
C SER B 551 -14.01 10.18 6.18
N MET B 552 -13.71 9.21 7.05
CA MET B 552 -12.62 8.26 6.86
C MET B 552 -12.94 6.96 7.65
N SER B 553 -12.75 5.82 7.02
CA SER B 553 -13.08 4.52 7.65
C SER B 553 -12.21 4.21 8.89
N PHE B 554 -12.82 3.54 9.89
CA PHE B 554 -12.10 3.15 11.10
C PHE B 554 -11.84 1.67 10.94
N PRO B 555 -10.56 1.30 10.73
CA PRO B 555 -10.20 -0.10 10.47
C PRO B 555 -10.40 -1.06 11.65
N GLN B 556 -10.66 -2.31 11.32
CA GLN B 556 -10.71 -3.39 12.31
C GLN B 556 -9.39 -3.45 13.07
N THR B 557 -8.29 -3.25 12.34
CA THR B 557 -6.91 -3.39 12.91
C THR B 557 -5.94 -2.73 11.92
N THR B 558 -4.78 -2.35 12.38
CA THR B 558 -3.71 -1.73 11.52
C THR B 558 -3.46 -2.47 10.20
N GLY B 559 -3.47 -3.80 10.28
CA GLY B 559 -3.22 -4.62 9.10
C GLY B 559 -4.26 -4.61 8.01
N GLN B 560 -5.41 -4.01 8.28
CA GLN B 560 -6.51 -3.89 7.30
C GLN B 560 -6.28 -2.74 6.31
N ILE B 561 -5.32 -1.89 6.62
CA ILE B 561 -5.10 -0.62 5.92
C ILE B 561 -4.43 -0.90 4.53
N PRO B 562 -4.88 -0.19 3.50
CA PRO B 562 -5.94 0.80 3.41
C PRO B 562 -7.28 0.15 3.26
N VAL B 563 -8.28 0.65 3.97
CA VAL B 563 -9.65 0.16 3.84
C VAL B 563 -10.47 1.40 3.62
N TYR B 564 -11.41 1.37 2.70
CA TYR B 564 -12.10 2.61 2.28
C TYR B 564 -13.34 2.23 1.52
N TYR B 565 -14.39 3.08 1.61
CA TYR B 565 -15.73 2.68 1.13
C TYR B 565 -15.79 2.49 -0.39
N ASN B 566 -15.07 3.32 -1.15
CA ASN B 566 -15.17 3.31 -2.64
C ASN B 566 -14.14 2.37 -3.26
N HIS B 567 -14.27 1.09 -2.90
CA HIS B 567 -13.36 0.06 -3.29
C HIS B 567 -13.84 -0.74 -4.47
N LEU B 568 -12.93 -1.39 -5.16
CA LEU B 568 -13.27 -2.22 -6.30
C LEU B 568 -13.86 -3.57 -5.81
N ARG B 569 -14.60 -4.21 -6.71
CA ARG B 569 -15.32 -5.43 -6.33
C ARG B 569 -14.40 -6.64 -6.22
N THR B 570 -13.35 -6.66 -7.05
CA THR B 570 -12.59 -7.90 -7.29
C THR B 570 -13.39 -8.92 -8.09
N GLY B 571 -12.65 -9.92 -8.56
CA GLY B 571 -13.18 -11.07 -9.31
C GLY B 571 -13.80 -12.11 -8.45
N ARG B 572 -13.58 -12.01 -7.12
CA ARG B 572 -14.17 -12.97 -6.19
C ARG B 572 -14.70 -12.33 -4.93
N PRO B 573 -15.73 -11.46 -5.05
CA PRO B 573 -16.24 -10.82 -3.86
C PRO B 573 -16.91 -11.76 -2.87
N GLN B 574 -16.81 -11.38 -1.61
CA GLN B 574 -17.43 -12.14 -0.53
C GLN B 574 -18.86 -11.65 -0.63
N THR B 575 -19.80 -12.60 -0.70
CA THR B 575 -21.23 -12.32 -0.69
C THR B 575 -21.85 -12.92 0.58
N PRO B 576 -23.09 -12.49 0.89
CA PRO B 576 -23.81 -13.20 1.94
C PRO B 576 -24.02 -14.68 1.56
N GLU B 577 -24.17 -14.98 0.26
CA GLU B 577 -24.25 -16.37 -0.23
C GLU B 577 -22.98 -17.18 0.07
N ASN B 578 -21.84 -16.74 -0.47
CA ASN B 578 -20.58 -17.55 -0.44
C ASN B 578 -19.72 -17.40 0.83
N LYS B 579 -20.16 -16.59 1.79
CA LYS B 579 -19.43 -16.39 3.05
C LYS B 579 -19.13 -17.76 3.72
N GLY B 580 -17.97 -17.85 4.37
CA GLY B 580 -17.43 -19.14 4.86
C GLY B 580 -16.58 -19.95 3.90
N GLU B 581 -16.81 -19.80 2.59
CA GLU B 581 -15.98 -20.48 1.60
C GLU B 581 -14.56 -19.89 1.55
N ARG B 582 -13.59 -20.75 1.27
CA ARG B 582 -12.17 -20.39 1.34
C ARG B 582 -11.77 -19.43 0.21
N TYR B 583 -12.10 -19.81 -1.02
CA TYR B 583 -11.60 -19.15 -2.22
C TYR B 583 -12.41 -17.89 -2.65
N VAL B 584 -12.49 -16.93 -1.74
CA VAL B 584 -13.08 -15.65 -2.02
C VAL B 584 -12.21 -14.60 -1.35
N SER B 585 -12.34 -13.34 -1.74
CA SER B 585 -11.58 -12.26 -1.13
C SER B 585 -11.96 -11.95 0.34
N HIS B 586 -11.06 -12.36 1.26
CA HIS B 586 -11.29 -12.29 2.69
C HIS B 586 -10.00 -12.44 3.47
N TYR B 587 -10.03 -12.03 4.72
CA TYR B 587 -9.00 -12.35 5.64
C TYR B 587 -9.38 -13.56 6.52
N LEU B 588 -8.38 -14.35 6.91
CA LEU B 588 -8.59 -15.46 7.86
C LEU B 588 -8.91 -14.96 9.27
N ASP B 589 -8.50 -13.76 9.64
CA ASP B 589 -8.52 -13.32 11.02
C ASP B 589 -9.39 -12.11 11.33
N ILE B 590 -9.75 -11.30 10.33
CA ILE B 590 -10.70 -10.19 10.52
C ILE B 590 -11.76 -10.14 9.45
N PRO B 591 -12.91 -9.46 9.71
CA PRO B 591 -13.78 -9.08 8.62
C PRO B 591 -13.14 -8.11 7.58
N ASN B 592 -13.80 -8.05 6.43
CA ASN B 592 -13.44 -7.19 5.30
C ASN B 592 -13.88 -5.78 5.56
N GLU B 593 -15.04 -5.64 6.20
CA GLU B 593 -15.57 -4.31 6.46
C GLU B 593 -14.70 -3.59 7.50
N PRO B 594 -14.58 -2.26 7.40
CA PRO B 594 -13.96 -1.56 8.51
C PRO B 594 -14.86 -1.70 9.72
N PHE B 595 -14.34 -1.37 10.90
CA PHE B 595 -15.16 -1.34 12.12
C PHE B 595 -16.30 -0.32 12.07
N TYR B 596 -16.06 0.87 11.47
CA TYR B 596 -17.11 1.87 11.18
C TYR B 596 -16.85 2.38 9.76
N PRO B 597 -17.89 2.43 8.94
CA PRO B 597 -17.73 2.85 7.57
C PRO B 597 -17.89 4.35 7.34
N PHE B 598 -17.41 4.82 6.16
CA PHE B 598 -17.66 6.16 5.61
C PHE B 598 -19.16 6.52 5.69
N GLY B 599 -19.43 7.73 6.15
CA GLY B 599 -20.78 8.30 6.23
C GLY B 599 -21.58 7.93 7.49
N TYR B 600 -20.96 7.23 8.41
CA TYR B 600 -21.65 6.66 9.57
C TYR B 600 -21.55 7.55 10.77
N GLY B 601 -22.72 7.83 11.33
CA GLY B 601 -22.80 8.45 12.60
C GLY B 601 -24.18 8.37 13.15
N LYS B 602 -24.25 8.38 14.49
CA LYS B 602 -25.54 8.38 15.21
C LYS B 602 -26.09 9.76 15.59
N SER B 603 -27.32 9.77 16.06
CA SER B 603 -28.00 10.97 16.52
C SER B 603 -28.84 10.61 17.75
N TYR B 604 -29.16 11.60 18.56
CA TYR B 604 -30.25 11.37 19.54
C TYR B 604 -31.68 11.42 18.88
N SER B 605 -31.80 11.84 17.62
CA SER B 605 -33.11 11.83 16.92
C SER B 605 -33.24 10.55 16.13
N GLU B 606 -34.40 10.33 15.52
CA GLU B 606 -34.60 9.24 14.61
C GLU B 606 -35.21 9.90 13.39
N PHE B 607 -34.90 9.36 12.22
CA PHE B 607 -35.19 9.99 10.94
C PHE B 607 -35.74 8.96 9.97
N GLU B 608 -36.51 9.41 9.00
CA GLU B 608 -37.17 8.54 8.02
C GLU B 608 -36.99 9.18 6.65
N LEU B 609 -36.48 8.46 5.67
CA LEU B 609 -36.17 9.06 4.37
C LEU B 609 -36.97 8.35 3.28
N LYS B 610 -37.41 9.08 2.26
CA LYS B 610 -38.01 8.39 1.12
C LYS B 610 -37.73 9.19 -0.12
N THR B 611 -37.34 8.46 -1.15
CA THR B 611 -36.84 9.01 -2.40
C THR B 611 -37.96 9.02 -3.38
N SER B 612 -38.18 10.14 -4.03
CA SER B 612 -39.27 10.18 -5.02
C SER B 612 -38.91 9.37 -6.24
N SER B 613 -39.98 8.96 -6.90
CA SER B 613 -39.93 8.20 -8.11
C SER B 613 -38.83 8.66 -9.05
N LEU B 614 -37.99 7.73 -9.47
CA LEU B 614 -36.86 8.08 -10.35
C LEU B 614 -37.08 7.50 -11.73
N PRO B 615 -36.61 8.17 -12.81
CA PRO B 615 -36.66 7.59 -14.16
C PRO B 615 -35.93 6.23 -14.26
N LYS B 616 -36.45 5.30 -15.04
CA LYS B 616 -35.80 3.98 -15.28
C LYS B 616 -34.65 4.07 -16.26
N GLU B 617 -34.72 5.09 -17.12
CA GLU B 617 -33.78 5.36 -18.19
C GLU B 617 -33.38 6.81 -18.28
N LEU B 618 -32.25 7.04 -18.93
CA LEU B 618 -31.68 8.36 -19.10
C LEU B 618 -30.90 8.34 -20.40
N ASN B 619 -30.86 9.48 -21.07
CA ASN B 619 -29.96 9.64 -22.22
C ASN B 619 -28.57 9.98 -21.72
N LEU B 620 -27.56 9.66 -22.51
CA LEU B 620 -26.23 10.18 -22.21
C LEU B 620 -26.30 11.69 -22.13
N GLY B 621 -25.45 12.30 -21.28
CA GLY B 621 -25.44 13.76 -21.15
C GLY B 621 -26.55 14.27 -20.25
N GLU B 622 -27.50 13.43 -19.90
CA GLU B 622 -28.67 13.89 -19.20
C GLU B 622 -28.42 13.81 -17.66
N SER B 623 -28.95 14.79 -16.93
CA SER B 623 -28.89 14.80 -15.48
C SER B 623 -29.90 13.87 -14.84
N LEU B 624 -29.56 13.31 -13.67
CA LEU B 624 -30.54 12.65 -12.83
C LEU B 624 -30.86 13.58 -11.67
N HIS B 625 -32.15 13.82 -11.48
CA HIS B 625 -32.59 14.68 -10.42
C HIS B 625 -33.14 13.77 -9.34
N VAL B 626 -32.64 13.90 -8.11
CA VAL B 626 -33.01 12.97 -7.04
C VAL B 626 -33.74 13.77 -6.00
N GLU B 627 -34.99 13.40 -5.71
CA GLU B 627 -35.77 14.07 -4.67
C GLU B 627 -35.95 13.23 -3.42
N VAL B 628 -35.54 13.78 -2.28
CA VAL B 628 -35.61 13.05 -1.03
C VAL B 628 -36.47 13.82 -0.02
N THR B 629 -37.38 13.08 0.57
CA THR B 629 -38.23 13.62 1.57
C THR B 629 -37.77 13.01 2.86
N ILE B 630 -37.39 13.85 3.83
CA ILE B 630 -36.92 13.38 5.15
C ILE B 630 -37.77 13.94 6.29
N LYS B 631 -38.18 13.06 7.22
CA LYS B 631 -38.92 13.47 8.46
C LYS B 631 -38.13 13.09 9.70
N ASN B 632 -38.10 13.99 10.69
CA ASN B 632 -37.69 13.62 12.05
C ASN B 632 -38.89 13.11 12.84
N ILE B 633 -38.87 11.81 13.19
CA ILE B 633 -40.02 11.10 13.80
C ILE B 633 -39.78 10.92 15.31
N SER B 634 -38.95 11.76 15.88
CA SER B 634 -38.64 11.71 17.29
C SER B 634 -39.13 13.02 17.95
N ASP B 635 -38.95 13.14 19.24
CA ASP B 635 -39.26 14.36 19.97
C ASP B 635 -38.10 15.32 20.07
N ILE B 636 -37.00 14.93 19.43
CA ILE B 636 -35.72 15.57 19.61
C ILE B 636 -35.31 16.26 18.31
N ALA B 637 -34.96 17.55 18.35
CA ALA B 637 -34.53 18.24 17.14
C ALA B 637 -33.08 17.79 16.87
N GLY B 638 -32.77 17.58 15.58
CA GLY B 638 -31.45 17.17 15.16
C GLY B 638 -31.20 17.36 13.68
N LYS B 639 -29.98 17.02 13.27
CA LYS B 639 -29.59 17.02 11.88
C LYS B 639 -29.15 15.65 11.43
N GLU B 640 -29.48 15.38 10.16
CA GLU B 640 -29.12 14.16 9.47
C GLU B 640 -28.41 14.59 8.22
N VAL B 641 -27.45 13.79 7.77
CA VAL B 641 -26.74 14.03 6.52
C VAL B 641 -27.23 13.06 5.46
N ILE B 642 -28.03 13.57 4.54
CA ILE B 642 -28.49 12.74 3.39
C ILE B 642 -27.33 12.49 2.39
N GLN B 643 -27.13 11.25 1.95
CA GLN B 643 -25.99 10.98 1.07
C GLN B 643 -26.52 10.23 -0.10
N VAL B 644 -26.05 10.61 -1.30
CA VAL B 644 -26.41 9.94 -2.51
C VAL B 644 -25.12 9.39 -3.13
N TYR B 645 -25.15 8.10 -3.45
CA TYR B 645 -24.02 7.45 -4.11
C TYR B 645 -24.44 6.96 -5.50
N LEU B 646 -23.44 6.85 -6.37
CA LEU B 646 -23.60 6.19 -7.66
C LEU B 646 -22.60 5.02 -7.84
N GLN B 647 -23.08 3.92 -8.46
CA GLN B 647 -22.22 2.85 -8.92
C GLN B 647 -22.43 2.65 -10.43
N ASP B 648 -21.32 2.41 -11.12
CA ASP B 648 -21.29 2.04 -12.52
C ASP B 648 -21.05 0.55 -12.58
N VAL B 649 -22.11 -0.22 -12.86
CA VAL B 649 -22.15 -1.69 -12.68
C VAL B 649 -21.14 -2.39 -13.58
N THR B 650 -21.07 -1.95 -14.84
CA THR B 650 -20.14 -2.52 -15.81
C THR B 650 -19.42 -1.40 -16.57
N ALA B 651 -18.10 -1.41 -16.63
CA ALA B 651 -17.41 -0.38 -17.38
C ALA B 651 -16.15 -0.94 -18.03
N SER B 652 -15.54 -0.14 -18.91
CA SER B 652 -14.27 -0.53 -19.53
C SER B 652 -13.11 -0.54 -18.51
N ILE B 653 -13.33 0.02 -17.30
CA ILE B 653 -12.38 -0.01 -16.14
C ILE B 653 -13.23 -0.56 -15.00
N SER B 654 -12.63 -1.38 -14.12
CA SER B 654 -13.35 -1.90 -12.91
C SER B 654 -13.66 -0.69 -12.04
N ARG B 655 -14.94 -0.40 -11.80
CA ARG B 655 -15.32 0.86 -11.08
C ARG B 655 -15.69 0.63 -9.59
N PRO B 656 -15.55 1.64 -8.77
CA PRO B 656 -15.91 1.37 -7.36
C PRO B 656 -17.38 1.00 -7.15
N VAL B 657 -17.60 0.24 -6.09
CA VAL B 657 -18.91 -0.31 -5.76
C VAL B 657 -19.88 0.80 -5.38
N LYS B 658 -19.34 1.94 -4.92
CA LYS B 658 -20.05 3.19 -4.65
C LYS B 658 -19.12 4.39 -4.72
N GLU B 659 -19.68 5.56 -5.03
CA GLU B 659 -18.97 6.84 -4.93
C GLU B 659 -19.96 7.90 -4.49
N LEU B 660 -19.58 8.69 -3.50
CA LEU B 660 -20.41 9.84 -3.06
C LEU B 660 -20.48 10.90 -4.18
N LYS B 661 -21.71 11.31 -4.49
CA LYS B 661 -21.92 12.31 -5.53
C LYS B 661 -22.78 13.49 -5.08
N ALA B 662 -23.47 13.35 -3.95
CA ALA B 662 -24.14 14.48 -3.37
C ALA B 662 -24.34 14.28 -1.88
N PHE B 663 -24.44 15.38 -1.14
CA PHE B 663 -24.78 15.31 0.27
C PHE B 663 -25.35 16.65 0.71
N GLU B 664 -26.20 16.58 1.74
CA GLU B 664 -26.75 17.78 2.36
C GLU B 664 -27.12 17.42 3.75
N LYS B 665 -26.69 18.27 4.66
CA LYS B 665 -26.99 18.16 6.06
C LYS B 665 -28.32 18.91 6.27
N VAL B 666 -29.34 18.21 6.79
CA VAL B 666 -30.70 18.77 6.97
C VAL B 666 -31.06 18.92 8.47
N ALA B 667 -31.50 20.13 8.89
CA ALA B 667 -31.99 20.38 10.25
C ALA B 667 -33.53 20.21 10.34
N LEU B 668 -33.95 19.38 11.31
CA LEU B 668 -35.35 19.13 11.52
C LEU B 668 -35.73 19.21 13.03
N GLN B 669 -36.77 20.01 13.32
CA GLN B 669 -37.45 20.02 14.61
C GLN B 669 -38.18 18.71 14.79
N ALA B 670 -38.60 18.39 16.02
CA ALA B 670 -39.29 17.12 16.23
C ALA B 670 -40.51 17.04 15.34
N GLY B 671 -40.74 15.93 14.67
CA GLY B 671 -41.87 15.87 13.76
C GLY B 671 -41.76 16.68 12.47
N GLU B 672 -40.74 17.55 12.33
CA GLU B 672 -40.60 18.33 11.07
C GLU B 672 -40.21 17.45 9.88
N GLU B 673 -40.70 17.87 8.72
CA GLU B 673 -40.43 17.25 7.46
C GLU B 673 -39.88 18.27 6.48
N LYS B 674 -38.93 17.82 5.65
CA LYS B 674 -38.39 18.60 4.54
C LYS B 674 -38.19 17.75 3.31
N THR B 675 -38.02 18.45 2.19
CA THR B 675 -37.74 17.84 0.90
C THR B 675 -36.54 18.55 0.40
N VAL B 676 -35.51 17.77 0.04
CA VAL B 676 -34.29 18.27 -0.61
C VAL B 676 -34.17 17.56 -1.97
N THR B 677 -33.64 18.26 -2.95
CA THR B 677 -33.48 17.71 -4.31
C THR B 677 -32.03 17.83 -4.76
N PHE B 678 -31.52 16.83 -5.45
CA PHE B 678 -30.09 16.78 -5.83
C PHE B 678 -30.02 16.65 -7.39
N GLU B 679 -29.09 17.32 -8.04
CA GLU B 679 -28.80 17.02 -9.45
C GLU B 679 -27.49 16.25 -9.67
N LEU B 680 -27.57 15.03 -10.15
CA LEU B 680 -26.37 14.32 -10.52
C LEU B 680 -26.21 14.58 -11.99
N THR B 681 -25.31 15.50 -12.36
CA THR B 681 -25.01 15.73 -13.78
C THR B 681 -24.35 14.51 -14.41
N SER B 682 -24.28 14.52 -15.76
CA SER B 682 -23.58 13.46 -16.51
C SER B 682 -22.11 13.33 -16.12
N GLU B 683 -21.51 14.41 -15.56
CA GLU B 683 -20.15 14.34 -14.98
C GLU B 683 -20.10 13.32 -13.82
N ALA B 684 -21.16 13.25 -12.99
CA ALA B 684 -21.21 12.25 -11.90
C ALA B 684 -21.19 10.77 -12.40
N PHE B 685 -21.68 10.52 -13.61
CA PHE B 685 -21.70 9.17 -14.24
C PHE B 685 -20.40 8.88 -15.01
N SER B 686 -19.53 9.88 -15.11
CA SER B 686 -18.36 9.75 -15.98
C SER B 686 -17.12 9.37 -15.20
N PHE B 687 -16.08 8.94 -15.91
CA PHE B 687 -14.87 8.50 -15.29
C PHE B 687 -13.74 8.49 -16.33
N TYR B 688 -12.51 8.32 -15.85
CA TYR B 688 -11.34 8.21 -16.72
C TYR B 688 -11.06 6.81 -17.20
N ASN B 689 -10.92 6.68 -18.52
CA ASN B 689 -10.76 5.35 -19.15
C ASN B 689 -9.30 5.03 -19.33
N HIS B 690 -8.98 3.87 -19.93
CA HIS B 690 -7.55 3.44 -20.00
C HIS B 690 -6.66 4.35 -20.86
N GLN B 691 -7.20 5.10 -21.82
CA GLN B 691 -6.44 6.13 -22.56
C GLN B 691 -6.45 7.48 -21.88
N LEU B 692 -6.82 7.55 -20.61
CA LEU B 692 -6.97 8.85 -19.89
C LEU B 692 -8.04 9.84 -20.41
N GLU B 693 -9.01 9.31 -21.15
CA GLU B 693 -10.12 10.15 -21.58
C GLU B 693 -11.19 10.19 -20.52
N LYS B 694 -11.80 11.35 -20.33
CA LYS B 694 -12.94 11.48 -19.41
C LYS B 694 -14.17 11.15 -20.23
N VAL B 695 -14.90 10.12 -19.81
CA VAL B 695 -15.90 9.45 -20.66
C VAL B 695 -17.19 9.14 -19.91
N GLN B 696 -18.31 9.14 -20.61
CA GLN B 696 -19.51 8.51 -20.14
C GLN B 696 -19.84 7.34 -21.09
N GLU B 697 -20.07 6.17 -20.53
CA GLU B 697 -20.45 4.99 -21.32
C GLU B 697 -21.90 4.62 -21.01
N PRO B 698 -22.62 4.13 -22.03
CA PRO B 698 -23.96 3.71 -21.75
C PRO B 698 -23.94 2.42 -20.91
N GLY B 699 -25.05 2.21 -20.22
CA GLY B 699 -25.20 1.05 -19.30
C GLY B 699 -25.89 1.33 -17.99
N LEU B 700 -25.79 0.34 -17.07
CA LEU B 700 -26.58 0.39 -15.84
C LEU B 700 -25.80 1.09 -14.78
N HIS B 701 -26.47 2.00 -14.07
CA HIS B 701 -25.95 2.52 -12.83
C HIS B 701 -26.92 2.16 -11.69
N ARG B 702 -26.34 2.05 -10.49
CA ARG B 702 -27.11 2.04 -9.28
C ARG B 702 -26.99 3.36 -8.56
N VAL B 703 -28.11 3.80 -8.02
CA VAL B 703 -28.22 4.99 -7.19
C VAL B 703 -28.61 4.60 -5.78
N PHE B 704 -27.84 5.03 -4.80
CA PHE B 704 -28.08 4.69 -3.40
C PHE B 704 -28.45 5.95 -2.67
N VAL B 705 -29.55 5.93 -1.91
CA VAL B 705 -29.86 7.08 -1.11
C VAL B 705 -29.94 6.66 0.34
N GLY B 706 -29.30 7.41 1.24
CA GLY B 706 -29.44 7.08 2.69
C GLY B 706 -28.62 7.96 3.60
N THR B 707 -28.17 7.41 4.74
CA THR B 707 -27.55 8.20 5.81
C THR B 707 -26.17 7.67 6.28
N SER B 708 -25.65 6.72 5.52
CA SER B 708 -24.24 6.33 5.48
C SER B 708 -23.97 5.59 4.15
N SER B 709 -22.72 5.20 3.94
CA SER B 709 -22.37 4.36 2.78
C SER B 709 -22.99 2.96 2.87
N GLU B 710 -23.49 2.58 4.03
CA GLU B 710 -24.05 1.24 4.22
C GLU B 710 -25.58 1.24 4.47
N ASP B 711 -26.12 2.33 4.98
CA ASP B 711 -27.57 2.46 5.29
C ASP B 711 -28.25 3.26 4.17
N VAL B 712 -28.67 2.55 3.12
CA VAL B 712 -29.17 3.18 1.91
C VAL B 712 -30.26 2.34 1.25
N ASP B 713 -31.06 2.98 0.43
CA ASP B 713 -31.97 2.28 -0.47
C ASP B 713 -31.35 2.33 -1.84
N VAL B 714 -31.64 1.33 -2.67
CA VAL B 714 -30.97 1.23 -3.98
C VAL B 714 -31.90 1.22 -5.23
N PHE B 715 -31.57 2.03 -6.23
CA PHE B 715 -32.38 2.17 -7.44
C PHE B 715 -31.48 1.96 -8.62
N GLU B 716 -32.07 1.55 -9.75
CA GLU B 716 -31.34 1.27 -10.98
C GLU B 716 -31.83 2.18 -12.10
N VAL B 717 -30.88 2.67 -12.89
CA VAL B 717 -31.10 3.55 -14.03
C VAL B 717 -30.22 3.11 -15.17
N GLU B 718 -30.83 2.94 -16.34
CA GLU B 718 -30.16 2.46 -17.53
C GLU B 718 -29.95 3.67 -18.43
N VAL B 719 -28.67 4.05 -18.56
CA VAL B 719 -28.26 5.13 -19.48
C VAL B 719 -27.96 4.55 -20.86
N GLY B 720 -28.51 5.18 -21.89
CA GLY B 720 -28.17 4.86 -23.28
C GLY B 720 -28.71 5.86 -24.24
N GLY B 721 -28.99 5.46 -25.48
CA GLY B 721 -29.65 6.37 -26.45
C GLY B 721 -28.67 7.37 -27.03
N TYR B 722 -29.10 8.61 -27.10
CA TYR B 722 -28.36 9.72 -27.75
C TYR B 722 -27.75 10.59 -26.72
N VAL B 723 -26.98 11.58 -27.16
CA VAL B 723 -26.34 12.49 -26.22
C VAL B 723 -26.98 13.84 -26.19
N LEU B 724 -27.31 14.37 -25.02
CA LEU B 724 -27.54 15.83 -24.90
C LEU B 724 -26.26 16.63 -25.12
#